data_9Q0D
#
_entry.id   9Q0D
#
_cell.length_a   1.00
_cell.length_b   1.00
_cell.length_c   1.00
_cell.angle_alpha   90.00
_cell.angle_beta   90.00
_cell.angle_gamma   90.00
#
_symmetry.space_group_name_H-M   'P 1'
#
loop_
_entity.id
_entity.type
_entity.pdbx_description
1 polymer 'methylmalonate-semialdehyde dehydrogenase (CoA acylating)'
2 non-polymer NICOTINAMIDE-ADENINE-DINUCLEOTIDE
3 water water
#
_entity_poly.entity_id   1
_entity_poly.type   'polypeptide(L)'
_entity_poly.pdbx_seq_one_letter_code
;MAHHHHHHMTTVPAYTSDADVGHYLDGAPVAGRSGRFQDVFNPALGRAVRRVALAGNDEVERAVASARAAFPAWADTPPI
RRARVLHRFLQLMNEHRDTLAAIITAEHGKVFSDAQGEVARGIDIIEFACGVPQLLKGDFTDQVSTGIDNWTMRQPLGVV
AGITPFNFPCMVPCWMFPVALATGNTFVLKPSERDPSAALFIADLLTQAGLPAGVFNVVQGDKGAVDALLDHPDVQAVSF
VGSTPIAAYVQQRAVQSGKRVQALGGAKNHLVVMPDANIDQAVDALIGAAYGSAGERCMAISIAVLVGDVADKIVPAVAE
RARKLVIGDGMSPEVEMGPIVTGEALKRIEGYIEQGVNEGAQLVVDGRGLRVPGREAGFFTGGTLFDHVKPDMRIYKEEI
FGPVLGCVRVKDFGEAVDLINAHEFGNGVSCFTSDGGIAREFARRIQVGMVGINVPIPVPMAWHGFGGWKKSLFGDMHAY
GEEGVRFYTRQKSVMQRWSSSIGKGAEFAMPTAK
;
_entity_poly.pdbx_strand_id   A,B,C,D
#
loop_
_chem_comp.id
_chem_comp.type
_chem_comp.name
_chem_comp.formula
NAD non-polymer NICOTINAMIDE-ADENINE-DINUCLEOTIDE 'C21 H27 N7 O14 P2'
#
# COMPACT_ATOMS: atom_id res chain seq x y z
N VAL A 12 -26.25 35.66 -10.15
CA VAL A 12 -27.01 34.51 -10.61
C VAL A 12 -28.47 34.64 -10.19
N PRO A 13 -29.38 34.59 -11.16
CA PRO A 13 -30.80 34.74 -10.84
C PRO A 13 -31.36 33.50 -10.15
N ALA A 14 -32.47 33.70 -9.45
CA ALA A 14 -33.16 32.60 -8.80
C ALA A 14 -33.73 31.63 -9.83
N TYR A 15 -33.76 30.35 -9.46
CA TYR A 15 -34.19 29.31 -10.39
C TYR A 15 -35.72 29.21 -10.39
N THR A 16 -36.31 29.30 -11.58
CA THR A 16 -37.74 29.13 -11.77
C THR A 16 -37.99 28.24 -12.97
N SER A 17 -38.95 27.33 -12.84
CA SER A 17 -39.32 26.42 -13.91
C SER A 17 -40.63 25.73 -13.52
N ASP A 18 -41.46 25.47 -14.53
CA ASP A 18 -42.76 24.85 -14.29
C ASP A 18 -42.96 23.56 -15.08
N ALA A 19 -41.97 23.10 -15.83
CA ALA A 19 -42.11 21.87 -16.59
C ALA A 19 -42.07 20.66 -15.67
N ASP A 20 -42.69 19.56 -16.11
CA ASP A 20 -42.66 18.32 -15.37
C ASP A 20 -41.25 17.73 -15.36
N VAL A 21 -40.89 17.10 -14.24
CA VAL A 21 -39.58 16.48 -14.07
C VAL A 21 -39.71 15.00 -14.41
N GLY A 22 -38.97 14.56 -15.43
CA GLY A 22 -39.02 13.20 -15.90
C GLY A 22 -37.80 12.39 -15.53
N HIS A 23 -37.57 11.33 -16.31
CA HIS A 23 -36.46 10.41 -16.09
C HIS A 23 -35.37 10.67 -17.13
N TYR A 24 -34.26 9.94 -17.01
CA TYR A 24 -33.15 10.04 -17.94
C TYR A 24 -32.81 8.65 -18.46
N LEU A 25 -32.77 8.50 -19.78
CA LEU A 25 -32.51 7.21 -20.40
C LEU A 25 -31.74 7.40 -21.70
N ASP A 26 -30.76 6.54 -21.94
CA ASP A 26 -30.02 6.50 -23.20
C ASP A 26 -29.43 7.86 -23.55
N GLY A 27 -28.97 8.58 -22.53
CA GLY A 27 -28.39 9.90 -22.76
C GLY A 27 -29.38 10.96 -23.19
N ALA A 28 -30.63 10.87 -22.76
CA ALA A 28 -31.63 11.88 -23.10
C ALA A 28 -32.72 11.87 -22.05
N PRO A 29 -33.31 13.03 -21.75
CA PRO A 29 -34.49 13.06 -20.88
C PRO A 29 -35.69 12.40 -21.54
N VAL A 30 -36.53 11.78 -20.71
CA VAL A 30 -37.75 11.12 -21.16
C VAL A 30 -38.88 11.46 -20.20
N ALA A 31 -40.05 11.73 -20.74
CA ALA A 31 -41.22 12.04 -19.92
C ALA A 31 -41.79 10.78 -19.30
N GLY A 32 -42.44 10.94 -18.15
CA GLY A 32 -43.04 9.80 -17.48
C GLY A 32 -44.20 9.22 -18.25
N ARG A 33 -44.44 7.93 -18.02
CA ARG A 33 -45.50 7.21 -18.72
C ARG A 33 -46.47 6.48 -17.78
N SER A 34 -46.23 6.51 -16.47
CA SER A 34 -47.12 5.82 -15.54
C SER A 34 -48.42 6.57 -15.31
N GLY A 35 -48.37 7.91 -15.36
CA GLY A 35 -49.54 8.72 -15.08
C GLY A 35 -49.65 9.20 -13.64
N ARG A 36 -48.70 8.85 -12.78
CA ARG A 36 -48.71 9.28 -11.39
C ARG A 36 -47.66 10.35 -11.17
N PHE A 37 -48.03 11.43 -10.49
CA PHE A 37 -47.15 12.56 -10.25
C PHE A 37 -47.21 12.96 -8.79
N GLN A 38 -46.18 13.68 -8.36
CA GLN A 38 -46.11 14.23 -7.01
C GLN A 38 -45.65 15.67 -7.08
N ASP A 39 -46.28 16.54 -6.28
CA ASP A 39 -45.95 17.96 -6.30
C ASP A 39 -44.60 18.22 -5.63
N VAL A 40 -43.90 19.23 -6.14
CA VAL A 40 -42.62 19.68 -5.60
C VAL A 40 -42.79 21.09 -5.10
N PHE A 41 -42.43 21.32 -3.84
CA PHE A 41 -42.69 22.59 -3.18
C PHE A 41 -41.46 23.49 -3.21
N ASN A 42 -41.72 24.80 -3.15
CA ASN A 42 -40.70 25.77 -2.81
C ASN A 42 -40.86 26.05 -1.33
N PRO A 43 -39.93 25.62 -0.47
CA PRO A 43 -40.15 25.76 0.97
C PRO A 43 -40.24 27.21 1.44
N ALA A 44 -39.54 28.15 0.78
CA ALA A 44 -39.60 29.54 1.19
C ALA A 44 -40.95 30.18 0.87
N LEU A 45 -41.67 29.66 -0.12
CA LEU A 45 -42.99 30.17 -0.48
C LEU A 45 -44.13 29.36 0.12
N GLY A 46 -43.91 28.10 0.44
CA GLY A 46 -44.94 27.26 1.03
C GLY A 46 -45.95 26.72 0.05
N ARG A 47 -45.68 26.76 -1.25
CA ARG A 47 -46.61 26.27 -2.26
C ARG A 47 -45.86 25.45 -3.30
N ALA A 48 -46.60 24.57 -3.96
CA ALA A 48 -46.02 23.74 -5.02
C ALA A 48 -45.75 24.56 -6.27
N VAL A 49 -44.68 24.19 -6.98
CA VAL A 49 -44.27 24.91 -8.18
C VAL A 49 -44.13 24.01 -9.40
N ARG A 50 -44.01 22.70 -9.23
CA ARG A 50 -43.86 21.78 -10.36
C ARG A 50 -44.25 20.38 -9.91
N ARG A 51 -44.12 19.43 -10.83
CA ARG A 51 -44.45 18.03 -10.55
C ARG A 51 -43.27 17.14 -10.92
N VAL A 52 -43.22 15.97 -10.31
CA VAL A 52 -42.25 14.94 -10.64
C VAL A 52 -43.00 13.63 -10.88
N ALA A 53 -42.63 12.93 -11.95
CA ALA A 53 -43.26 11.66 -12.28
C ALA A 53 -42.72 10.54 -11.39
N LEU A 54 -43.57 9.56 -11.13
CA LEU A 54 -43.22 8.40 -10.31
C LEU A 54 -43.17 7.17 -11.21
N ALA A 55 -41.97 6.66 -11.45
CA ALA A 55 -41.78 5.59 -12.42
C ALA A 55 -42.42 4.28 -11.95
N GLY A 56 -42.94 3.53 -12.91
CA GLY A 56 -43.45 2.19 -12.66
C GLY A 56 -42.38 1.13 -12.81
N ASN A 57 -42.83 -0.13 -12.78
CA ASN A 57 -41.91 -1.25 -12.91
C ASN A 57 -41.30 -1.32 -14.31
N ASP A 58 -42.09 -1.00 -15.34
CA ASP A 58 -41.62 -1.10 -16.71
C ASP A 58 -40.49 -0.11 -16.99
N GLU A 59 -40.60 1.11 -16.46
CA GLU A 59 -39.55 2.10 -16.69
C GLU A 59 -38.26 1.74 -15.95
N VAL A 60 -38.39 1.19 -14.75
CA VAL A 60 -37.21 0.69 -14.04
C VAL A 60 -36.55 -0.44 -14.82
N GLU A 61 -37.35 -1.36 -15.35
CA GLU A 61 -36.79 -2.45 -16.15
C GLU A 61 -36.11 -1.92 -17.39
N ARG A 62 -36.69 -0.90 -18.03
CA ARG A 62 -36.07 -0.31 -19.21
C ARG A 62 -34.71 0.31 -18.86
N ALA A 63 -34.63 1.03 -17.74
CA ALA A 63 -33.36 1.62 -17.33
C ALA A 63 -32.32 0.55 -17.03
N VAL A 64 -32.72 -0.52 -16.34
CA VAL A 64 -31.79 -1.59 -16.02
C VAL A 64 -31.30 -2.28 -17.29
N ALA A 65 -32.21 -2.51 -18.25
CA ALA A 65 -31.81 -3.13 -19.51
C ALA A 65 -30.83 -2.26 -20.28
N SER A 66 -31.07 -0.95 -20.30
CA SER A 66 -30.14 -0.04 -20.97
C SER A 66 -28.75 -0.08 -20.32
N ALA A 67 -28.72 -0.07 -18.99
CA ALA A 67 -27.43 -0.14 -18.29
C ALA A 67 -26.71 -1.45 -18.56
N ARG A 68 -27.45 -2.57 -18.56
CA ARG A 68 -26.83 -3.86 -18.82
C ARG A 68 -26.30 -3.95 -20.24
N ALA A 69 -27.04 -3.38 -21.20
CA ALA A 69 -26.55 -3.36 -22.58
C ALA A 69 -25.28 -2.53 -22.69
N ALA A 70 -25.19 -1.42 -21.97
CA ALA A 70 -24.01 -0.56 -22.06
C ALA A 70 -22.82 -1.08 -21.27
N PHE A 71 -23.02 -2.00 -20.32
CA PHE A 71 -21.95 -2.40 -19.42
C PHE A 71 -20.70 -2.97 -20.10
N PRO A 72 -20.79 -3.95 -21.02
CA PRO A 72 -19.54 -4.61 -21.48
C PRO A 72 -18.55 -3.68 -22.16
N ALA A 73 -19.02 -2.80 -23.05
CA ALA A 73 -18.10 -1.90 -23.74
C ALA A 73 -17.43 -0.93 -22.77
N TRP A 74 -18.19 -0.43 -21.79
CA TRP A 74 -17.62 0.47 -20.79
C TRP A 74 -16.61 -0.25 -19.91
N ALA A 75 -16.88 -1.52 -19.59
CA ALA A 75 -15.94 -2.29 -18.79
C ALA A 75 -14.66 -2.60 -19.57
N ASP A 76 -14.75 -2.81 -20.87
CA ASP A 76 -13.57 -3.07 -21.69
C ASP A 76 -12.73 -1.82 -21.93
N THR A 77 -13.24 -0.64 -21.62
CA THR A 77 -12.48 0.58 -21.82
C THR A 77 -11.32 0.66 -20.82
N PRO A 78 -10.13 1.05 -21.26
CA PRO A 78 -9.03 1.20 -20.32
C PRO A 78 -9.35 2.24 -19.26
N PRO A 79 -8.88 2.04 -18.02
CA PRO A 79 -9.22 2.98 -16.94
C PRO A 79 -8.78 4.42 -17.19
N ILE A 80 -7.70 4.66 -17.94
CA ILE A 80 -7.24 6.02 -18.16
C ILE A 80 -8.24 6.81 -19.01
N ARG A 81 -8.90 6.17 -19.98
CA ARG A 81 -9.89 6.88 -20.78
C ARG A 81 -11.14 7.20 -19.97
N ARG A 82 -11.55 6.29 -19.08
CA ARG A 82 -12.64 6.58 -18.17
C ARG A 82 -12.29 7.75 -17.25
N ALA A 83 -11.04 7.78 -16.77
CA ALA A 83 -10.59 8.89 -15.95
C ALA A 83 -10.61 10.20 -16.72
N ARG A 84 -10.28 10.17 -18.02
CA ARG A 84 -10.33 11.39 -18.82
C ARG A 84 -11.77 11.87 -19.02
N VAL A 85 -12.71 10.93 -19.18
CA VAL A 85 -14.12 11.32 -19.22
C VAL A 85 -14.53 12.01 -17.92
N LEU A 86 -14.11 11.43 -16.78
CA LEU A 86 -14.42 12.06 -15.49
C LEU A 86 -13.74 13.42 -15.36
N HIS A 87 -12.56 13.59 -15.96
CA HIS A 87 -11.86 14.87 -15.92
C HIS A 87 -12.64 15.95 -16.68
N ARG A 88 -13.16 15.61 -17.86
CA ARG A 88 -14.01 16.54 -18.59
C ARG A 88 -15.27 16.87 -17.79
N PHE A 89 -15.86 15.86 -17.13
CA PHE A 89 -17.02 16.11 -16.30
C PHE A 89 -16.69 17.06 -15.15
N LEU A 90 -15.50 16.91 -14.57
CA LEU A 90 -15.07 17.82 -13.50
C LEU A 90 -14.97 19.25 -14.00
N GLN A 91 -14.39 19.43 -15.19
CA GLN A 91 -14.32 20.77 -15.77
C GLN A 91 -15.71 21.36 -15.95
N LEU A 92 -16.63 20.57 -16.48
CA LEU A 92 -18.00 21.06 -16.68
C LEU A 92 -18.67 21.40 -15.35
N MET A 93 -18.46 20.58 -14.32
CA MET A 93 -19.05 20.85 -13.01
C MET A 93 -18.51 22.15 -12.42
N ASN A 94 -17.21 22.39 -12.57
CA ASN A 94 -16.66 23.67 -12.11
C ASN A 94 -17.22 24.83 -12.91
N GLU A 95 -17.57 24.61 -14.18
CA GLU A 95 -18.10 25.70 -14.99
C GLU A 95 -19.48 26.14 -14.53
N HIS A 96 -20.35 25.20 -14.16
CA HIS A 96 -21.76 25.48 -13.90
C HIS A 96 -22.15 25.28 -12.43
N ARG A 97 -21.29 25.67 -11.50
CA ARG A 97 -21.57 25.40 -10.09
C ARG A 97 -22.66 26.31 -9.54
N ASP A 98 -22.69 27.58 -9.96
CA ASP A 98 -23.68 28.52 -9.43
C ASP A 98 -25.10 28.15 -9.85
N THR A 99 -25.27 27.68 -11.09
CA THR A 99 -26.61 27.26 -11.53
C THR A 99 -27.12 26.09 -10.70
N LEU A 100 -26.27 25.10 -10.46
CA LEU A 100 -26.65 23.96 -9.64
C LEU A 100 -26.97 24.39 -8.22
N ALA A 101 -26.16 25.29 -7.67
CA ALA A 101 -26.41 25.80 -6.32
C ALA A 101 -27.75 26.53 -6.25
N ALA A 102 -28.07 27.32 -7.27
CA ALA A 102 -29.35 28.01 -7.30
C ALA A 102 -30.51 27.04 -7.38
N ILE A 103 -30.37 25.97 -8.17
CA ILE A 103 -31.41 24.95 -8.23
C ILE A 103 -31.62 24.30 -6.85
N ILE A 104 -30.51 23.97 -6.19
CA ILE A 104 -30.59 23.33 -4.88
C ILE A 104 -31.25 24.26 -3.87
N THR A 105 -30.88 25.55 -3.89
CA THR A 105 -31.51 26.50 -3.00
C THR A 105 -33.01 26.62 -3.28
N ALA A 106 -33.39 26.64 -4.56
CA ALA A 106 -34.81 26.77 -4.91
C ALA A 106 -35.62 25.58 -4.41
N GLU A 107 -35.08 24.37 -4.54
CA GLU A 107 -35.89 23.21 -4.17
C GLU A 107 -35.68 22.78 -2.71
N HIS A 108 -34.42 22.66 -2.26
CA HIS A 108 -34.16 22.22 -0.89
C HIS A 108 -34.51 23.30 0.12
N GLY A 109 -34.10 24.54 -0.16
CA GLY A 109 -34.36 25.66 0.73
C GLY A 109 -33.20 26.11 1.59
N LYS A 110 -32.01 25.54 1.40
CA LYS A 110 -30.86 25.96 2.18
C LYS A 110 -30.30 27.29 1.65
N VAL A 111 -29.37 27.86 2.41
CA VAL A 111 -28.72 29.11 2.01
C VAL A 111 -27.88 28.88 0.76
N PHE A 112 -27.72 29.94 -0.04
CA PHE A 112 -26.99 29.82 -1.31
C PHE A 112 -25.53 29.43 -1.09
N SER A 113 -24.88 30.03 -0.08
CA SER A 113 -23.50 29.67 0.22
C SER A 113 -23.37 28.22 0.68
N ASP A 114 -24.37 27.72 1.40
CA ASP A 114 -24.37 26.32 1.81
C ASP A 114 -24.45 25.39 0.60
N ALA A 115 -25.28 25.75 -0.38
CA ALA A 115 -25.37 24.97 -1.61
C ALA A 115 -24.06 25.00 -2.38
N GLN A 116 -23.40 26.17 -2.42
CA GLN A 116 -22.09 26.24 -3.05
C GLN A 116 -21.08 25.33 -2.36
N GLY A 117 -21.10 25.30 -1.02
CA GLY A 117 -20.24 24.39 -0.29
C GLY A 117 -20.53 22.93 -0.58
N GLU A 118 -21.81 22.59 -0.72
CA GLU A 118 -22.17 21.22 -1.06
C GLU A 118 -21.62 20.82 -2.44
N VAL A 119 -21.75 21.72 -3.41
CA VAL A 119 -21.23 21.45 -4.74
C VAL A 119 -19.71 21.28 -4.70
N ALA A 120 -19.02 22.12 -3.92
CA ALA A 120 -17.58 22.00 -3.79
C ALA A 120 -17.20 20.65 -3.17
N ARG A 121 -17.94 20.22 -2.15
CA ARG A 121 -17.64 18.93 -1.53
C ARG A 121 -17.85 17.76 -2.48
N GLY A 122 -18.86 17.84 -3.36
CA GLY A 122 -18.99 16.83 -4.39
C GLY A 122 -17.86 16.85 -5.41
N ILE A 123 -17.43 18.05 -5.78
CA ILE A 123 -16.31 18.20 -6.72
C ILE A 123 -15.03 17.59 -6.13
N ASP A 124 -14.87 17.64 -4.81
CA ASP A 124 -13.72 17.00 -4.18
C ASP A 124 -13.71 15.49 -4.43
N ILE A 125 -14.87 14.84 -4.29
CA ILE A 125 -14.95 13.41 -4.53
C ILE A 125 -14.67 13.10 -6.00
N ILE A 126 -15.16 13.95 -6.90
CA ILE A 126 -14.86 13.75 -8.32
C ILE A 126 -13.35 13.87 -8.57
N GLU A 127 -12.70 14.84 -7.92
CA GLU A 127 -11.26 14.99 -8.04
C GLU A 127 -10.52 13.74 -7.58
N PHE A 128 -10.95 13.16 -6.46
CA PHE A 128 -10.35 11.90 -6.01
C PHE A 128 -10.57 10.79 -7.02
N ALA A 129 -11.77 10.68 -7.56
CA ALA A 129 -12.09 9.60 -8.49
C ALA A 129 -11.32 9.72 -9.80
N CYS A 130 -10.85 10.92 -10.15
CA CYS A 130 -10.08 11.07 -11.38
C CYS A 130 -8.77 10.28 -11.35
N GLY A 131 -8.31 9.85 -10.19
CA GLY A 131 -7.05 9.12 -10.09
C GLY A 131 -7.21 7.63 -9.91
N VAL A 132 -8.15 7.02 -10.62
CA VAL A 132 -8.51 5.61 -10.47
C VAL A 132 -7.44 4.64 -11.00
N PRO A 133 -6.64 4.95 -12.03
CA PRO A 133 -5.63 3.96 -12.44
C PRO A 133 -4.65 3.60 -11.34
N GLN A 134 -4.28 4.57 -10.49
CA GLN A 134 -3.43 4.27 -9.34
C GLN A 134 -4.15 3.38 -8.34
N LEU A 135 -5.44 3.61 -8.13
CA LEU A 135 -6.19 2.89 -7.11
C LEU A 135 -6.47 1.44 -7.48
N LEU A 136 -6.44 1.11 -8.77
CA LEU A 136 -6.75 -0.23 -9.24
C LEU A 136 -5.51 -1.12 -9.35
N LYS A 137 -4.47 -0.84 -8.59
CA LYS A 137 -3.28 -1.68 -8.60
C LYS A 137 -3.55 -2.99 -7.86
N GLY A 138 -3.22 -4.11 -8.50
CA GLY A 138 -3.27 -5.40 -7.85
C GLY A 138 -1.93 -5.79 -7.26
N ASP A 139 -1.87 -7.00 -6.75
CA ASP A 139 -0.66 -7.54 -6.13
C ASP A 139 -0.09 -8.64 -7.02
N PHE A 140 1.21 -8.56 -7.29
CA PHE A 140 1.92 -9.56 -8.08
C PHE A 140 3.02 -10.17 -7.22
N THR A 141 3.06 -11.51 -7.15
CA THR A 141 4.11 -12.21 -6.43
C THR A 141 4.73 -13.25 -7.36
N ASP A 142 6.06 -13.24 -7.42
CA ASP A 142 6.85 -14.07 -8.30
C ASP A 142 7.44 -15.23 -7.53
N GLN A 143 7.39 -16.42 -8.11
CA GLN A 143 8.01 -17.62 -7.55
C GLN A 143 7.46 -17.94 -6.16
N VAL A 144 6.14 -18.06 -6.07
CA VAL A 144 5.54 -18.50 -4.81
C VAL A 144 5.96 -19.94 -4.51
N SER A 145 6.06 -20.77 -5.55
CA SER A 145 6.81 -22.01 -5.53
C SER A 145 7.68 -22.02 -6.80
N THR A 146 8.39 -23.11 -7.02
CA THR A 146 9.33 -23.18 -8.13
C THR A 146 8.56 -23.19 -9.45
N GLY A 147 8.61 -22.08 -10.16
CA GLY A 147 8.00 -21.96 -11.47
C GLY A 147 6.56 -21.50 -11.51
N ILE A 148 6.03 -20.97 -10.40
CA ILE A 148 4.63 -20.58 -10.32
C ILE A 148 4.54 -19.14 -9.84
N ASP A 149 3.74 -18.33 -10.53
CA ASP A 149 3.49 -16.94 -10.15
C ASP A 149 2.03 -16.76 -9.75
N ASN A 150 1.77 -15.75 -8.93
CA ASN A 150 0.41 -15.53 -8.44
C ASN A 150 0.11 -14.04 -8.36
N TRP A 151 -0.97 -13.60 -9.01
CA TRP A 151 -1.34 -12.19 -8.94
C TRP A 151 -2.84 -12.03 -8.84
N THR A 152 -3.24 -10.91 -8.23
CA THR A 152 -4.64 -10.59 -8.03
C THR A 152 -5.00 -9.30 -8.76
N MET A 153 -6.27 -9.17 -9.12
CA MET A 153 -6.80 -7.95 -9.71
C MET A 153 -8.26 -7.79 -9.27
N ARG A 154 -8.80 -6.61 -9.50
CA ARG A 154 -10.19 -6.31 -9.13
C ARG A 154 -10.95 -5.88 -10.37
N GLN A 155 -12.15 -6.42 -10.56
CA GLN A 155 -12.94 -6.23 -11.76
C GLN A 155 -14.34 -5.72 -11.40
N PRO A 156 -14.98 -5.01 -12.32
CA PRO A 156 -16.30 -4.42 -12.01
C PRO A 156 -17.38 -5.47 -11.84
N LEU A 157 -18.42 -5.09 -11.09
CA LEU A 157 -19.53 -5.98 -10.79
C LEU A 157 -20.57 -6.02 -11.91
N GLY A 158 -20.93 -4.87 -12.48
CA GLY A 158 -22.00 -4.82 -13.45
C GLY A 158 -22.88 -3.59 -13.29
N VAL A 159 -24.17 -3.79 -13.06
CA VAL A 159 -25.13 -2.70 -12.85
C VAL A 159 -25.29 -2.46 -11.36
N VAL A 160 -25.09 -1.23 -10.92
CA VAL A 160 -25.25 -0.86 -9.52
C VAL A 160 -26.33 0.21 -9.41
N ALA A 161 -26.96 0.27 -8.23
CA ALA A 161 -28.05 1.19 -7.99
C ALA A 161 -27.76 2.05 -6.77
N GLY A 162 -28.17 3.30 -6.82
CA GLY A 162 -27.97 4.22 -5.72
C GLY A 162 -29.26 4.92 -5.33
N ILE A 163 -29.48 5.05 -4.02
CA ILE A 163 -30.68 5.67 -3.47
C ILE A 163 -30.23 6.75 -2.49
N THR A 164 -30.68 7.98 -2.71
CA THR A 164 -30.15 9.15 -2.03
C THR A 164 -31.24 9.94 -1.32
N PRO A 165 -30.90 10.68 -0.24
CA PRO A 165 -31.91 11.44 0.50
C PRO A 165 -32.13 12.85 -0.03
N PHE A 166 -32.96 13.64 0.66
CA PHE A 166 -33.28 14.98 0.19
C PHE A 166 -32.26 16.04 0.60
N ASN A 167 -31.59 15.86 1.74
CA ASN A 167 -30.79 16.94 2.30
C ASN A 167 -29.52 17.23 1.50
N PHE A 168 -29.01 16.27 0.74
CA PHE A 168 -27.86 16.48 -0.15
C PHE A 168 -28.17 15.93 -1.53
N PRO A 169 -28.95 16.67 -2.33
CA PRO A 169 -29.32 16.17 -3.67
C PRO A 169 -28.15 16.12 -4.64
N CYS A 170 -26.99 16.66 -4.30
CA CYS A 170 -25.83 16.65 -5.18
C CYS A 170 -24.64 15.89 -4.58
N MET A 171 -24.34 16.10 -3.29
CA MET A 171 -23.11 15.55 -2.72
C MET A 171 -23.21 14.03 -2.53
N VAL A 172 -24.34 13.54 -2.00
CA VAL A 172 -24.49 12.10 -1.79
C VAL A 172 -24.44 11.32 -3.09
N PRO A 173 -25.10 11.74 -4.18
CA PRO A 173 -24.89 11.04 -5.46
C PRO A 173 -23.45 11.08 -5.93
N CYS A 174 -22.71 12.13 -5.61
CA CYS A 174 -21.29 12.19 -5.94
C CYS A 174 -20.46 11.29 -5.03
N TRP A 175 -21.01 10.88 -3.89
CA TRP A 175 -20.34 9.85 -3.09
C TRP A 175 -20.32 8.51 -3.82
N MET A 176 -21.29 8.28 -4.71
CA MET A 176 -21.53 6.96 -5.29
C MET A 176 -21.11 6.87 -6.75
N PHE A 177 -21.69 7.70 -7.63
CA PHE A 177 -21.56 7.41 -9.05
C PHE A 177 -20.17 7.65 -9.63
N PRO A 178 -19.39 8.65 -9.18
CA PRO A 178 -18.04 8.82 -9.77
C PRO A 178 -17.14 7.60 -9.58
N VAL A 179 -17.06 7.05 -8.37
CA VAL A 179 -16.20 5.90 -8.12
C VAL A 179 -16.72 4.68 -8.88
N ALA A 180 -18.03 4.48 -8.88
CA ALA A 180 -18.60 3.33 -9.58
C ALA A 180 -18.33 3.40 -11.08
N LEU A 181 -18.44 4.59 -11.68
CA LEU A 181 -18.13 4.73 -13.09
C LEU A 181 -16.64 4.57 -13.35
N ALA A 182 -15.80 5.07 -12.44
CA ALA A 182 -14.35 4.95 -12.62
C ALA A 182 -13.90 3.50 -12.58
N THR A 183 -14.49 2.70 -11.70
CA THR A 183 -14.12 1.29 -11.60
C THR A 183 -14.69 0.44 -12.73
N GLY A 184 -15.59 0.97 -13.55
CA GLY A 184 -16.10 0.28 -14.71
C GLY A 184 -17.52 -0.25 -14.63
N ASN A 185 -18.37 0.32 -13.80
CA ASN A 185 -19.75 -0.12 -13.67
C ASN A 185 -20.69 0.85 -14.38
N THR A 186 -21.94 0.41 -14.55
CA THR A 186 -23.02 1.27 -15.01
C THR A 186 -23.95 1.57 -13.84
N PHE A 187 -24.57 2.75 -13.87
CA PHE A 187 -25.26 3.29 -12.71
C PHE A 187 -26.70 3.65 -13.05
N VAL A 188 -27.62 3.29 -12.14
CA VAL A 188 -29.00 3.74 -12.17
C VAL A 188 -29.27 4.44 -10.85
N LEU A 189 -29.70 5.70 -10.91
CA LEU A 189 -29.90 6.55 -9.74
C LEU A 189 -31.39 6.73 -9.46
N LYS A 190 -31.76 6.63 -8.19
CA LYS A 190 -33.12 6.90 -7.72
C LYS A 190 -33.04 8.05 -6.72
N PRO A 191 -33.19 9.29 -7.18
CA PRO A 191 -33.06 10.44 -6.28
C PRO A 191 -34.30 10.61 -5.41
N SER A 192 -34.15 11.44 -4.39
CA SER A 192 -35.29 11.83 -3.57
C SER A 192 -36.27 12.65 -4.39
N GLU A 193 -37.56 12.35 -4.23
CA GLU A 193 -38.61 13.00 -5.02
C GLU A 193 -38.89 14.43 -4.57
N ARG A 194 -38.33 14.86 -3.44
CA ARG A 194 -38.57 16.21 -2.96
C ARG A 194 -37.77 17.25 -3.73
N ASP A 195 -36.63 16.87 -4.31
CA ASP A 195 -35.80 17.79 -5.09
C ASP A 195 -35.02 17.01 -6.14
N PRO A 196 -35.67 16.62 -7.24
CA PRO A 196 -35.03 15.74 -8.21
C PRO A 196 -34.25 16.43 -9.33
N SER A 197 -34.52 17.72 -9.55
CA SER A 197 -34.03 18.40 -10.74
C SER A 197 -32.51 18.34 -10.85
N ALA A 198 -31.82 18.52 -9.73
CA ALA A 198 -30.36 18.52 -9.74
C ALA A 198 -29.81 17.25 -10.39
N ALA A 199 -30.42 16.10 -10.11
CA ALA A 199 -29.96 14.85 -10.69
C ALA A 199 -29.96 14.93 -12.21
N LEU A 200 -31.08 15.39 -12.79
CA LEU A 200 -31.16 15.51 -14.24
C LEU A 200 -30.09 16.46 -14.76
N PHE A 201 -29.87 17.57 -14.06
CA PHE A 201 -28.81 18.49 -14.45
C PHE A 201 -27.48 17.77 -14.55
N ILE A 202 -27.16 16.99 -13.51
CA ILE A 202 -25.89 16.27 -13.49
C ILE A 202 -25.82 15.31 -14.67
N ALA A 203 -26.92 14.61 -14.94
CA ALA A 203 -26.92 13.66 -16.04
C ALA A 203 -26.60 14.35 -17.35
N ASP A 204 -27.20 15.54 -17.57
CA ASP A 204 -26.92 16.27 -18.79
C ASP A 204 -25.44 16.60 -18.89
N LEU A 205 -24.84 17.04 -17.78
CA LEU A 205 -23.41 17.34 -17.81
C LEU A 205 -22.61 16.08 -18.14
N LEU A 206 -23.00 14.94 -17.58
CA LEU A 206 -22.30 13.70 -17.89
C LEU A 206 -22.37 13.36 -19.37
N THR A 207 -23.50 13.68 -20.01
CA THR A 207 -23.58 13.45 -21.46
C THR A 207 -22.70 14.42 -22.23
N GLN A 208 -22.56 15.66 -21.73
CA GLN A 208 -21.72 16.63 -22.45
C GLN A 208 -20.24 16.31 -22.36
N ALA A 209 -19.83 15.49 -21.39
CA ALA A 209 -18.43 15.16 -21.19
C ALA A 209 -17.98 13.96 -22.03
N GLY A 210 -18.86 13.38 -22.82
CA GLY A 210 -18.51 12.26 -23.67
C GLY A 210 -18.83 10.89 -23.11
N LEU A 211 -19.62 10.80 -22.05
CA LEU A 211 -20.00 9.50 -21.51
C LEU A 211 -20.91 8.77 -22.48
N PRO A 212 -20.66 7.49 -22.77
CA PRO A 212 -21.53 6.75 -23.70
C PRO A 212 -22.93 6.59 -23.15
N ALA A 213 -23.89 6.48 -24.06
CA ALA A 213 -25.29 6.38 -23.68
C ALA A 213 -25.57 5.08 -22.94
N GLY A 214 -26.40 5.17 -21.90
CA GLY A 214 -26.79 4.02 -21.10
C GLY A 214 -25.91 3.75 -19.90
N VAL A 215 -24.76 4.42 -19.78
CA VAL A 215 -23.89 4.18 -18.64
C VAL A 215 -24.45 4.79 -17.36
N PHE A 216 -25.15 5.92 -17.47
CA PHE A 216 -25.75 6.59 -16.31
C PHE A 216 -27.21 6.87 -16.62
N ASN A 217 -28.10 6.32 -15.81
CA ASN A 217 -29.54 6.50 -15.99
C ASN A 217 -30.16 7.00 -14.68
N VAL A 218 -31.28 7.72 -14.81
CA VAL A 218 -32.00 8.28 -13.68
C VAL A 218 -33.46 7.85 -13.76
N VAL A 219 -34.00 7.37 -12.65
CA VAL A 219 -35.43 7.07 -12.52
C VAL A 219 -35.96 7.78 -11.29
N GLN A 220 -37.07 8.50 -11.45
CA GLN A 220 -37.72 9.18 -10.33
C GLN A 220 -38.82 8.30 -9.76
N GLY A 221 -39.06 8.43 -8.47
CA GLY A 221 -40.14 7.64 -7.90
C GLY A 221 -40.08 7.61 -6.37
N ASP A 222 -40.61 6.52 -5.83
CA ASP A 222 -40.85 6.36 -4.39
C ASP A 222 -40.64 4.89 -4.06
N LYS A 223 -41.24 4.44 -2.96
CA LYS A 223 -41.03 3.08 -2.45
C LYS A 223 -41.26 2.02 -3.53
N GLY A 224 -42.20 2.25 -4.44
CA GLY A 224 -42.45 1.27 -5.50
C GLY A 224 -41.26 1.10 -6.42
N ALA A 225 -40.66 2.21 -6.84
CA ALA A 225 -39.46 2.14 -7.67
C ALA A 225 -38.30 1.51 -6.93
N VAL A 226 -38.17 1.80 -5.63
CA VAL A 226 -37.10 1.21 -4.83
C VAL A 226 -37.27 -0.31 -4.75
N ASP A 227 -38.50 -0.77 -4.54
CA ASP A 227 -38.74 -2.20 -4.50
C ASP A 227 -38.46 -2.85 -5.85
N ALA A 228 -38.85 -2.17 -6.94
CA ALA A 228 -38.55 -2.70 -8.27
C ALA A 228 -37.04 -2.81 -8.49
N LEU A 229 -36.27 -1.83 -8.04
CA LEU A 229 -34.83 -1.91 -8.15
C LEU A 229 -34.25 -3.04 -7.29
N LEU A 230 -34.76 -3.20 -6.07
CA LEU A 230 -34.24 -4.21 -5.17
C LEU A 230 -34.57 -5.62 -5.61
N ASP A 231 -35.66 -5.81 -6.36
CA ASP A 231 -36.04 -7.14 -6.81
C ASP A 231 -35.46 -7.53 -8.15
N HIS A 232 -34.81 -6.63 -8.87
CA HIS A 232 -34.38 -6.92 -10.23
C HIS A 232 -33.16 -7.85 -10.21
N PRO A 233 -33.20 -8.96 -10.94
CA PRO A 233 -32.07 -9.89 -10.91
C PRO A 233 -30.81 -9.41 -11.63
N ASP A 234 -30.89 -8.35 -12.43
CA ASP A 234 -29.73 -7.85 -13.16
C ASP A 234 -28.96 -6.77 -12.40
N VAL A 235 -29.38 -6.44 -11.18
CA VAL A 235 -28.68 -5.45 -10.35
C VAL A 235 -27.76 -6.20 -9.40
N GLN A 236 -26.51 -5.75 -9.30
CA GLN A 236 -25.49 -6.42 -8.51
C GLN A 236 -25.27 -5.79 -7.14
N ALA A 237 -25.26 -4.47 -7.04
CA ALA A 237 -24.95 -3.79 -5.80
C ALA A 237 -25.93 -2.64 -5.57
N VAL A 238 -26.19 -2.34 -4.30
CA VAL A 238 -27.08 -1.27 -3.88
C VAL A 238 -26.37 -0.41 -2.85
N SER A 239 -26.38 0.90 -3.07
CA SER A 239 -25.93 1.88 -2.09
C SER A 239 -27.13 2.73 -1.67
N PHE A 240 -27.29 2.93 -0.38
CA PHE A 240 -28.44 3.64 0.16
C PHE A 240 -27.99 4.62 1.23
N VAL A 241 -28.56 5.82 1.20
CA VAL A 241 -28.37 6.81 2.27
C VAL A 241 -29.75 7.30 2.72
N GLY A 242 -29.98 7.28 4.02
CA GLY A 242 -31.28 7.67 4.55
C GLY A 242 -31.37 7.38 6.04
N SER A 243 -32.61 7.25 6.51
CA SER A 243 -32.85 7.00 7.93
C SER A 243 -32.61 5.52 8.28
N THR A 244 -32.50 5.26 9.58
CA THR A 244 -32.16 3.92 10.05
C THR A 244 -33.20 2.87 9.71
N PRO A 245 -34.50 3.07 9.96
CA PRO A 245 -35.47 1.99 9.62
C PRO A 245 -35.50 1.65 8.14
N ILE A 246 -35.45 2.66 7.27
CA ILE A 246 -35.45 2.39 5.84
C ILE A 246 -34.16 1.71 5.42
N ALA A 247 -33.04 2.07 6.05
CA ALA A 247 -31.77 1.40 5.74
C ALA A 247 -31.82 -0.08 6.11
N ALA A 248 -32.39 -0.40 7.28
CA ALA A 248 -32.51 -1.80 7.67
C ALA A 248 -33.44 -2.56 6.72
N TYR A 249 -34.55 -1.94 6.34
CA TYR A 249 -35.47 -2.58 5.40
C TYR A 249 -34.79 -2.84 4.05
N VAL A 250 -34.06 -1.85 3.55
CA VAL A 250 -33.37 -1.98 2.26
C VAL A 250 -32.32 -3.08 2.32
N GLN A 251 -31.54 -3.11 3.40
CA GLN A 251 -30.52 -4.14 3.53
C GLN A 251 -31.13 -5.54 3.55
N GLN A 252 -32.21 -5.71 4.34
CA GLN A 252 -32.84 -7.02 4.41
C GLN A 252 -33.37 -7.45 3.04
N ARG A 253 -34.10 -6.56 2.36
CA ARG A 253 -34.71 -6.94 1.09
C ARG A 253 -33.67 -7.18 0.01
N ALA A 254 -32.57 -6.43 0.01
CA ALA A 254 -31.54 -6.63 -1.00
C ALA A 254 -30.71 -7.88 -0.73
N VAL A 255 -30.44 -8.19 0.53
CA VAL A 255 -29.73 -9.43 0.85
C VAL A 255 -30.59 -10.64 0.53
N GLN A 256 -31.91 -10.53 0.70
CA GLN A 256 -32.78 -11.67 0.42
C GLN A 256 -32.71 -12.10 -1.05
N SER A 257 -32.33 -11.19 -1.95
CA SER A 257 -32.20 -11.50 -3.36
C SER A 257 -30.76 -11.70 -3.80
N GLY A 258 -29.82 -11.74 -2.85
CA GLY A 258 -28.43 -12.00 -3.17
C GLY A 258 -27.68 -10.86 -3.82
N LYS A 259 -27.64 -9.70 -3.16
CA LYS A 259 -26.95 -8.52 -3.67
C LYS A 259 -25.99 -7.97 -2.61
N ARG A 260 -24.95 -7.29 -3.06
CA ARG A 260 -24.12 -6.51 -2.16
C ARG A 260 -24.86 -5.24 -1.77
N VAL A 261 -24.85 -4.92 -0.47
CA VAL A 261 -25.60 -3.79 0.07
C VAL A 261 -24.70 -2.95 0.96
N GLN A 262 -24.81 -1.63 0.82
CA GLN A 262 -24.34 -0.73 1.86
C GLN A 262 -25.42 0.32 2.10
N ALA A 263 -25.74 0.56 3.37
CA ALA A 263 -26.83 1.46 3.74
C ALA A 263 -26.41 2.30 4.93
N LEU A 264 -26.56 3.61 4.83
CA LEU A 264 -26.21 4.53 5.91
C LEU A 264 -27.48 5.01 6.60
N GLY A 265 -27.43 5.05 7.93
CA GLY A 265 -28.58 5.41 8.72
C GLY A 265 -28.52 6.76 9.39
N GLY A 266 -29.24 6.92 10.50
CA GLY A 266 -29.35 8.19 11.19
C GLY A 266 -28.21 8.45 12.15
N ALA A 267 -28.35 9.53 12.93
CA ALA A 267 -27.27 9.98 13.79
C ALA A 267 -27.83 10.76 14.97
N LYS A 268 -27.00 10.87 16.02
CA LYS A 268 -27.27 11.74 17.16
C LYS A 268 -25.89 12.17 17.70
N ASN A 269 -25.38 13.29 17.19
CA ASN A 269 -23.99 13.65 17.39
C ASN A 269 -23.82 14.52 18.63
N HIS A 270 -22.83 14.18 19.44
CA HIS A 270 -22.50 14.88 20.67
C HIS A 270 -21.24 15.71 20.49
N LEU A 271 -21.18 16.84 21.20
CA LEU A 271 -19.99 17.66 21.29
C LEU A 271 -19.65 17.86 22.76
N VAL A 272 -18.41 17.51 23.14
CA VAL A 272 -17.97 17.56 24.52
C VAL A 272 -17.11 18.81 24.73
N VAL A 273 -17.41 19.56 25.77
CA VAL A 273 -16.65 20.75 26.13
C VAL A 273 -15.94 20.48 27.45
N MET A 274 -14.61 20.48 27.43
CA MET A 274 -13.80 20.26 28.61
C MET A 274 -13.55 21.57 29.34
N PRO A 275 -13.20 21.52 30.63
CA PRO A 275 -12.97 22.75 31.39
C PRO A 275 -11.83 23.60 30.86
N ASP A 276 -10.89 23.03 30.11
CA ASP A 276 -9.73 23.75 29.61
C ASP A 276 -9.88 24.16 28.15
N ALA A 277 -11.09 24.09 27.60
CA ALA A 277 -11.33 24.46 26.22
C ALA A 277 -11.43 25.98 26.06
N ASN A 278 -11.30 26.43 24.81
CA ASN A 278 -11.50 27.83 24.48
C ASN A 278 -13.00 28.11 24.39
N ILE A 279 -13.48 29.01 25.24
CA ILE A 279 -14.93 29.20 25.40
C ILE A 279 -15.54 29.82 24.15
N ASP A 280 -14.90 30.86 23.61
CA ASP A 280 -15.47 31.56 22.47
C ASP A 280 -15.52 30.66 21.23
N GLN A 281 -14.43 29.92 20.97
CA GLN A 281 -14.41 29.02 19.83
C GLN A 281 -15.43 27.89 20.01
N ALA A 282 -15.59 27.39 21.24
CA ALA A 282 -16.60 26.37 21.51
C ALA A 282 -18.01 26.89 21.24
N VAL A 283 -18.30 28.13 21.67
CA VAL A 283 -19.62 28.71 21.41
C VAL A 283 -19.86 28.88 19.93
N ASP A 284 -18.84 29.37 19.19
CA ASP A 284 -18.99 29.53 17.75
C ASP A 284 -19.24 28.20 17.06
N ALA A 285 -18.47 27.17 17.46
CA ALA A 285 -18.65 25.84 16.86
C ALA A 285 -20.03 25.28 17.16
N LEU A 286 -20.50 25.44 18.40
CA LEU A 286 -21.83 24.94 18.75
C LEU A 286 -22.91 25.63 17.92
N ILE A 287 -22.84 26.96 17.82
CA ILE A 287 -23.84 27.69 17.04
C ILE A 287 -23.83 27.23 15.59
N GLY A 288 -22.65 27.18 14.97
CA GLY A 288 -22.59 26.81 13.57
C GLY A 288 -23.05 25.39 13.31
N ALA A 289 -22.48 24.43 14.05
CA ALA A 289 -22.78 23.03 13.80
C ALA A 289 -24.18 22.63 14.27
N ALA A 290 -24.84 23.45 15.09
CA ALA A 290 -26.19 23.11 15.49
C ALA A 290 -27.25 23.81 14.64
N TYR A 291 -26.96 24.98 14.07
CA TYR A 291 -27.98 25.72 13.35
C TYR A 291 -27.62 25.97 11.89
N GLY A 292 -26.60 25.31 11.35
CA GLY A 292 -26.38 25.37 9.91
C GLY A 292 -27.31 24.42 9.18
N SER A 293 -27.90 24.92 8.10
CA SER A 293 -28.86 24.18 7.29
C SER A 293 -30.07 23.72 8.10
N ALA A 294 -30.42 24.51 9.13
CA ALA A 294 -31.56 24.22 10.01
C ALA A 294 -31.47 22.85 10.65
N GLY A 295 -30.25 22.39 10.94
CA GLY A 295 -30.06 21.12 11.61
C GLY A 295 -30.37 19.90 10.76
N GLU A 296 -30.49 20.06 9.45
CA GLU A 296 -30.82 18.96 8.56
C GLU A 296 -29.56 18.34 7.95
N ARG A 297 -28.67 17.90 8.84
CA ARG A 297 -27.44 17.23 8.45
C ARG A 297 -27.22 16.02 9.34
N CYS A 298 -26.64 14.97 8.75
CA CYS A 298 -26.29 13.79 9.54
C CYS A 298 -25.14 14.08 10.51
N MET A 299 -24.29 15.05 10.20
CA MET A 299 -23.17 15.41 11.06
C MET A 299 -23.46 16.63 11.94
N ALA A 300 -24.72 17.06 11.99
CA ALA A 300 -25.09 18.17 12.86
C ALA A 300 -24.97 17.79 14.33
N ILE A 301 -24.54 18.74 15.14
CA ILE A 301 -24.45 18.52 16.59
C ILE A 301 -25.83 18.76 17.19
N SER A 302 -26.34 17.76 17.91
CA SER A 302 -27.65 17.88 18.55
C SER A 302 -27.60 17.83 20.07
N ILE A 303 -26.51 17.32 20.66
CA ILE A 303 -26.35 17.26 22.11
C ILE A 303 -25.03 17.91 22.48
N ALA A 304 -25.07 18.82 23.44
CA ALA A 304 -23.87 19.46 23.97
C ALA A 304 -23.60 18.90 25.36
N VAL A 305 -22.45 18.27 25.53
CA VAL A 305 -22.05 17.66 26.80
C VAL A 305 -21.11 18.61 27.51
N LEU A 306 -21.52 19.11 28.67
CA LEU A 306 -20.77 20.11 29.42
C LEU A 306 -20.20 19.48 30.67
N VAL A 307 -18.89 19.63 30.87
CA VAL A 307 -18.15 18.94 31.93
C VAL A 307 -17.72 19.97 32.96
N GLY A 308 -18.08 19.76 34.21
CA GLY A 308 -17.59 20.61 35.28
C GLY A 308 -18.38 21.90 35.37
N ASP A 309 -17.66 23.01 35.56
CA ASP A 309 -18.28 24.31 35.80
C ASP A 309 -18.35 25.17 34.55
N VAL A 310 -18.08 24.62 33.37
CA VAL A 310 -18.15 25.40 32.13
C VAL A 310 -19.58 25.62 31.65
N ALA A 311 -20.54 24.90 32.21
CA ALA A 311 -21.92 25.01 31.74
C ALA A 311 -22.44 26.44 31.87
N ASP A 312 -22.21 27.06 33.03
CA ASP A 312 -22.65 28.44 33.24
C ASP A 312 -21.93 29.42 32.32
N LYS A 313 -20.82 29.03 31.70
CA LYS A 313 -20.16 29.87 30.72
C LYS A 313 -20.56 29.56 29.28
N ILE A 314 -21.37 28.52 29.06
CA ILE A 314 -21.75 28.10 27.71
C ILE A 314 -23.21 28.39 27.42
N VAL A 315 -24.12 27.97 28.30
CA VAL A 315 -25.55 28.12 28.04
C VAL A 315 -25.96 29.58 27.91
N PRO A 316 -25.57 30.50 28.81
CA PRO A 316 -25.99 31.90 28.61
C PRO A 316 -25.48 32.51 27.31
N ALA A 317 -24.26 32.17 26.89
CA ALA A 317 -23.73 32.73 25.65
C ALA A 317 -24.45 32.16 24.43
N VAL A 318 -24.59 30.83 24.37
CA VAL A 318 -25.21 30.19 23.22
C VAL A 318 -26.62 30.71 23.01
N ALA A 319 -27.40 30.81 24.10
CA ALA A 319 -28.75 31.34 24.01
C ALA A 319 -28.74 32.74 23.40
N GLU A 320 -27.78 33.58 23.80
CA GLU A 320 -27.72 34.93 23.25
C GLU A 320 -27.47 34.89 21.75
N ARG A 321 -26.70 33.91 21.26
CA ARG A 321 -26.52 33.79 19.83
C ARG A 321 -27.72 33.17 19.15
N ALA A 322 -28.51 32.37 19.87
CA ALA A 322 -29.64 31.68 19.24
C ALA A 322 -30.79 32.64 18.94
N ARG A 323 -30.97 33.68 19.76
CA ARG A 323 -32.02 34.65 19.55
C ARG A 323 -31.72 35.63 18.41
N LYS A 324 -30.45 35.76 18.02
CA LYS A 324 -30.04 36.76 17.05
C LYS A 324 -29.84 36.19 15.65
N LEU A 325 -30.26 34.95 15.41
CA LEU A 325 -30.10 34.36 14.09
C LEU A 325 -30.98 35.06 13.07
N VAL A 326 -30.44 35.25 11.86
CA VAL A 326 -31.17 35.87 10.76
C VAL A 326 -31.79 34.75 9.92
N ILE A 327 -33.11 34.77 9.80
CA ILE A 327 -33.86 33.70 9.15
C ILE A 327 -34.69 34.31 8.03
N GLY A 328 -34.61 33.71 6.84
CA GLY A 328 -35.37 34.22 5.72
C GLY A 328 -35.16 33.38 4.48
N ASP A 329 -35.46 33.98 3.33
CA ASP A 329 -35.31 33.29 2.06
C ASP A 329 -33.83 33.03 1.77
N GLY A 330 -33.55 31.86 1.20
CA GLY A 330 -32.19 31.40 1.01
C GLY A 330 -31.37 32.22 0.04
N MET A 331 -32.03 32.93 -0.88
CA MET A 331 -31.31 33.75 -1.85
C MET A 331 -30.92 35.13 -1.33
N SER A 332 -31.38 35.50 -0.14
CA SER A 332 -30.96 36.76 0.46
C SER A 332 -29.57 36.61 1.07
N PRO A 333 -28.61 37.47 0.72
CA PRO A 333 -27.22 37.27 1.17
C PRO A 333 -27.05 37.28 2.68
N GLU A 334 -27.84 38.07 3.41
CA GLU A 334 -27.64 38.22 4.85
C GLU A 334 -28.28 37.10 5.67
N VAL A 335 -29.06 36.24 5.05
CA VAL A 335 -29.77 35.19 5.77
C VAL A 335 -28.80 34.08 6.16
N GLU A 336 -28.90 33.63 7.41
CA GLU A 336 -28.07 32.55 7.92
C GLU A 336 -28.77 31.20 7.98
N MET A 337 -30.09 31.19 8.12
CA MET A 337 -30.85 29.94 8.18
C MET A 337 -32.09 30.04 7.32
N GLY A 338 -32.36 28.98 6.55
CA GLY A 338 -33.52 28.91 5.70
C GLY A 338 -34.66 28.13 6.33
N PRO A 339 -35.68 27.82 5.55
CA PRO A 339 -36.85 27.11 6.07
C PRO A 339 -36.68 25.59 6.05
N ILE A 340 -37.66 24.92 6.65
CA ILE A 340 -37.73 23.46 6.63
C ILE A 340 -38.24 23.00 5.26
N VAL A 341 -37.93 21.75 4.92
CA VAL A 341 -38.19 21.25 3.57
C VAL A 341 -39.69 21.14 3.30
N THR A 342 -40.46 20.64 4.27
CA THR A 342 -41.90 20.48 4.11
C THR A 342 -42.61 20.93 5.38
N GLY A 343 -43.93 21.06 5.29
CA GLY A 343 -44.73 21.42 6.45
C GLY A 343 -44.92 20.28 7.43
N GLU A 344 -44.94 19.04 6.93
CA GLU A 344 -45.05 17.89 7.82
C GLU A 344 -43.81 17.76 8.71
N ALA A 345 -42.63 18.01 8.15
CA ALA A 345 -41.41 17.99 8.94
C ALA A 345 -41.42 19.08 10.00
N LEU A 346 -41.90 20.26 9.65
CA LEU A 346 -42.02 21.35 10.63
C LEU A 346 -42.98 20.96 11.75
N LYS A 347 -44.11 20.35 11.41
CA LYS A 347 -45.05 19.91 12.43
C LYS A 347 -44.45 18.86 13.35
N ARG A 348 -43.67 17.93 12.77
CA ARG A 348 -43.02 16.91 13.59
C ARG A 348 -41.98 17.51 14.53
N ILE A 349 -41.22 18.50 14.04
CA ILE A 349 -40.25 19.18 14.90
C ILE A 349 -40.95 19.90 16.05
N GLU A 350 -42.07 20.58 15.75
CA GLU A 350 -42.82 21.25 16.81
C GLU A 350 -43.38 20.25 17.81
N GLY A 351 -43.82 19.09 17.33
CA GLY A 351 -44.26 18.04 18.25
C GLY A 351 -43.14 17.56 19.15
N TYR A 352 -41.93 17.43 18.61
CA TYR A 352 -40.78 17.07 19.43
C TYR A 352 -40.51 18.13 20.50
N ILE A 353 -40.63 19.41 20.13
CA ILE A 353 -40.41 20.48 21.12
C ILE A 353 -41.46 20.40 22.23
N GLU A 354 -42.72 20.16 21.85
CA GLU A 354 -43.77 20.02 22.86
C GLU A 354 -43.51 18.83 23.78
N GLN A 355 -43.07 17.70 23.21
CA GLN A 355 -42.74 16.54 24.01
C GLN A 355 -41.59 16.85 24.97
N GLY A 356 -40.58 17.56 24.50
CA GLY A 356 -39.46 17.92 25.36
C GLY A 356 -39.88 18.80 26.52
N VAL A 357 -40.80 19.75 26.26
CA VAL A 357 -41.32 20.55 27.35
C VAL A 357 -42.10 19.69 28.33
N ASN A 358 -42.89 18.74 27.82
CA ASN A 358 -43.75 17.95 28.70
C ASN A 358 -42.96 17.02 29.61
N GLU A 359 -41.79 16.56 29.19
CA GLU A 359 -41.05 15.56 29.93
C GLU A 359 -40.05 16.13 30.93
N GLY A 360 -39.99 17.45 31.09
CA GLY A 360 -39.22 18.05 32.17
C GLY A 360 -37.99 18.84 31.77
N ALA A 361 -37.62 18.84 30.50
CA ALA A 361 -36.47 19.63 30.07
C ALA A 361 -36.81 21.12 30.11
N GLN A 362 -35.80 21.92 30.45
CA GLN A 362 -35.98 23.37 30.55
C GLN A 362 -35.84 23.99 29.17
N LEU A 363 -36.86 24.75 28.76
CA LEU A 363 -36.87 25.38 27.43
C LEU A 363 -36.25 26.76 27.56
N VAL A 364 -34.93 26.84 27.34
CA VAL A 364 -34.23 28.11 27.45
C VAL A 364 -34.62 29.04 26.31
N VAL A 365 -34.61 28.54 25.08
CA VAL A 365 -34.96 29.33 23.91
C VAL A 365 -36.00 28.58 23.09
N ASP A 366 -37.10 29.25 22.78
CA ASP A 366 -38.21 28.67 22.04
C ASP A 366 -38.29 29.30 20.66
N GLY A 367 -38.26 28.47 19.62
CA GLY A 367 -38.33 28.92 18.25
C GLY A 367 -39.67 28.79 17.58
N ARG A 368 -40.69 28.29 18.28
CA ARG A 368 -42.00 28.14 17.67
C ARG A 368 -42.68 29.49 17.48
N GLY A 369 -43.67 29.50 16.60
CA GLY A 369 -44.42 30.72 16.32
C GLY A 369 -43.63 31.81 15.64
N LEU A 370 -42.84 31.47 14.63
CA LEU A 370 -42.03 32.44 13.89
C LEU A 370 -42.74 32.85 12.62
N ARG A 371 -42.76 34.16 12.35
CA ARG A 371 -43.32 34.72 11.13
C ARG A 371 -42.25 35.57 10.46
N VAL A 372 -41.95 35.25 9.20
CA VAL A 372 -40.93 35.97 8.44
C VAL A 372 -41.63 36.99 7.56
N PRO A 373 -41.29 38.27 7.65
CA PRO A 373 -41.95 39.28 6.80
C PRO A 373 -41.68 39.03 5.33
N GLY A 374 -42.75 39.00 4.54
CA GLY A 374 -42.65 38.70 3.13
C GLY A 374 -42.66 37.22 2.80
N ARG A 375 -42.50 36.35 3.79
CA ARG A 375 -42.52 34.90 3.63
C ARG A 375 -43.40 34.26 4.69
N GLU A 376 -44.60 34.81 4.88
CA GLU A 376 -45.49 34.35 5.93
C GLU A 376 -45.99 32.93 5.69
N ALA A 377 -46.01 32.45 4.45
CA ALA A 377 -46.47 31.11 4.15
C ALA A 377 -45.34 30.09 4.14
N GLY A 378 -44.10 30.51 4.33
CA GLY A 378 -42.98 29.58 4.32
C GLY A 378 -42.94 28.70 5.55
N PHE A 379 -42.22 27.58 5.43
CA PHE A 379 -42.11 26.61 6.51
C PHE A 379 -40.94 26.98 7.42
N PHE A 380 -41.08 28.12 8.07
CA PHE A 380 -40.01 28.70 8.88
C PHE A 380 -40.19 28.40 10.36
N THR A 381 -39.06 28.27 11.05
CA THR A 381 -39.05 28.11 12.51
C THR A 381 -37.73 28.67 13.02
N GLY A 382 -37.72 29.03 14.31
CA GLY A 382 -36.54 29.58 14.94
C GLY A 382 -35.71 28.53 15.65
N GLY A 383 -34.55 28.97 16.14
CA GLY A 383 -33.67 28.08 16.88
C GLY A 383 -34.21 27.80 18.27
N THR A 384 -34.06 26.55 18.70
CA THR A 384 -34.57 26.08 19.98
C THR A 384 -33.42 25.54 20.82
N LEU A 385 -33.39 25.94 22.09
CA LEU A 385 -32.35 25.53 23.03
C LEU A 385 -32.99 24.99 24.30
N PHE A 386 -32.62 23.76 24.66
CA PHE A 386 -33.03 23.10 25.90
C PHE A 386 -31.85 23.02 26.87
N ASP A 387 -32.19 22.79 28.13
CA ASP A 387 -31.19 22.62 29.18
C ASP A 387 -31.67 21.57 30.15
N HIS A 388 -30.71 20.96 30.86
CA HIS A 388 -30.97 19.89 31.83
C HIS A 388 -31.67 18.70 31.17
N VAL A 389 -31.14 18.28 30.03
CA VAL A 389 -31.66 17.13 29.31
C VAL A 389 -31.12 15.85 29.96
N LYS A 390 -31.98 14.84 30.07
CA LYS A 390 -31.62 13.58 30.69
C LYS A 390 -31.60 12.46 29.66
N PRO A 391 -30.81 11.41 29.92
CA PRO A 391 -30.72 10.30 28.94
C PRO A 391 -32.05 9.58 28.70
N ASP A 392 -32.99 9.63 29.63
CA ASP A 392 -34.26 8.91 29.48
C ASP A 392 -35.30 9.70 28.71
N MET A 393 -35.02 10.94 28.33
CA MET A 393 -35.97 11.75 27.57
C MET A 393 -35.99 11.32 26.11
N ARG A 394 -37.14 11.55 25.46
CA ARG A 394 -37.27 11.19 24.06
C ARG A 394 -36.51 12.14 23.14
N ILE A 395 -36.31 13.39 23.57
CA ILE A 395 -35.53 14.33 22.77
C ILE A 395 -34.04 14.02 22.80
N TYR A 396 -33.61 13.13 23.68
CA TYR A 396 -32.22 12.69 23.70
C TYR A 396 -32.00 11.41 22.91
N LYS A 397 -32.96 10.48 22.95
CA LYS A 397 -32.78 9.18 22.31
C LYS A 397 -33.11 9.22 20.82
N GLU A 398 -34.12 9.98 20.43
CA GLU A 398 -34.59 9.99 19.05
C GLU A 398 -33.99 11.16 18.28
N GLU A 399 -33.91 10.99 16.97
CA GLU A 399 -33.32 11.99 16.08
C GLU A 399 -34.40 12.99 15.66
N ILE A 400 -34.16 14.27 15.92
CA ILE A 400 -35.13 15.31 15.61
C ILE A 400 -34.93 15.84 14.19
N PHE A 401 -33.68 15.94 13.74
CA PHE A 401 -33.34 16.42 12.40
C PHE A 401 -33.87 17.84 12.17
N GLY A 402 -33.70 18.69 13.17
CA GLY A 402 -34.12 20.07 13.08
C GLY A 402 -33.22 20.98 13.90
N PRO A 403 -33.57 22.25 13.99
CA PRO A 403 -32.74 23.21 14.75
C PRO A 403 -33.02 23.19 16.25
N VAL A 404 -32.82 22.03 16.86
CA VAL A 404 -33.04 21.83 18.29
C VAL A 404 -31.75 21.32 18.91
N LEU A 405 -31.27 22.01 19.95
CA LEU A 405 -30.05 21.66 20.65
C LEU A 405 -30.35 21.46 22.13
N GLY A 406 -29.90 20.34 22.68
CA GLY A 406 -30.05 20.05 24.10
C GLY A 406 -28.72 19.99 24.80
N CYS A 407 -28.71 20.34 26.07
CA CYS A 407 -27.50 20.39 26.88
C CYS A 407 -27.59 19.38 28.02
N VAL A 408 -26.57 18.55 28.15
CA VAL A 408 -26.48 17.52 29.19
C VAL A 408 -25.24 17.80 30.02
N ARG A 409 -25.40 17.80 31.34
CA ARG A 409 -24.32 18.12 32.25
C ARG A 409 -23.80 16.86 32.93
N VAL A 410 -22.48 16.67 32.90
CA VAL A 410 -21.82 15.54 33.54
C VAL A 410 -20.73 16.07 34.46
N LYS A 411 -20.21 15.20 35.31
CA LYS A 411 -19.22 15.59 36.31
C LYS A 411 -17.79 15.55 35.79
N ASP A 412 -17.44 14.56 34.97
CA ASP A 412 -16.06 14.40 34.55
C ASP A 412 -16.00 13.74 33.18
N PHE A 413 -14.76 13.47 32.74
CA PHE A 413 -14.50 12.92 31.41
C PHE A 413 -15.07 11.51 31.27
N GLY A 414 -14.89 10.66 32.29
CA GLY A 414 -15.37 9.30 32.21
C GLY A 414 -16.88 9.19 32.10
N GLU A 415 -17.59 10.07 32.81
CA GLU A 415 -19.05 10.08 32.72
C GLU A 415 -19.50 10.44 31.31
N ALA A 416 -18.85 11.42 30.68
CA ALA A 416 -19.18 11.79 29.31
C ALA A 416 -18.91 10.65 28.34
N VAL A 417 -17.78 9.96 28.51
CA VAL A 417 -17.46 8.84 27.63
C VAL A 417 -18.48 7.72 27.80
N ASP A 418 -18.86 7.41 29.04
CA ASP A 418 -19.85 6.37 29.28
C ASP A 418 -21.21 6.75 28.71
N LEU A 419 -21.58 8.03 28.83
CA LEU A 419 -22.84 8.49 28.27
C LEU A 419 -22.87 8.33 26.76
N ILE A 420 -21.78 8.73 26.09
CA ILE A 420 -21.75 8.65 24.63
C ILE A 420 -21.75 7.19 24.16
N ASN A 421 -20.98 6.33 24.84
CA ASN A 421 -20.89 4.94 24.40
C ASN A 421 -22.18 4.15 24.58
N ALA A 422 -23.13 4.66 25.36
CA ALA A 422 -24.38 3.96 25.61
C ALA A 422 -25.47 4.29 24.61
N HIS A 423 -25.24 5.23 23.70
CA HIS A 423 -26.24 5.62 22.73
C HIS A 423 -26.33 4.58 21.60
N GLU A 424 -27.44 4.60 20.89
CA GLU A 424 -27.64 3.66 19.79
C GLU A 424 -26.97 4.11 18.50
N PHE A 425 -26.57 5.37 18.39
CA PHE A 425 -25.95 5.89 17.18
C PHE A 425 -24.45 6.07 17.37
N GLY A 426 -23.71 5.92 16.28
CA GLY A 426 -22.26 6.02 16.32
C GLY A 426 -21.65 6.78 15.15
N ASN A 427 -22.33 7.82 14.67
CA ASN A 427 -21.90 8.48 13.44
C ASN A 427 -20.72 9.41 13.66
N GLY A 428 -20.90 10.47 14.44
CA GLY A 428 -19.86 11.47 14.62
C GLY A 428 -19.80 11.95 16.04
N VAL A 429 -18.61 12.42 16.43
CA VAL A 429 -18.42 12.95 17.78
C VAL A 429 -17.30 14.00 17.73
N SER A 430 -17.37 14.97 18.66
CA SER A 430 -16.38 16.03 18.73
C SER A 430 -16.03 16.30 20.18
N CYS A 431 -14.79 16.73 20.40
CA CYS A 431 -14.31 17.07 21.74
C CYS A 431 -13.41 18.29 21.67
N PHE A 432 -13.65 19.27 22.53
CA PHE A 432 -12.89 20.51 22.57
C PHE A 432 -12.02 20.53 23.82
N THR A 433 -10.71 20.59 23.63
CA THR A 433 -9.75 20.56 24.75
C THR A 433 -8.40 21.06 24.24
N SER A 434 -7.52 21.37 25.19
CA SER A 434 -6.14 21.74 24.87
C SER A 434 -5.13 20.75 25.43
N ASP A 435 -5.58 19.61 25.94
CA ASP A 435 -4.72 18.63 26.60
C ASP A 435 -4.50 17.44 25.67
N GLY A 436 -3.23 17.09 25.44
CA GLY A 436 -2.92 16.02 24.51
C GLY A 436 -3.38 14.65 24.98
N GLY A 437 -3.18 14.34 26.26
CA GLY A 437 -3.56 13.03 26.77
C GLY A 437 -5.06 12.80 26.73
N ILE A 438 -5.84 13.82 27.08
CA ILE A 438 -7.30 13.71 27.02
C ILE A 438 -7.75 13.47 25.59
N ALA A 439 -7.17 14.20 24.64
CA ALA A 439 -7.50 14.00 23.24
C ALA A 439 -7.17 12.58 22.78
N ARG A 440 -6.01 12.07 23.17
CA ARG A 440 -5.60 10.73 22.77
C ARG A 440 -6.55 9.67 23.33
N GLU A 441 -6.86 9.77 24.62
CA GLU A 441 -7.75 8.80 25.24
C GLU A 441 -9.16 8.87 24.66
N PHE A 442 -9.67 10.10 24.45
CA PHE A 442 -10.99 10.25 23.86
C PHE A 442 -11.03 9.67 22.45
N ALA A 443 -10.00 9.91 21.65
CA ALA A 443 -9.99 9.40 20.29
C ALA A 443 -9.95 7.88 20.26
N ARG A 444 -9.16 7.26 21.14
CA ARG A 444 -9.03 5.81 21.06
C ARG A 444 -10.06 5.05 21.90
N ARG A 445 -10.86 5.72 22.73
CA ARG A 445 -11.83 5.02 23.55
C ARG A 445 -13.27 5.16 23.07
N ILE A 446 -13.60 6.22 22.33
CA ILE A 446 -14.97 6.48 21.96
C ILE A 446 -15.43 5.48 20.90
N GLN A 447 -16.69 5.06 20.98
CA GLN A 447 -17.24 4.08 20.05
C GLN A 447 -17.99 4.76 18.91
N VAL A 448 -17.28 5.62 18.19
CA VAL A 448 -17.85 6.41 17.11
C VAL A 448 -16.94 6.29 15.89
N GLY A 449 -17.56 6.24 14.71
CA GLY A 449 -16.80 6.11 13.49
C GLY A 449 -15.96 7.31 13.12
N MET A 450 -16.48 8.52 13.36
CA MET A 450 -15.81 9.75 12.95
C MET A 450 -15.63 10.66 14.16
N VAL A 451 -14.39 11.08 14.40
CA VAL A 451 -13.98 11.77 15.62
C VAL A 451 -13.34 13.09 15.27
N GLY A 452 -13.68 14.13 16.02
CA GLY A 452 -13.05 15.43 15.85
C GLY A 452 -12.45 15.98 17.13
N ILE A 453 -11.23 16.50 17.05
CA ILE A 453 -10.58 17.17 18.16
C ILE A 453 -10.54 18.66 17.80
N ASN A 454 -11.37 19.44 18.49
CA ASN A 454 -11.58 20.85 18.19
C ASN A 454 -12.14 21.08 16.79
N VAL A 455 -12.74 20.04 16.20
CA VAL A 455 -13.36 20.12 14.89
C VAL A 455 -14.83 19.77 15.02
N PRO A 456 -15.74 20.75 14.95
CA PRO A 456 -17.16 20.45 15.21
C PRO A 456 -17.78 19.46 14.24
N ILE A 457 -17.39 19.49 12.97
CA ILE A 457 -17.98 18.61 11.96
C ILE A 457 -16.86 17.83 11.27
N PRO A 458 -16.45 16.69 11.82
CA PRO A 458 -15.27 15.95 11.28
C PRO A 458 -15.60 15.05 10.11
N VAL A 459 -15.88 15.64 8.95
CA VAL A 459 -16.11 14.88 7.73
C VAL A 459 -14.76 14.50 7.12
N PRO A 460 -14.47 13.21 6.94
CA PRO A 460 -13.16 12.82 6.44
C PRO A 460 -12.94 13.25 5.00
N MET A 461 -11.66 13.29 4.62
CA MET A 461 -11.28 13.71 3.28
C MET A 461 -11.67 12.65 2.26
N ALA A 462 -11.58 13.03 0.98
CA ALA A 462 -12.05 12.18 -0.11
C ALA A 462 -11.25 10.89 -0.23
N TRP A 463 -10.00 10.87 0.23
CA TRP A 463 -9.15 9.69 0.12
C TRP A 463 -9.21 8.80 1.36
N HIS A 464 -10.08 9.09 2.32
CA HIS A 464 -10.22 8.27 3.51
C HIS A 464 -11.53 7.49 3.54
N GLY A 465 -12.67 8.14 3.34
CA GLY A 465 -13.94 7.46 3.35
C GLY A 465 -14.89 7.93 4.43
N PHE A 466 -16.20 7.73 4.21
CA PHE A 466 -17.24 8.18 5.13
C PHE A 466 -17.98 6.95 5.66
N GLY A 467 -18.08 6.85 6.99
CA GLY A 467 -18.83 5.76 7.59
C GLY A 467 -18.95 5.82 9.09
N GLY A 468 -20.13 5.50 9.61
CA GLY A 468 -20.37 5.45 11.03
C GLY A 468 -20.42 4.02 11.57
N TRP A 469 -20.63 3.93 12.88
CA TRP A 469 -20.66 2.66 13.59
C TRP A 469 -22.05 2.40 14.16
N LYS A 470 -22.24 1.18 14.64
CA LYS A 470 -23.44 0.74 15.38
C LYS A 470 -24.64 0.87 14.44
N LYS A 471 -25.72 1.55 14.85
CA LYS A 471 -26.92 1.65 14.04
C LYS A 471 -26.84 2.69 12.94
N SER A 472 -25.70 3.37 12.79
CA SER A 472 -25.53 4.35 11.74
C SER A 472 -25.08 3.75 10.41
N LEU A 473 -24.75 2.46 10.37
CA LEU A 473 -24.32 1.83 9.13
C LEU A 473 -24.73 0.37 9.13
N PHE A 474 -25.30 -0.09 8.02
CA PHE A 474 -25.66 -1.49 7.80
C PHE A 474 -24.81 -2.03 6.67
N GLY A 475 -23.88 -2.91 6.99
CA GLY A 475 -22.92 -3.45 6.05
C GLY A 475 -21.55 -3.48 6.69
N ASP A 476 -20.51 -3.59 5.86
CA ASP A 476 -19.15 -3.60 6.39
C ASP A 476 -18.17 -2.80 5.54
N MET A 477 -18.65 -1.91 4.68
CA MET A 477 -17.77 -1.05 3.89
C MET A 477 -18.29 0.38 3.93
N HIS A 478 -17.36 1.33 3.79
CA HIS A 478 -17.68 2.76 3.87
C HIS A 478 -17.90 3.34 2.47
N ALA A 479 -18.23 4.62 2.43
CA ALA A 479 -18.54 5.32 1.19
C ALA A 479 -17.33 6.10 0.71
N TYR A 480 -17.04 5.98 -0.60
CA TYR A 480 -15.90 6.54 -1.31
C TYR A 480 -14.56 6.25 -0.62
N GLY A 481 -13.48 6.78 -1.18
CA GLY A 481 -12.17 6.34 -0.74
C GLY A 481 -11.84 4.94 -1.24
N GLU A 482 -10.83 4.35 -0.62
CA GLU A 482 -10.46 2.98 -0.95
C GLU A 482 -11.56 1.99 -0.58
N GLU A 483 -12.30 2.27 0.50
CA GLU A 483 -13.46 1.45 0.84
C GLU A 483 -14.49 1.48 -0.28
N GLY A 484 -14.77 2.67 -0.81
CA GLY A 484 -15.70 2.77 -1.92
C GLY A 484 -15.20 2.07 -3.17
N VAL A 485 -13.88 2.13 -3.41
CA VAL A 485 -13.32 1.42 -4.55
C VAL A 485 -13.50 -0.09 -4.38
N ARG A 486 -13.24 -0.60 -3.18
CA ARG A 486 -13.37 -2.04 -2.94
C ARG A 486 -14.82 -2.50 -2.96
N PHE A 487 -15.77 -1.64 -2.60
CA PHE A 487 -17.17 -2.05 -2.61
C PHE A 487 -17.68 -2.31 -4.02
N TYR A 488 -17.17 -1.59 -5.01
CA TYR A 488 -17.67 -1.67 -6.38
C TYR A 488 -16.91 -2.66 -7.26
N THR A 489 -15.98 -3.42 -6.69
CA THR A 489 -15.18 -4.37 -7.45
C THR A 489 -15.11 -5.71 -6.73
N ARG A 490 -14.83 -6.75 -7.50
CA ARG A 490 -14.64 -8.10 -6.98
C ARG A 490 -13.25 -8.60 -7.35
N GLN A 491 -12.63 -9.34 -6.43
CA GLN A 491 -11.23 -9.74 -6.57
C GLN A 491 -11.13 -11.10 -7.26
N LYS A 492 -10.19 -11.19 -8.21
CA LYS A 492 -9.86 -12.42 -8.91
C LYS A 492 -8.38 -12.71 -8.71
N SER A 493 -8.07 -13.98 -8.46
CA SER A 493 -6.71 -14.48 -8.29
C SER A 493 -6.33 -15.38 -9.46
N VAL A 494 -5.08 -15.25 -9.92
CA VAL A 494 -4.57 -16.05 -11.03
C VAL A 494 -3.23 -16.65 -10.62
N MET A 495 -3.13 -17.97 -10.73
CA MET A 495 -1.88 -18.70 -10.53
C MET A 495 -1.45 -19.32 -11.86
N GLN A 496 -0.19 -19.11 -12.23
CA GLN A 496 0.29 -19.46 -13.56
C GLN A 496 1.61 -20.20 -13.51
N ARG A 497 1.75 -21.20 -14.37
CA ARG A 497 3.00 -21.93 -14.57
C ARG A 497 3.03 -22.46 -15.99
N TRP A 498 4.22 -22.85 -16.45
CA TRP A 498 4.40 -23.40 -17.79
C TRP A 498 5.34 -24.60 -17.71
N SER A 499 5.22 -25.48 -18.70
CA SER A 499 6.09 -26.65 -18.82
C SER A 499 7.21 -26.36 -19.82
N SER A 500 8.03 -27.36 -20.09
CA SER A 500 9.16 -27.21 -20.99
C SER A 500 8.70 -27.00 -22.43
N SER A 501 9.46 -26.19 -23.16
CA SER A 501 9.16 -25.85 -24.55
C SER A 501 10.11 -26.51 -25.53
N ILE A 502 10.87 -27.51 -25.08
CA ILE A 502 11.86 -28.15 -25.96
C ILE A 502 11.18 -28.95 -27.06
N GLY A 503 9.90 -29.28 -26.86
CA GLY A 503 9.19 -30.03 -27.88
C GLY A 503 9.02 -29.27 -29.18
N LYS A 504 8.86 -27.95 -29.09
CA LYS A 504 8.65 -27.13 -30.28
C LYS A 504 9.91 -27.00 -31.13
N GLY A 505 11.09 -27.10 -30.51
CA GLY A 505 12.32 -27.04 -31.28
C GLY A 505 13.51 -26.88 -30.36
N ALA A 506 14.69 -27.09 -30.95
CA ALA A 506 15.94 -26.95 -30.19
C ALA A 506 16.20 -25.49 -29.83
N GLU A 507 15.71 -24.56 -30.67
CA GLU A 507 15.89 -23.15 -30.38
C GLU A 507 15.09 -22.70 -29.16
N PHE A 508 13.94 -23.33 -28.94
CA PHE A 508 13.03 -22.92 -27.87
C PHE A 508 13.49 -23.47 -26.52
N VAL B 12 4.29 -43.07 13.79
CA VAL B 12 3.17 -42.55 14.57
C VAL B 12 2.03 -43.56 14.58
N PRO B 13 1.59 -43.97 15.77
CA PRO B 13 0.52 -44.95 15.87
C PRO B 13 -0.83 -44.35 15.49
N ALA B 14 -1.75 -45.25 15.13
CA ALA B 14 -3.11 -44.84 14.82
C ALA B 14 -3.81 -44.30 16.06
N TYR B 15 -4.70 -43.33 15.85
CA TYR B 15 -5.37 -42.66 16.96
C TYR B 15 -6.58 -43.47 17.42
N THR B 16 -6.62 -43.78 18.71
CA THR B 16 -7.74 -44.47 19.32
C THR B 16 -8.11 -43.79 20.63
N SER B 17 -9.41 -43.65 20.87
CA SER B 17 -9.91 -43.03 22.09
C SER B 17 -11.42 -43.29 22.17
N ASP B 18 -11.90 -43.47 23.39
CA ASP B 18 -13.31 -43.77 23.60
C ASP B 18 -14.01 -42.77 24.54
N ALA B 19 -13.30 -41.75 25.01
CA ALA B 19 -13.92 -40.77 25.89
C ALA B 19 -14.88 -39.87 25.12
N ASP B 20 -15.86 -39.31 25.83
CA ASP B 20 -16.79 -38.37 25.24
C ASP B 20 -16.08 -37.07 24.88
N VAL B 21 -16.51 -36.47 23.77
CA VAL B 21 -15.93 -35.21 23.29
C VAL B 21 -16.81 -34.07 23.79
N GLY B 22 -16.22 -33.18 24.59
CA GLY B 22 -16.92 -32.07 25.19
C GLY B 22 -16.59 -30.74 24.57
N HIS B 23 -16.81 -29.67 25.34
CA HIS B 23 -16.58 -28.31 24.90
C HIS B 23 -15.31 -27.77 25.55
N TYR B 24 -14.95 -26.54 25.18
CA TYR B 24 -13.78 -25.87 25.73
C TYR B 24 -14.20 -24.51 26.27
N LEU B 25 -13.87 -24.23 27.52
CA LEU B 25 -14.26 -22.98 28.17
C LEU B 25 -13.19 -22.56 29.16
N ASP B 26 -12.89 -21.26 29.18
CA ASP B 26 -11.99 -20.67 30.18
C ASP B 26 -10.64 -21.38 30.21
N GLY B 27 -10.16 -21.78 29.03
CA GLY B 27 -8.88 -22.47 28.95
C GLY B 27 -8.86 -23.87 29.54
N ALA B 28 -10.00 -24.57 29.51
CA ALA B 28 -10.05 -25.93 30.02
C ALA B 28 -11.18 -26.68 29.34
N PRO B 29 -11.03 -27.98 29.11
CA PRO B 29 -12.15 -28.79 28.62
C PRO B 29 -13.25 -28.91 29.66
N VAL B 30 -14.49 -28.99 29.18
CA VAL B 30 -15.66 -29.14 30.03
C VAL B 30 -16.59 -30.17 29.41
N ALA B 31 -17.16 -31.04 30.24
CA ALA B 31 -18.09 -32.05 29.77
C ALA B 31 -19.45 -31.44 29.47
N GLY B 32 -20.18 -32.07 28.55
CA GLY B 32 -21.50 -31.57 28.19
C GLY B 32 -22.49 -31.72 29.32
N ARG B 33 -23.50 -30.85 29.30
CA ARG B 33 -24.52 -30.83 30.34
C ARG B 33 -25.95 -30.91 29.81
N SER B 34 -26.13 -30.92 28.49
CA SER B 34 -27.47 -30.98 27.94
C SER B 34 -28.08 -32.39 28.02
N GLY B 35 -27.24 -33.42 27.92
CA GLY B 35 -27.72 -34.78 27.91
C GLY B 35 -27.94 -35.38 26.52
N ARG B 36 -27.68 -34.62 25.47
CA ARG B 36 -27.84 -35.11 24.10
C ARG B 36 -26.47 -35.35 23.48
N PHE B 37 -26.33 -36.51 22.84
CA PHE B 37 -25.06 -36.92 22.24
C PHE B 37 -25.29 -37.42 20.82
N GLN B 38 -24.22 -37.43 20.05
CA GLN B 38 -24.23 -37.96 18.69
C GLN B 38 -23.02 -38.84 18.48
N ASP B 39 -23.21 -39.98 17.82
CA ASP B 39 -22.12 -40.93 17.60
C ASP B 39 -21.15 -40.39 16.56
N VAL B 40 -19.87 -40.75 16.73
CA VAL B 40 -18.80 -40.40 15.80
C VAL B 40 -18.24 -41.68 15.23
N PHE B 41 -18.19 -41.77 13.91
CA PHE B 41 -17.84 -43.00 13.22
C PHE B 41 -16.37 -43.00 12.81
N ASN B 42 -15.81 -44.21 12.71
CA ASN B 42 -14.56 -44.42 11.99
C ASN B 42 -14.95 -44.88 10.59
N PRO B 43 -14.76 -44.07 9.55
CA PRO B 43 -15.25 -44.45 8.22
C PRO B 43 -14.60 -45.71 7.67
N ALA B 44 -13.33 -45.98 8.00
CA ALA B 44 -12.67 -47.17 7.49
C ALA B 44 -13.22 -48.45 8.12
N LEU B 45 -13.78 -48.36 9.33
CA LEU B 45 -14.36 -49.52 10.00
C LEU B 45 -15.87 -49.61 9.84
N GLY B 46 -16.55 -48.48 9.59
CA GLY B 46 -17.99 -48.49 9.42
C GLY B 46 -18.79 -48.56 10.70
N ARG B 47 -18.18 -48.30 11.85
CA ARG B 47 -18.88 -48.36 13.13
C ARG B 47 -18.49 -47.16 13.98
N ALA B 48 -19.38 -46.83 14.92
CA ALA B 48 -19.13 -45.72 15.83
C ALA B 48 -18.07 -46.09 16.87
N VAL B 49 -17.28 -45.09 17.27
CA VAL B 49 -16.20 -45.31 18.22
C VAL B 49 -16.27 -44.39 19.43
N ARG B 50 -17.00 -43.28 19.36
CA ARG B 50 -17.10 -42.35 20.48
C ARG B 50 -18.36 -41.50 20.30
N ARG B 51 -18.56 -40.57 21.23
CA ARG B 51 -19.71 -39.68 21.20
C ARG B 51 -19.24 -38.24 21.31
N VAL B 52 -20.08 -37.32 20.82
CA VAL B 52 -19.85 -35.89 20.95
C VAL B 52 -21.12 -35.26 21.53
N ALA B 53 -20.95 -34.38 22.51
CA ALA B 53 -22.08 -33.71 23.13
C ALA B 53 -22.59 -32.57 22.23
N LEU B 54 -23.88 -32.31 22.33
CA LEU B 54 -24.55 -31.26 21.56
C LEU B 54 -24.98 -30.16 22.53
N ALA B 55 -24.30 -29.02 22.45
CA ALA B 55 -24.51 -27.95 23.42
C ALA B 55 -25.90 -27.33 23.29
N GLY B 56 -26.46 -26.94 24.43
CA GLY B 56 -27.71 -26.20 24.47
C GLY B 56 -27.49 -24.70 24.41
N ASN B 57 -28.57 -23.96 24.63
CA ASN B 57 -28.50 -22.51 24.61
C ASN B 57 -27.69 -21.96 25.76
N ASP B 58 -27.79 -22.58 26.94
CA ASP B 58 -27.09 -22.08 28.12
C ASP B 58 -25.58 -22.18 27.96
N GLU B 59 -25.09 -23.27 27.37
CA GLU B 59 -23.65 -23.43 27.19
C GLU B 59 -23.11 -22.45 26.14
N VAL B 60 -23.88 -22.19 25.10
CA VAL B 60 -23.50 -21.17 24.12
C VAL B 60 -23.44 -19.80 24.78
N GLU B 61 -24.43 -19.48 25.61
CA GLU B 61 -24.43 -18.21 26.31
C GLU B 61 -23.24 -18.10 27.25
N ARG B 62 -22.88 -19.20 27.92
CA ARG B 62 -21.73 -19.19 28.80
C ARG B 62 -20.44 -18.92 28.02
N ALA B 63 -20.28 -19.56 26.86
CA ALA B 63 -19.10 -19.32 26.04
C ALA B 63 -19.03 -17.87 25.56
N VAL B 64 -20.17 -17.32 25.12
CA VAL B 64 -20.19 -15.95 24.65
C VAL B 64 -19.86 -14.98 25.79
N ALA B 65 -20.40 -15.24 26.98
CA ALA B 65 -20.10 -14.39 28.13
C ALA B 65 -18.63 -14.43 28.49
N SER B 66 -18.02 -15.61 28.45
CA SER B 66 -16.59 -15.73 28.73
C SER B 66 -15.77 -14.93 27.72
N ALA B 67 -16.12 -15.05 26.43
CA ALA B 67 -15.39 -14.31 25.40
C ALA B 67 -15.55 -12.80 25.58
N ARG B 68 -16.77 -12.35 25.91
CA ARG B 68 -16.98 -10.92 26.10
C ARG B 68 -16.23 -10.40 27.31
N ALA B 69 -16.16 -11.20 28.38
CA ALA B 69 -15.39 -10.79 29.54
C ALA B 69 -13.91 -10.69 29.20
N ALA B 70 -13.39 -11.61 28.38
CA ALA B 70 -11.97 -11.58 28.03
C ALA B 70 -11.61 -10.54 26.98
N PHE B 71 -12.59 -10.01 26.23
CA PHE B 71 -12.28 -9.15 25.10
C PHE B 71 -11.48 -7.88 25.45
N PRO B 72 -11.86 -7.06 26.44
CA PRO B 72 -11.18 -5.76 26.59
C PRO B 72 -9.68 -5.84 26.85
N ALA B 73 -9.25 -6.74 27.75
CA ALA B 73 -7.83 -6.85 28.05
C ALA B 73 -7.04 -7.33 26.83
N TRP B 74 -7.59 -8.27 26.08
CA TRP B 74 -6.93 -8.75 24.87
C TRP B 74 -6.85 -7.66 23.81
N ALA B 75 -7.89 -6.84 23.71
CA ALA B 75 -7.88 -5.74 22.75
C ALA B 75 -6.87 -4.67 23.14
N ASP B 76 -6.69 -4.42 24.43
CA ASP B 76 -5.71 -3.44 24.90
C ASP B 76 -4.27 -3.91 24.75
N THR B 77 -4.05 -5.19 24.49
CA THR B 77 -2.69 -5.70 24.34
C THR B 77 -2.07 -5.18 23.04
N PRO B 78 -0.81 -4.74 23.08
CA PRO B 78 -0.16 -4.30 21.84
C PRO B 78 -0.11 -5.43 20.83
N PRO B 79 -0.22 -5.11 19.53
CA PRO B 79 -0.24 -6.17 18.51
C PRO B 79 1.01 -7.04 18.48
N ILE B 80 2.18 -6.52 18.86
CA ILE B 80 3.40 -7.31 18.80
C ILE B 80 3.36 -8.46 19.82
N ARG B 81 2.78 -8.24 21.00
CA ARG B 81 2.68 -9.31 21.98
C ARG B 81 1.68 -10.39 21.54
N ARG B 82 0.58 -9.99 20.91
CA ARG B 82 -0.33 -10.96 20.33
C ARG B 82 0.36 -11.77 19.23
N ALA B 83 1.17 -11.11 18.41
CA ALA B 83 1.93 -11.81 17.39
C ALA B 83 2.91 -12.80 18.00
N ARG B 84 3.52 -12.45 19.14
CA ARG B 84 4.43 -13.38 19.80
C ARG B 84 3.70 -14.60 20.36
N VAL B 85 2.48 -14.38 20.88
CA VAL B 85 1.67 -15.52 21.29
C VAL B 85 1.38 -16.44 20.10
N LEU B 86 1.02 -15.85 18.95
CA LEU B 86 0.80 -16.65 17.76
C LEU B 86 2.07 -17.36 17.29
N HIS B 87 3.23 -16.74 17.50
CA HIS B 87 4.50 -17.35 17.15
C HIS B 87 4.77 -18.60 17.98
N ARG B 88 4.52 -18.52 19.29
CA ARG B 88 4.65 -19.70 20.14
C ARG B 88 3.66 -20.78 19.71
N PHE B 89 2.43 -20.39 19.36
CA PHE B 89 1.46 -21.35 18.88
C PHE B 89 1.94 -22.03 17.60
N LEU B 90 2.58 -21.28 16.70
CA LEU B 90 3.12 -21.85 15.48
C LEU B 90 4.20 -22.88 15.79
N GLN B 91 5.08 -22.57 16.74
CA GLN B 91 6.10 -23.55 17.14
C GLN B 91 5.45 -24.82 17.65
N LEU B 92 4.44 -24.68 18.50
CA LEU B 92 3.76 -25.86 19.04
C LEU B 92 3.07 -26.66 17.94
N MET B 93 2.45 -25.98 16.98
CA MET B 93 1.78 -26.67 15.87
C MET B 93 2.78 -27.46 15.04
N ASN B 94 3.95 -26.87 14.77
CA ASN B 94 4.99 -27.61 14.05
C ASN B 94 5.48 -28.79 14.86
N GLU B 95 5.46 -28.69 16.19
CA GLU B 95 5.94 -29.80 17.01
C GLU B 95 5.03 -31.01 16.93
N HIS B 96 3.71 -30.82 16.91
CA HIS B 96 2.74 -31.90 17.06
C HIS B 96 1.91 -32.11 15.80
N ARG B 97 2.51 -32.02 14.61
CA ARG B 97 1.72 -32.09 13.39
C ARG B 97 1.28 -33.52 13.09
N ASP B 98 2.13 -34.52 13.38
CA ASP B 98 1.79 -35.90 13.06
C ASP B 98 0.63 -36.41 13.91
N THR B 99 0.58 -36.01 15.19
CA THR B 99 -0.54 -36.43 16.03
C THR B 99 -1.86 -35.87 15.52
N LEU B 100 -1.87 -34.59 15.14
CA LEU B 100 -3.08 -33.98 14.58
C LEU B 100 -3.48 -34.66 13.27
N ALA B 101 -2.49 -34.96 12.42
CA ALA B 101 -2.78 -35.64 11.17
C ALA B 101 -3.37 -37.03 11.41
N ALA B 102 -2.85 -37.75 12.41
CA ALA B 102 -3.39 -39.06 12.74
C ALA B 102 -4.82 -38.96 13.25
N ILE B 103 -5.11 -37.94 14.06
CA ILE B 103 -6.48 -37.73 14.52
C ILE B 103 -7.42 -37.47 13.34
N ILE B 104 -6.98 -36.61 12.41
CA ILE B 104 -7.80 -36.28 11.25
C ILE B 104 -8.03 -37.51 10.39
N THR B 105 -6.99 -38.33 10.18
CA THR B 105 -7.17 -39.55 9.42
C THR B 105 -8.14 -40.51 10.11
N ALA B 106 -8.04 -40.62 11.44
CA ALA B 106 -8.93 -41.52 12.17
C ALA B 106 -10.38 -41.10 12.05
N GLU B 107 -10.66 -39.80 12.13
CA GLU B 107 -12.06 -39.38 12.13
C GLU B 107 -12.59 -39.06 10.73
N HIS B 108 -11.84 -38.27 9.94
CA HIS B 108 -12.30 -37.90 8.61
C HIS B 108 -12.22 -39.07 7.64
N GLY B 109 -11.10 -39.79 7.67
CA GLY B 109 -10.90 -40.93 6.78
C GLY B 109 -10.01 -40.69 5.59
N LYS B 110 -9.39 -39.50 5.47
CA LYS B 110 -8.50 -39.24 4.36
C LYS B 110 -7.14 -39.92 4.57
N VAL B 111 -6.32 -39.90 3.52
CA VAL B 111 -4.98 -40.48 3.59
C VAL B 111 -4.12 -39.67 4.55
N PHE B 112 -3.14 -40.35 5.17
CA PHE B 112 -2.29 -39.70 6.16
C PHE B 112 -1.49 -38.55 5.57
N SER B 113 -0.94 -38.74 4.37
CA SER B 113 -0.20 -37.66 3.72
C SER B 113 -1.10 -36.47 3.38
N ASP B 114 -2.35 -36.73 3.03
CA ASP B 114 -3.30 -35.65 2.78
C ASP B 114 -3.56 -34.84 4.05
N ALA B 115 -3.69 -35.52 5.19
CA ALA B 115 -3.86 -34.82 6.46
C ALA B 115 -2.62 -34.00 6.81
N GLN B 116 -1.43 -34.54 6.54
CA GLN B 116 -0.21 -33.76 6.75
C GLN B 116 -0.19 -32.51 5.89
N GLY B 117 -0.63 -32.63 4.63
CA GLY B 117 -0.72 -31.46 3.77
C GLY B 117 -1.72 -30.43 4.28
N GLU B 118 -2.85 -30.90 4.80
CA GLU B 118 -3.82 -29.98 5.38
C GLU B 118 -3.25 -29.21 6.57
N VAL B 119 -2.53 -29.91 7.45
CA VAL B 119 -1.91 -29.25 8.59
C VAL B 119 -0.88 -28.23 8.12
N ALA B 120 -0.09 -28.57 7.10
CA ALA B 120 0.88 -27.63 6.56
C ALA B 120 0.19 -26.38 5.99
N ARG B 121 -0.92 -26.58 5.28
CA ARG B 121 -1.63 -25.43 4.73
C ARG B 121 -2.20 -24.53 5.81
N GLY B 122 -2.66 -25.10 6.94
CA GLY B 122 -3.06 -24.27 8.06
C GLY B 122 -1.90 -23.52 8.69
N ILE B 123 -0.76 -24.18 8.80
CA ILE B 123 0.45 -23.55 9.35
C ILE B 123 0.87 -22.36 8.48
N ASP B 124 0.64 -22.44 7.17
CA ASP B 124 0.95 -21.31 6.30
C ASP B 124 0.13 -20.07 6.68
N ILE B 125 -1.16 -20.25 6.95
CA ILE B 125 -2.00 -19.12 7.34
C ILE B 125 -1.55 -18.57 8.69
N ILE B 126 -1.15 -19.45 9.61
CA ILE B 126 -0.63 -18.98 10.89
C ILE B 126 0.65 -18.15 10.68
N GLU B 127 1.52 -18.61 9.77
CA GLU B 127 2.73 -17.86 9.46
C GLU B 127 2.41 -16.47 8.93
N PHE B 128 1.42 -16.37 8.04
CA PHE B 128 1.00 -15.06 7.55
C PHE B 128 0.47 -14.19 8.69
N ALA B 129 -0.34 -14.77 9.57
CA ALA B 129 -0.95 -13.99 10.66
C ALA B 129 0.08 -13.51 11.66
N CYS B 130 1.25 -14.16 11.75
CA CYS B 130 2.27 -13.70 12.67
C CYS B 130 2.78 -12.30 12.35
N GLY B 131 2.54 -11.79 11.15
CA GLY B 131 3.02 -10.48 10.76
C GLY B 131 1.97 -9.40 10.78
N VAL B 132 1.11 -9.40 11.79
CA VAL B 132 -0.03 -8.49 11.89
C VAL B 132 0.34 -7.04 12.17
N PRO B 133 1.43 -6.71 12.89
CA PRO B 133 1.74 -5.28 13.09
C PRO B 133 1.93 -4.52 11.79
N GLN B 134 2.53 -5.16 10.78
CA GLN B 134 2.66 -4.52 9.47
C GLN B 134 1.30 -4.34 8.81
N LEU B 135 0.40 -5.31 8.96
CA LEU B 135 -0.89 -5.27 8.28
C LEU B 135 -1.84 -4.25 8.86
N LEU B 136 -1.64 -3.83 10.11
CA LEU B 136 -2.52 -2.89 10.78
C LEU B 136 -2.09 -1.44 10.61
N LYS B 137 -1.36 -1.13 9.56
CA LYS B 137 -0.96 0.25 9.30
C LYS B 137 -2.15 1.07 8.80
N GLY B 138 -2.38 2.22 9.43
CA GLY B 138 -3.37 3.16 8.95
C GLY B 138 -2.76 4.21 8.04
N ASP B 139 -3.58 5.16 7.65
CA ASP B 139 -3.17 6.24 6.77
C ASP B 139 -3.14 7.56 7.55
N PHE B 140 -2.04 8.29 7.42
CA PHE B 140 -1.85 9.58 8.07
C PHE B 140 -1.64 10.64 6.99
N THR B 141 -2.41 11.72 7.04
CA THR B 141 -2.26 12.83 6.13
C THR B 141 -2.13 14.13 6.93
N ASP B 142 -1.11 14.91 6.59
CA ASP B 142 -0.75 16.13 7.29
C ASP B 142 -1.21 17.33 6.49
N GLN B 143 -1.79 18.31 7.18
CA GLN B 143 -2.18 19.59 6.58
C GLN B 143 -3.20 19.38 5.45
N VAL B 144 -4.29 18.69 5.77
CA VAL B 144 -5.37 18.56 4.79
C VAL B 144 -6.00 19.93 4.52
N SER B 145 -6.10 20.75 5.56
CA SER B 145 -6.27 22.20 5.44
C SER B 145 -5.27 22.83 6.40
N THR B 146 -5.31 24.16 6.51
CA THR B 146 -4.32 24.87 7.30
C THR B 146 -4.52 24.56 8.78
N GLY B 147 -3.61 23.76 9.34
CA GLY B 147 -3.62 23.43 10.75
C GLY B 147 -4.42 22.22 11.15
N ILE B 148 -4.84 21.38 10.21
CA ILE B 148 -5.68 20.23 10.49
C ILE B 148 -5.03 18.97 9.93
N ASP B 149 -4.96 17.92 10.73
CA ASP B 149 -4.43 16.62 10.30
C ASP B 149 -5.54 15.58 10.33
N ASN B 150 -5.38 14.53 9.53
CA ASN B 150 -6.42 13.50 9.44
C ASN B 150 -5.79 12.13 9.30
N TRP B 151 -6.15 11.20 10.19
CA TRP B 151 -5.61 9.85 10.09
C TRP B 151 -6.67 8.82 10.42
N THR B 152 -6.50 7.63 9.85
CA THR B 152 -7.41 6.51 10.04
C THR B 152 -6.71 5.35 10.71
N MET B 153 -7.49 4.53 11.41
CA MET B 153 -7.00 3.30 12.00
C MET B 153 -8.12 2.27 11.98
N ARG B 154 -7.77 1.02 12.25
CA ARG B 154 -8.74 -0.07 12.27
C ARG B 154 -8.69 -0.75 13.63
N GLN B 155 -9.86 -1.00 14.21
CA GLN B 155 -10.00 -1.51 15.56
C GLN B 155 -10.85 -2.78 15.58
N PRO B 156 -10.65 -3.64 16.57
CA PRO B 156 -11.38 -4.91 16.60
C PRO B 156 -12.86 -4.73 16.86
N LEU B 157 -13.63 -5.72 16.41
CA LEU B 157 -15.09 -5.70 16.54
C LEU B 157 -15.57 -6.17 17.91
N GLY B 158 -15.00 -7.25 18.44
CA GLY B 158 -15.48 -7.83 19.67
C GLY B 158 -15.46 -9.35 19.65
N VAL B 159 -16.63 -9.97 19.83
CA VAL B 159 -16.75 -11.43 19.81
C VAL B 159 -17.17 -11.86 18.41
N VAL B 160 -16.42 -12.78 17.81
CA VAL B 160 -16.73 -13.30 16.49
C VAL B 160 -16.94 -14.81 16.59
N ALA B 161 -17.73 -15.34 15.66
CA ALA B 161 -18.08 -16.75 15.65
C ALA B 161 -17.70 -17.39 14.31
N GLY B 162 -17.25 -18.62 14.36
CA GLY B 162 -16.88 -19.36 13.17
C GLY B 162 -17.55 -20.71 13.10
N ILE B 163 -18.02 -21.07 11.91
CA ILE B 163 -18.72 -22.33 11.67
C ILE B 163 -18.03 -23.03 10.50
N THR B 164 -17.57 -24.26 10.72
CA THR B 164 -16.68 -24.95 9.80
C THR B 164 -17.24 -26.30 9.36
N PRO B 165 -16.86 -26.79 8.17
CA PRO B 165 -17.39 -28.07 7.69
C PRO B 165 -16.57 -29.28 8.11
N PHE B 166 -16.92 -30.47 7.62
CA PHE B 166 -16.24 -31.69 8.03
C PHE B 166 -14.96 -31.97 7.24
N ASN B 167 -14.90 -31.54 5.98
CA ASN B 167 -13.81 -31.99 5.11
C ASN B 167 -12.46 -31.39 5.47
N PHE B 168 -12.42 -30.25 6.14
CA PHE B 168 -11.17 -29.65 6.63
C PHE B 168 -11.33 -29.25 8.09
N PRO B 169 -11.25 -30.23 9.00
CA PRO B 169 -11.42 -29.92 10.43
C PRO B 169 -10.30 -29.09 11.03
N CYS B 170 -9.20 -28.87 10.31
CA CYS B 170 -8.08 -28.08 10.81
C CYS B 170 -7.81 -26.84 9.97
N MET B 171 -7.83 -26.95 8.63
CA MET B 171 -7.40 -25.84 7.79
C MET B 171 -8.43 -24.71 7.78
N VAL B 172 -9.72 -25.03 7.66
CA VAL B 172 -10.75 -23.99 7.64
C VAL B 172 -10.79 -23.21 8.95
N PRO B 173 -10.73 -23.83 10.13
CA PRO B 173 -10.61 -23.02 11.35
C PRO B 173 -9.37 -22.15 11.38
N CYS B 174 -8.28 -22.58 10.75
CA CYS B 174 -7.08 -21.76 10.65
C CYS B 174 -7.25 -20.64 9.63
N TRP B 175 -8.24 -20.75 8.74
CA TRP B 175 -8.58 -19.61 7.90
C TRP B 175 -9.15 -18.46 8.71
N MET B 176 -9.75 -18.76 9.86
CA MET B 176 -10.54 -17.78 10.61
C MET B 176 -9.86 -17.32 11.89
N PHE B 177 -9.54 -18.23 12.81
CA PHE B 177 -9.20 -17.78 14.16
C PHE B 177 -7.84 -17.10 14.28
N PRO B 178 -6.80 -17.49 13.53
CA PRO B 178 -5.52 -16.76 13.68
C PRO B 178 -5.61 -15.28 13.35
N VAL B 179 -6.23 -14.91 12.24
CA VAL B 179 -6.33 -13.50 11.86
C VAL B 179 -7.22 -12.75 12.85
N ALA B 180 -8.33 -13.37 13.26
CA ALA B 180 -9.24 -12.73 14.21
C ALA B 180 -8.56 -12.47 15.54
N LEU B 181 -7.76 -13.42 16.03
CA LEU B 181 -7.02 -13.21 17.27
C LEU B 181 -5.93 -12.18 17.10
N ALA B 182 -5.27 -12.18 15.93
CA ALA B 182 -4.19 -11.20 15.70
C ALA B 182 -4.73 -9.78 15.68
N THR B 183 -5.90 -9.58 15.09
CA THR B 183 -6.48 -8.23 15.02
C THR B 183 -7.09 -7.78 16.35
N GLY B 184 -7.21 -8.66 17.34
CA GLY B 184 -7.66 -8.30 18.65
C GLY B 184 -9.07 -8.72 19.05
N ASN B 185 -9.62 -9.76 18.45
CA ASN B 185 -10.95 -10.24 18.77
C ASN B 185 -10.88 -11.50 19.62
N THR B 186 -12.02 -11.87 20.19
CA THR B 186 -12.20 -13.15 20.86
C THR B 186 -13.06 -14.06 19.98
N PHE B 187 -12.82 -15.36 20.08
CA PHE B 187 -13.36 -16.32 19.12
C PHE B 187 -14.13 -17.43 19.83
N VAL B 188 -15.29 -17.77 19.27
CA VAL B 188 -16.06 -18.95 19.65
C VAL B 188 -16.24 -19.80 18.40
N LEU B 189 -15.80 -21.05 18.47
CA LEU B 189 -15.78 -21.96 17.33
C LEU B 189 -16.88 -23.01 17.48
N LYS B 190 -17.59 -23.28 16.38
CA LYS B 190 -18.59 -24.34 16.31
C LYS B 190 -18.14 -25.32 15.22
N PRO B 191 -17.38 -26.35 15.58
CA PRO B 191 -16.87 -27.29 14.57
C PRO B 191 -17.95 -28.24 14.09
N SER B 192 -17.65 -28.91 12.99
CA SER B 192 -18.52 -29.98 12.50
C SER B 192 -18.53 -31.14 13.49
N GLU B 193 -19.73 -31.67 13.74
CA GLU B 193 -19.90 -32.74 14.73
C GLU B 193 -19.39 -34.09 14.25
N ARG B 194 -19.05 -34.22 12.96
CA ARG B 194 -18.57 -35.49 12.45
C ARG B 194 -17.13 -35.77 12.84
N ASP B 195 -16.33 -34.73 13.11
CA ASP B 195 -14.93 -34.91 13.52
C ASP B 195 -14.50 -33.71 14.36
N PRO B 196 -14.90 -33.68 15.64
CA PRO B 196 -14.66 -32.50 16.46
C PRO B 196 -13.34 -32.49 17.24
N SER B 197 -12.71 -33.65 17.39
CA SER B 197 -11.60 -33.79 18.32
C SER B 197 -10.46 -32.84 17.99
N ALA B 198 -10.16 -32.68 16.70
CA ALA B 198 -9.05 -31.81 16.28
C ALA B 198 -9.20 -30.42 16.87
N ALA B 199 -10.43 -29.88 16.89
CA ALA B 199 -10.65 -28.55 17.44
C ALA B 199 -10.16 -28.46 18.87
N LEU B 200 -10.56 -29.44 19.70
CA LEU B 200 -10.12 -29.44 21.09
C LEU B 200 -8.61 -29.51 21.18
N PHE B 201 -7.99 -30.34 20.34
CA PHE B 201 -6.54 -30.42 20.32
C PHE B 201 -5.94 -29.04 20.10
N ILE B 202 -6.45 -28.33 19.10
CA ILE B 202 -5.94 -27.01 18.78
C ILE B 202 -6.10 -26.07 19.97
N ALA B 203 -7.27 -26.14 20.62
CA ALA B 203 -7.51 -25.27 21.76
C ALA B 203 -6.48 -25.51 22.85
N ASP B 204 -6.16 -26.79 23.11
CA ASP B 204 -5.16 -27.10 24.12
C ASP B 204 -3.82 -26.47 23.75
N LEU B 205 -3.44 -26.58 22.48
CA LEU B 205 -2.18 -25.97 22.06
C LEU B 205 -2.22 -24.46 22.26
N LEU B 206 -3.36 -23.83 21.96
CA LEU B 206 -3.47 -22.39 22.17
C LEU B 206 -3.30 -22.02 23.63
N THR B 207 -3.76 -22.88 24.54
CA THR B 207 -3.54 -22.61 25.95
C THR B 207 -2.08 -22.80 26.34
N GLN B 208 -1.39 -23.74 25.71
CA GLN B 208 0.02 -23.95 26.06
C GLN B 208 0.92 -22.83 25.56
N ALA B 209 0.47 -22.03 24.60
CA ALA B 209 1.26 -20.95 24.04
C ALA B 209 1.14 -19.64 24.83
N GLY B 210 0.36 -19.62 25.90
CA GLY B 210 0.21 -18.43 26.70
C GLY B 210 -1.00 -17.58 26.40
N LEU B 211 -1.95 -18.08 25.64
CA LEU B 211 -3.17 -17.32 25.35
C LEU B 211 -4.01 -17.18 26.62
N PRO B 212 -4.48 -15.97 26.95
CA PRO B 212 -5.30 -15.81 28.15
C PRO B 212 -6.62 -16.56 28.05
N ALA B 213 -7.14 -16.95 29.21
CA ALA B 213 -8.37 -17.73 29.27
C ALA B 213 -9.56 -16.93 28.77
N GLY B 214 -10.43 -17.59 28.02
CA GLY B 214 -11.62 -16.98 27.48
C GLY B 214 -11.48 -16.36 26.11
N VAL B 215 -10.26 -16.23 25.59
CA VAL B 215 -10.07 -15.64 24.28
C VAL B 215 -10.51 -16.58 23.17
N PHE B 216 -10.33 -17.89 23.36
CA PHE B 216 -10.72 -18.89 22.37
C PHE B 216 -11.57 -19.95 23.06
N ASN B 217 -12.80 -20.12 22.60
CA ASN B 217 -13.73 -21.10 23.17
C ASN B 217 -14.28 -21.99 22.06
N VAL B 218 -14.66 -23.22 22.44
CA VAL B 218 -15.20 -24.20 21.51
C VAL B 218 -16.53 -24.71 22.06
N VAL B 219 -17.54 -24.75 21.21
CA VAL B 219 -18.83 -25.38 21.53
C VAL B 219 -19.17 -26.38 20.44
N GLN B 220 -19.53 -27.59 20.84
CA GLN B 220 -19.94 -28.63 19.91
C GLN B 220 -21.46 -28.64 19.77
N GLY B 221 -21.93 -29.01 18.59
CA GLY B 221 -23.38 -29.07 18.45
C GLY B 221 -23.80 -29.16 16.98
N ASP B 222 -24.99 -28.65 16.72
CA ASP B 222 -25.69 -28.80 15.44
C ASP B 222 -26.50 -27.54 15.21
N LYS B 223 -27.54 -27.64 14.38
CA LYS B 223 -28.33 -26.49 13.97
C LYS B 223 -28.82 -25.66 15.16
N GLY B 224 -29.12 -26.31 16.29
CA GLY B 224 -29.57 -25.58 17.46
C GLY B 224 -28.52 -24.64 18.00
N ALA B 225 -27.28 -25.13 18.13
CA ALA B 225 -26.18 -24.28 18.57
C ALA B 225 -25.90 -23.17 17.59
N VAL B 226 -26.01 -23.46 16.29
CA VAL B 226 -25.79 -22.43 15.27
C VAL B 226 -26.83 -21.32 15.40
N ASP B 227 -28.09 -21.70 15.60
CA ASP B 227 -29.14 -20.70 15.77
C ASP B 227 -28.92 -19.88 17.04
N ALA B 228 -28.49 -20.55 18.12
CA ALA B 228 -28.19 -19.82 19.36
C ALA B 228 -27.06 -18.81 19.14
N LEU B 229 -26.03 -19.19 18.38
CA LEU B 229 -24.95 -18.26 18.08
C LEU B 229 -25.44 -17.10 17.20
N LEU B 230 -26.27 -17.40 16.21
CA LEU B 230 -26.74 -16.36 15.29
C LEU B 230 -27.70 -15.39 15.95
N ASP B 231 -28.41 -15.81 17.00
CA ASP B 231 -29.35 -14.93 17.66
C ASP B 231 -28.76 -14.13 18.81
N HIS B 232 -27.52 -14.40 19.22
CA HIS B 232 -26.97 -13.78 20.42
C HIS B 232 -26.61 -12.32 20.14
N PRO B 233 -27.09 -11.37 20.95
CA PRO B 233 -26.80 -9.96 20.69
C PRO B 233 -25.35 -9.54 20.96
N ASP B 234 -24.56 -10.36 21.64
CA ASP B 234 -23.18 -10.00 21.94
C ASP B 234 -22.18 -10.48 20.89
N VAL B 235 -22.65 -11.11 19.82
CA VAL B 235 -21.79 -11.57 18.73
C VAL B 235 -21.81 -10.53 17.64
N GLN B 236 -20.63 -10.16 17.13
CA GLN B 236 -20.49 -9.09 16.15
C GLN B 236 -20.36 -9.60 14.72
N ALA B 237 -19.60 -10.66 14.50
CA ALA B 237 -19.32 -11.15 13.15
C ALA B 237 -19.45 -12.67 13.10
N VAL B 238 -19.83 -13.18 11.94
CA VAL B 238 -19.99 -14.60 11.70
C VAL B 238 -19.25 -14.98 10.42
N SER B 239 -18.42 -16.01 10.51
CA SER B 239 -17.79 -16.63 9.35
C SER B 239 -18.30 -18.05 9.22
N PHE B 240 -18.69 -18.44 8.01
CA PHE B 240 -19.29 -19.74 7.76
C PHE B 240 -18.68 -20.37 6.52
N VAL B 241 -18.39 -21.66 6.60
CA VAL B 241 -17.98 -22.44 5.43
C VAL B 241 -18.85 -23.69 5.35
N GLY B 242 -19.42 -23.94 4.18
CA GLY B 242 -20.32 -25.07 4.02
C GLY B 242 -20.99 -25.05 2.65
N SER B 243 -22.14 -25.71 2.57
CA SER B 243 -22.88 -25.80 1.33
C SER B 243 -23.67 -24.51 1.07
N THR B 244 -24.12 -24.36 -0.18
CA THR B 244 -24.80 -23.13 -0.59
C THR B 244 -26.11 -22.88 0.14
N PRO B 245 -27.05 -23.83 0.26
CA PRO B 245 -28.30 -23.50 0.97
C PRO B 245 -28.10 -23.10 2.42
N ILE B 246 -27.21 -23.80 3.13
CA ILE B 246 -26.95 -23.44 4.52
C ILE B 246 -26.26 -22.09 4.61
N ALA B 247 -25.39 -21.78 3.65
CA ALA B 247 -24.75 -20.47 3.64
C ALA B 247 -25.76 -19.35 3.45
N ALA B 248 -26.72 -19.54 2.53
CA ALA B 248 -27.75 -18.53 2.33
C ALA B 248 -28.62 -18.38 3.58
N TYR B 249 -28.99 -19.49 4.21
CA TYR B 249 -29.78 -19.43 5.44
C TYR B 249 -29.03 -18.69 6.54
N VAL B 250 -27.74 -19.00 6.72
CA VAL B 250 -26.93 -18.36 7.75
C VAL B 250 -26.81 -16.87 7.50
N GLN B 251 -26.56 -16.48 6.25
CA GLN B 251 -26.43 -15.06 5.94
C GLN B 251 -27.73 -14.32 6.22
N GLN B 252 -28.86 -14.89 5.81
CA GLN B 252 -30.14 -14.22 6.06
C GLN B 252 -30.39 -14.06 7.55
N ARG B 253 -30.21 -15.14 8.32
CA ARG B 253 -30.53 -15.07 9.74
C ARG B 253 -29.57 -14.16 10.49
N ALA B 254 -28.30 -14.11 10.10
CA ALA B 254 -27.36 -13.23 10.79
C ALA B 254 -27.55 -11.77 10.41
N VAL B 255 -27.90 -11.49 9.16
CA VAL B 255 -28.19 -10.11 8.76
C VAL B 255 -29.45 -9.62 9.44
N GLN B 256 -30.43 -10.50 9.65
CA GLN B 256 -31.68 -10.07 10.28
C GLN B 256 -31.45 -9.54 11.70
N SER B 257 -30.37 -9.96 12.36
CA SER B 257 -30.05 -9.50 13.70
C SER B 257 -28.95 -8.44 13.71
N GLY B 258 -28.54 -7.95 12.54
CA GLY B 258 -27.55 -6.89 12.47
C GLY B 258 -26.13 -7.30 12.75
N LYS B 259 -25.61 -8.26 12.01
CA LYS B 259 -24.24 -8.74 12.17
C LYS B 259 -23.51 -8.73 10.83
N ARG B 260 -22.19 -8.60 10.89
CA ARG B 260 -21.36 -8.84 9.71
C ARG B 260 -21.29 -10.33 9.43
N VAL B 261 -21.47 -10.71 8.16
CA VAL B 261 -21.52 -12.11 7.76
C VAL B 261 -20.60 -12.34 6.57
N GLN B 262 -19.86 -13.44 6.60
CA GLN B 262 -19.28 -13.99 5.38
C GLN B 262 -19.55 -15.49 5.37
N ALA B 263 -20.01 -16.00 4.23
CA ALA B 263 -20.41 -17.40 4.11
C ALA B 263 -19.94 -17.94 2.76
N LEU B 264 -19.25 -19.06 2.78
CA LEU B 264 -18.76 -19.69 1.57
C LEU B 264 -19.63 -20.90 1.22
N GLY B 265 -19.95 -21.04 -0.06
CA GLY B 265 -20.85 -22.08 -0.52
C GLY B 265 -20.19 -23.20 -1.30
N GLY B 266 -20.96 -23.86 -2.16
CA GLY B 266 -20.49 -25.00 -2.91
C GLY B 266 -19.76 -24.63 -4.19
N ALA B 267 -19.45 -25.65 -4.98
CA ALA B 267 -18.63 -25.47 -6.17
C ALA B 267 -18.93 -26.54 -7.21
N LYS B 268 -18.55 -26.24 -8.46
CA LYS B 268 -18.56 -27.21 -9.55
C LYS B 268 -17.44 -26.79 -10.51
N ASN B 269 -16.25 -27.32 -10.27
CA ASN B 269 -15.03 -26.81 -10.91
C ASN B 269 -14.75 -27.53 -12.22
N HIS B 270 -14.45 -26.75 -13.25
CA HIS B 270 -14.14 -27.24 -14.59
C HIS B 270 -12.65 -27.14 -14.86
N LEU B 271 -12.16 -28.08 -15.66
CA LEU B 271 -10.79 -28.05 -16.18
C LEU B 271 -10.85 -28.14 -17.70
N VAL B 272 -10.24 -27.18 -18.38
CA VAL B 272 -10.28 -27.09 -19.83
C VAL B 272 -8.95 -27.59 -20.39
N VAL B 273 -9.03 -28.48 -21.38
CA VAL B 273 -7.86 -29.02 -22.06
C VAL B 273 -7.87 -28.51 -23.50
N MET B 274 -6.86 -27.73 -23.86
CA MET B 274 -6.73 -27.18 -25.21
C MET B 274 -5.98 -28.16 -26.10
N PRO B 275 -6.14 -28.03 -27.43
CA PRO B 275 -5.44 -28.96 -28.33
C PRO B 275 -3.92 -28.92 -28.25
N ASP B 276 -3.34 -27.82 -27.75
CA ASP B 276 -1.90 -27.67 -27.68
C ASP B 276 -1.34 -27.94 -26.28
N ALA B 277 -2.13 -28.55 -25.40
CA ALA B 277 -1.69 -28.85 -24.06
C ALA B 277 -0.83 -30.11 -24.03
N ASN B 278 -0.09 -30.26 -22.93
CA ASN B 278 0.68 -31.48 -22.68
C ASN B 278 -0.26 -32.58 -22.19
N ILE B 279 -0.35 -33.68 -22.95
CA ILE B 279 -1.36 -34.69 -22.70
C ILE B 279 -1.09 -35.42 -21.39
N ASP B 280 0.16 -35.83 -21.17
CA ASP B 280 0.49 -36.61 -19.98
C ASP B 280 0.27 -35.80 -18.70
N GLN B 281 0.73 -34.54 -18.70
CA GLN B 281 0.53 -33.69 -17.53
C GLN B 281 -0.95 -33.41 -17.29
N ALA B 282 -1.71 -33.23 -18.37
CA ALA B 282 -3.16 -33.03 -18.23
C ALA B 282 -3.83 -34.26 -17.61
N VAL B 283 -3.44 -35.46 -18.06
CA VAL B 283 -4.02 -36.67 -17.49
C VAL B 283 -3.66 -36.81 -16.02
N ASP B 284 -2.40 -36.54 -15.67
CA ASP B 284 -1.99 -36.61 -14.27
C ASP B 284 -2.77 -35.61 -13.41
N ALA B 285 -2.91 -34.38 -13.91
CA ALA B 285 -3.65 -33.37 -13.16
C ALA B 285 -5.12 -33.77 -12.99
N LEU B 286 -5.74 -34.29 -14.04
CA LEU B 286 -7.13 -34.71 -13.94
C LEU B 286 -7.29 -35.81 -12.90
N ILE B 287 -6.43 -36.83 -12.96
CA ILE B 287 -6.53 -37.93 -12.01
C ILE B 287 -6.38 -37.42 -10.57
N GLY B 288 -5.32 -36.62 -10.33
CA GLY B 288 -5.09 -36.15 -8.98
C GLY B 288 -6.20 -35.26 -8.45
N ALA B 289 -6.56 -34.23 -9.23
CA ALA B 289 -7.55 -33.25 -8.78
C ALA B 289 -8.96 -33.81 -8.77
N ALA B 290 -9.22 -34.94 -9.44
CA ALA B 290 -10.54 -35.51 -9.39
C ALA B 290 -10.69 -36.60 -8.35
N TYR B 291 -9.61 -37.32 -8.00
CA TYR B 291 -9.74 -38.44 -7.08
C TYR B 291 -8.89 -38.29 -5.83
N GLY B 292 -8.35 -37.10 -5.55
CA GLY B 292 -7.73 -36.87 -4.26
C GLY B 292 -8.78 -36.59 -3.19
N SER B 293 -8.61 -37.24 -2.03
CA SER B 293 -9.54 -37.13 -0.91
C SER B 293 -10.95 -37.56 -1.29
N ALA B 294 -11.05 -38.49 -2.25
CA ALA B 294 -12.34 -39.03 -2.72
C ALA B 294 -13.27 -37.94 -3.23
N GLY B 295 -12.70 -36.88 -3.80
CA GLY B 295 -13.51 -35.82 -4.37
C GLY B 295 -14.21 -34.94 -3.36
N GLU B 296 -13.83 -35.01 -2.09
CA GLU B 296 -14.48 -34.24 -1.04
C GLU B 296 -13.71 -32.93 -0.78
N ARG B 297 -13.56 -32.15 -1.82
CA ARG B 297 -12.91 -30.84 -1.75
C ARG B 297 -13.72 -29.83 -2.54
N CYS B 298 -13.74 -28.59 -2.05
CA CYS B 298 -14.40 -27.52 -2.78
C CYS B 298 -13.65 -27.16 -4.07
N MET B 299 -12.35 -27.41 -4.12
CA MET B 299 -11.54 -27.12 -5.29
C MET B 299 -11.29 -28.34 -6.16
N ALA B 300 -12.00 -29.45 -5.90
CA ALA B 300 -11.87 -30.64 -6.72
C ALA B 300 -12.44 -30.40 -8.11
N ILE B 301 -11.78 -30.99 -9.11
CA ILE B 301 -12.28 -30.91 -10.49
C ILE B 301 -13.34 -31.97 -10.69
N SER B 302 -14.53 -31.55 -11.12
CA SER B 302 -15.62 -32.48 -11.36
C SER B 302 -16.07 -32.55 -12.82
N ILE B 303 -15.71 -31.57 -13.65
CA ILE B 303 -16.05 -31.57 -15.07
C ILE B 303 -14.78 -31.34 -15.87
N ALA B 304 -14.55 -32.19 -16.86
CA ALA B 304 -13.43 -32.04 -17.78
C ALA B 304 -13.96 -31.57 -19.13
N VAL B 305 -13.52 -30.40 -19.56
CA VAL B 305 -13.95 -29.80 -20.82
C VAL B 305 -12.88 -30.08 -21.87
N LEU B 306 -13.23 -30.83 -22.90
CA LEU B 306 -12.30 -31.26 -23.92
C LEU B 306 -12.60 -30.54 -25.23
N VAL B 307 -11.59 -29.92 -25.81
CA VAL B 307 -11.76 -29.03 -26.96
C VAL B 307 -11.11 -29.70 -28.17
N GLY B 308 -11.88 -29.87 -29.24
CA GLY B 308 -11.32 -30.37 -30.48
C GLY B 308 -11.18 -31.87 -30.46
N ASP B 309 -10.04 -32.35 -30.96
CA ASP B 309 -9.79 -33.78 -31.14
C ASP B 309 -8.98 -34.39 -30.01
N VAL B 310 -8.76 -33.66 -28.91
CA VAL B 310 -7.99 -34.22 -27.79
C VAL B 310 -8.79 -35.19 -26.94
N ALA B 311 -10.11 -35.24 -27.12
CA ALA B 311 -10.95 -36.10 -26.28
C ALA B 311 -10.53 -37.56 -26.40
N ASP B 312 -10.32 -38.04 -27.62
CA ASP B 312 -9.90 -39.41 -27.84
C ASP B 312 -8.51 -39.69 -27.27
N LYS B 313 -7.73 -38.66 -26.96
CA LYS B 313 -6.45 -38.84 -26.30
C LYS B 313 -6.52 -38.68 -24.79
N ILE B 314 -7.67 -38.32 -24.24
CA ILE B 314 -7.82 -38.06 -22.81
C ILE B 314 -8.65 -39.14 -22.13
N VAL B 315 -9.85 -39.42 -22.67
CA VAL B 315 -10.75 -40.37 -22.02
C VAL B 315 -10.17 -41.77 -21.91
N PRO B 316 -9.60 -42.36 -22.97
CA PRO B 316 -9.02 -43.71 -22.80
C PRO B 316 -7.90 -43.77 -21.77
N ALA B 317 -7.06 -42.73 -21.69
CA ALA B 317 -5.97 -42.74 -20.73
C ALA B 317 -6.49 -42.59 -19.30
N VAL B 318 -7.37 -41.61 -19.07
CA VAL B 318 -7.87 -41.35 -17.73
C VAL B 318 -8.56 -42.58 -17.17
N ALA B 319 -9.41 -43.22 -18.00
CA ALA B 319 -10.08 -44.44 -17.57
C ALA B 319 -9.08 -45.49 -17.12
N GLU B 320 -7.98 -45.64 -17.86
CA GLU B 320 -6.98 -46.63 -17.49
C GLU B 320 -6.37 -46.31 -16.13
N ARG B 321 -6.23 -45.02 -15.80
CA ARG B 321 -5.74 -44.67 -14.47
C ARG B 321 -6.82 -44.82 -13.41
N ALA B 322 -8.09 -44.71 -13.79
CA ALA B 322 -9.17 -44.77 -12.80
C ALA B 322 -9.37 -46.19 -12.27
N ARG B 323 -9.14 -47.21 -13.10
CA ARG B 323 -9.30 -48.59 -12.69
C ARG B 323 -8.16 -49.07 -11.80
N LYS B 324 -7.01 -48.40 -11.80
CA LYS B 324 -5.83 -48.86 -11.10
C LYS B 324 -5.61 -48.14 -9.77
N LEU B 325 -6.59 -47.38 -9.29
CA LEU B 325 -6.43 -46.68 -8.02
C LEU B 325 -6.38 -47.66 -6.87
N VAL B 326 -5.51 -47.37 -5.90
CA VAL B 326 -5.38 -48.19 -4.70
C VAL B 326 -6.26 -47.59 -3.60
N ILE B 327 -7.21 -48.37 -3.11
CA ILE B 327 -8.21 -47.89 -2.16
C ILE B 327 -8.15 -48.76 -0.92
N GLY B 328 -8.10 -48.12 0.25
CA GLY B 328 -8.04 -48.87 1.49
C GLY B 328 -8.02 -47.94 2.69
N ASP B 329 -7.56 -48.48 3.81
CA ASP B 329 -7.47 -47.73 5.04
C ASP B 329 -6.44 -46.61 4.91
N GLY B 330 -6.76 -45.45 5.50
CA GLY B 330 -5.95 -44.26 5.32
C GLY B 330 -4.56 -44.34 5.93
N MET B 331 -4.37 -45.21 6.92
CA MET B 331 -3.06 -45.35 7.56
C MET B 331 -2.11 -46.26 6.80
N SER B 332 -2.58 -46.95 5.78
CA SER B 332 -1.70 -47.77 4.95
C SER B 332 -0.91 -46.89 3.99
N PRO B 333 0.42 -46.98 3.97
CA PRO B 333 1.22 -46.04 3.15
C PRO B 333 0.91 -46.10 1.66
N GLU B 334 0.57 -47.27 1.11
CA GLU B 334 0.40 -47.41 -0.33
C GLU B 334 -0.99 -46.98 -0.81
N VAL B 335 -1.91 -46.68 0.09
CA VAL B 335 -3.27 -46.33 -0.28
C VAL B 335 -3.31 -44.91 -0.82
N GLU B 336 -4.01 -44.73 -1.94
CA GLU B 336 -4.17 -43.43 -2.57
C GLU B 336 -5.52 -42.77 -2.28
N MET B 337 -6.56 -43.55 -2.04
CA MET B 337 -7.89 -43.01 -1.75
C MET B 337 -8.51 -43.74 -0.58
N GLY B 338 -9.11 -42.97 0.34
CA GLY B 338 -9.78 -43.52 1.49
C GLY B 338 -11.28 -43.63 1.30
N PRO B 339 -12.01 -43.90 2.37
CA PRO B 339 -13.46 -44.07 2.28
C PRO B 339 -14.23 -42.76 2.40
N ILE B 340 -15.53 -42.86 2.18
CA ILE B 340 -16.44 -41.73 2.36
C ILE B 340 -16.70 -41.53 3.86
N VAL B 341 -17.11 -40.31 4.22
CA VAL B 341 -17.20 -39.94 5.63
C VAL B 341 -18.32 -40.71 6.33
N THR B 342 -19.48 -40.86 5.68
CA THR B 342 -20.61 -41.57 6.27
C THR B 342 -21.25 -42.47 5.22
N GLY B 343 -22.14 -43.35 5.68
CA GLY B 343 -22.86 -44.22 4.77
C GLY B 343 -23.96 -43.52 4.01
N GLU B 344 -24.57 -42.49 4.61
CA GLU B 344 -25.59 -41.72 3.91
C GLU B 344 -25.00 -40.98 2.72
N ALA B 345 -23.79 -40.42 2.88
CA ALA B 345 -23.12 -39.76 1.77
C ALA B 345 -22.81 -40.74 0.65
N LEU B 346 -22.35 -41.94 1.02
CA LEU B 346 -22.08 -42.97 0.01
C LEU B 346 -23.35 -43.34 -0.74
N LYS B 347 -24.47 -43.48 -0.02
CA LYS B 347 -25.74 -43.79 -0.66
C LYS B 347 -26.17 -42.68 -1.62
N ARG B 348 -25.97 -41.43 -1.21
CA ARG B 348 -26.32 -40.30 -2.07
C ARG B 348 -25.45 -40.26 -3.33
N ILE B 349 -24.16 -40.56 -3.19
CA ILE B 349 -23.27 -40.61 -4.35
C ILE B 349 -23.71 -41.72 -5.32
N GLU B 350 -24.06 -42.89 -4.77
CA GLU B 350 -24.54 -43.98 -5.62
C GLU B 350 -25.84 -43.59 -6.32
N GLY B 351 -26.73 -42.89 -5.62
CA GLY B 351 -27.93 -42.40 -6.26
C GLY B 351 -27.64 -41.44 -7.39
N TYR B 352 -26.65 -40.56 -7.21
CA TYR B 352 -26.24 -39.68 -8.30
C TYR B 352 -25.72 -40.47 -9.49
N ILE B 353 -24.95 -41.52 -9.25
CA ILE B 353 -24.44 -42.35 -10.34
C ILE B 353 -25.60 -43.02 -11.09
N GLU B 354 -26.57 -43.54 -10.35
CA GLU B 354 -27.74 -44.15 -10.99
C GLU B 354 -28.51 -43.13 -11.82
N GLN B 355 -28.69 -41.91 -11.29
CA GLN B 355 -29.36 -40.86 -12.04
C GLN B 355 -28.59 -40.53 -13.32
N GLY B 356 -27.27 -40.45 -13.23
CA GLY B 356 -26.47 -40.16 -14.41
C GLY B 356 -26.60 -41.23 -15.48
N VAL B 357 -26.66 -42.49 -15.06
CA VAL B 357 -26.90 -43.56 -16.02
C VAL B 357 -28.27 -43.43 -16.65
N ASN B 358 -29.28 -43.09 -15.84
CA ASN B 358 -30.66 -43.05 -16.34
C ASN B 358 -30.88 -41.93 -17.35
N GLU B 359 -30.14 -40.83 -17.25
CA GLU B 359 -30.39 -39.66 -18.07
C GLU B 359 -29.60 -39.63 -19.37
N GLY B 360 -28.83 -40.66 -19.67
CA GLY B 360 -28.20 -40.79 -20.98
C GLY B 360 -26.69 -40.65 -21.02
N ALA B 361 -26.04 -40.31 -19.93
CA ALA B 361 -24.58 -40.23 -19.93
C ALA B 361 -23.96 -41.62 -20.02
N GLN B 362 -22.83 -41.71 -20.72
CA GLN B 362 -22.14 -42.97 -20.90
C GLN B 362 -21.27 -43.26 -19.69
N LEU B 363 -21.46 -44.42 -19.07
CA LEU B 363 -20.72 -44.80 -17.87
C LEU B 363 -19.47 -45.56 -18.31
N VAL B 364 -18.37 -44.81 -18.50
CA VAL B 364 -17.12 -45.43 -18.92
C VAL B 364 -16.54 -46.30 -17.82
N VAL B 365 -16.46 -45.77 -16.59
CA VAL B 365 -15.91 -46.50 -15.46
C VAL B 365 -16.90 -46.43 -14.30
N ASP B 366 -17.25 -47.59 -13.76
CA ASP B 366 -18.23 -47.70 -12.68
C ASP B 366 -17.50 -48.12 -11.40
N GLY B 367 -17.67 -47.34 -10.34
CA GLY B 367 -17.05 -47.60 -9.06
C GLY B 367 -17.94 -48.22 -8.01
N ARG B 368 -19.20 -48.49 -8.32
CA ARG B 368 -20.11 -49.09 -7.36
C ARG B 368 -19.76 -50.55 -7.11
N GLY B 369 -20.24 -51.07 -5.99
CA GLY B 369 -20.00 -52.45 -5.62
C GLY B 369 -18.56 -52.80 -5.31
N LEU B 370 -17.88 -51.95 -4.55
CA LEU B 370 -16.49 -52.18 -4.17
C LEU B 370 -16.40 -52.80 -2.80
N ARG B 371 -15.56 -53.83 -2.67
CA ARG B 371 -15.30 -54.49 -1.40
C ARG B 371 -13.80 -54.47 -1.16
N VAL B 372 -13.40 -53.92 -0.02
CA VAL B 372 -11.98 -53.82 0.35
C VAL B 372 -11.65 -54.97 1.29
N PRO B 373 -10.66 -55.80 0.98
CA PRO B 373 -10.32 -56.91 1.88
C PRO B 373 -9.83 -56.41 3.23
N GLY B 374 -10.42 -56.94 4.29
CA GLY B 374 -10.11 -56.49 5.63
C GLY B 374 -10.90 -55.28 6.09
N ARG B 375 -11.59 -54.59 5.19
CA ARG B 375 -12.41 -53.43 5.49
C ARG B 375 -13.76 -53.54 4.80
N GLU B 376 -14.39 -54.71 4.92
CA GLU B 376 -15.64 -54.97 4.22
C GLU B 376 -16.79 -54.10 4.72
N ALA B 377 -16.72 -53.62 5.96
CA ALA B 377 -17.77 -52.78 6.52
C ALA B 377 -17.53 -51.29 6.31
N GLY B 378 -16.39 -50.92 5.72
CA GLY B 378 -16.11 -49.52 5.50
C GLY B 378 -16.95 -48.91 4.39
N PHE B 379 -17.03 -47.57 4.40
CA PHE B 379 -17.84 -46.83 3.44
C PHE B 379 -17.00 -46.53 2.20
N PHE B 380 -16.62 -47.59 1.51
CA PHE B 380 -15.71 -47.50 0.37
C PHE B 380 -16.46 -47.52 -0.95
N THR B 381 -15.89 -46.80 -1.93
CA THR B 381 -16.39 -46.82 -3.30
C THR B 381 -15.22 -46.53 -4.23
N GLY B 382 -15.38 -46.94 -5.50
CA GLY B 382 -14.35 -46.75 -6.49
C GLY B 382 -14.55 -45.48 -7.31
N GLY B 383 -13.56 -45.20 -8.15
CA GLY B 383 -13.64 -44.04 -9.03
C GLY B 383 -14.62 -44.26 -10.17
N THR B 384 -15.37 -43.22 -10.50
CA THR B 384 -16.40 -43.27 -11.52
C THR B 384 -16.10 -42.24 -12.60
N LEU B 385 -16.21 -42.67 -13.86
CA LEU B 385 -15.95 -41.82 -15.01
C LEU B 385 -17.12 -41.88 -15.99
N PHE B 386 -17.67 -40.73 -16.31
CA PHE B 386 -18.72 -40.56 -17.30
C PHE B 386 -18.17 -39.90 -18.56
N ASP B 387 -18.92 -40.03 -19.65
CA ASP B 387 -18.59 -39.41 -20.92
C ASP B 387 -19.86 -38.94 -21.60
N HIS B 388 -19.70 -37.96 -22.49
CA HIS B 388 -20.80 -37.35 -23.24
C HIS B 388 -21.84 -36.75 -22.29
N VAL B 389 -21.35 -35.99 -21.31
CA VAL B 389 -22.22 -35.30 -20.36
C VAL B 389 -22.76 -34.03 -21.01
N LYS B 390 -24.03 -33.74 -20.77
CA LYS B 390 -24.69 -32.58 -21.34
C LYS B 390 -25.05 -31.56 -20.26
N PRO B 391 -25.15 -30.27 -20.62
CA PRO B 391 -25.45 -29.25 -19.61
C PRO B 391 -26.80 -29.43 -18.93
N ASP B 392 -27.74 -30.12 -19.55
CA ASP B 392 -29.08 -30.28 -18.97
C ASP B 392 -29.18 -31.45 -18.00
N MET B 393 -28.12 -32.24 -17.85
CA MET B 393 -28.14 -33.37 -16.93
C MET B 393 -27.98 -32.90 -15.48
N ARG B 394 -28.52 -33.70 -14.56
CA ARG B 394 -28.43 -33.35 -13.14
C ARG B 394 -27.03 -33.57 -12.59
N ILE B 395 -26.27 -34.50 -13.18
CA ILE B 395 -24.88 -34.72 -12.74
C ILE B 395 -23.96 -33.59 -13.17
N TYR B 396 -24.42 -32.70 -14.04
CA TYR B 396 -23.64 -31.54 -14.43
C TYR B 396 -24.00 -30.30 -13.61
N LYS B 397 -25.28 -30.13 -13.28
CA LYS B 397 -25.72 -28.92 -12.60
C LYS B 397 -25.51 -29.00 -11.08
N GLU B 398 -25.71 -30.16 -10.49
CA GLU B 398 -25.66 -30.32 -9.05
C GLU B 398 -24.29 -30.82 -8.61
N GLU B 399 -23.94 -30.50 -7.36
CA GLU B 399 -22.66 -30.87 -6.78
C GLU B 399 -22.76 -32.27 -6.16
N ILE B 400 -21.89 -33.18 -6.61
CA ILE B 400 -21.92 -34.55 -6.14
C ILE B 400 -21.05 -34.72 -4.89
N PHE B 401 -19.92 -34.02 -4.84
CA PHE B 401 -18.99 -34.07 -3.71
C PHE B 401 -18.47 -35.50 -3.48
N GLY B 402 -18.14 -36.18 -4.56
CA GLY B 402 -17.61 -37.52 -4.49
C GLY B 402 -16.63 -37.79 -5.62
N PRO B 403 -16.17 -39.03 -5.74
CA PRO B 403 -15.20 -39.38 -6.79
C PRO B 403 -15.87 -39.68 -8.13
N VAL B 404 -16.57 -38.69 -8.66
CA VAL B 404 -17.27 -38.80 -9.94
C VAL B 404 -16.78 -37.69 -10.86
N LEU B 405 -16.33 -38.07 -12.04
CA LEU B 405 -15.81 -37.13 -13.03
C LEU B 405 -16.58 -37.30 -14.34
N GLY B 406 -17.07 -36.19 -14.88
CA GLY B 406 -17.77 -36.19 -16.16
C GLY B 406 -17.00 -35.41 -17.21
N CYS B 407 -17.16 -35.82 -18.46
CA CYS B 407 -16.46 -35.22 -19.58
C CYS B 407 -17.46 -34.58 -20.53
N VAL B 408 -17.22 -33.31 -20.88
CA VAL B 408 -18.07 -32.55 -21.79
C VAL B 408 -17.21 -32.11 -22.97
N ARG B 409 -17.71 -32.34 -24.18
CA ARG B 409 -16.97 -32.05 -25.40
C ARG B 409 -17.53 -30.80 -26.07
N VAL B 410 -16.64 -29.86 -26.41
CA VAL B 410 -16.99 -28.63 -27.10
C VAL B 410 -16.12 -28.50 -28.34
N LYS B 411 -16.49 -27.57 -29.22
CA LYS B 411 -15.81 -27.41 -30.49
C LYS B 411 -14.62 -26.47 -30.41
N ASP B 412 -14.69 -25.40 -29.63
CA ASP B 412 -13.62 -24.41 -29.62
C ASP B 412 -13.57 -23.71 -28.26
N PHE B 413 -12.67 -22.73 -28.18
CA PHE B 413 -12.42 -21.99 -26.95
C PHE B 413 -13.63 -21.19 -26.50
N GLY B 414 -14.30 -20.51 -27.44
CA GLY B 414 -15.43 -19.69 -27.09
C GLY B 414 -16.60 -20.49 -26.54
N GLU B 415 -16.83 -21.68 -27.09
CA GLU B 415 -17.89 -22.54 -26.58
C GLU B 415 -17.61 -22.96 -25.14
N ALA B 416 -16.35 -23.29 -24.84
CA ALA B 416 -15.98 -23.65 -23.47
C ALA B 416 -16.18 -22.48 -22.52
N VAL B 417 -15.78 -21.28 -22.94
CA VAL B 417 -15.95 -20.10 -22.09
C VAL B 417 -17.43 -19.83 -21.83
N ASP B 418 -18.25 -19.92 -22.87
CA ASP B 418 -19.69 -19.71 -22.71
C ASP B 418 -20.32 -20.76 -21.82
N LEU B 419 -19.87 -22.02 -21.94
CA LEU B 419 -20.40 -23.08 -21.09
C LEU B 419 -20.06 -22.82 -19.63
N ILE B 420 -18.81 -22.43 -19.35
CA ILE B 420 -18.41 -22.19 -17.96
C ILE B 420 -19.14 -20.98 -17.38
N ASN B 421 -19.27 -19.91 -18.15
CA ASN B 421 -19.89 -18.69 -17.63
C ASN B 421 -21.39 -18.84 -17.35
N ALA B 422 -22.03 -19.88 -17.87
CA ALA B 422 -23.46 -20.10 -17.67
C ALA B 422 -23.78 -20.91 -16.43
N HIS B 423 -22.79 -21.43 -15.73
CA HIS B 423 -23.03 -22.24 -14.54
C HIS B 423 -23.38 -21.35 -13.35
N GLU B 424 -24.00 -21.96 -12.34
CA GLU B 424 -24.39 -21.21 -11.16
C GLU B 424 -23.25 -21.05 -10.16
N PHE B 425 -22.16 -21.81 -10.29
CA PHE B 425 -21.04 -21.74 -9.37
C PHE B 425 -19.87 -21.01 -10.02
N GLY B 426 -19.08 -20.35 -9.18
CA GLY B 426 -17.93 -19.58 -9.64
C GLY B 426 -16.69 -19.70 -8.79
N ASN B 427 -16.45 -20.90 -8.24
CA ASN B 427 -15.37 -21.06 -7.25
C ASN B 427 -13.99 -21.12 -7.89
N GLY B 428 -13.74 -22.15 -8.69
CA GLY B 428 -12.42 -22.36 -9.26
C GLY B 428 -12.50 -22.85 -10.68
N VAL B 429 -11.45 -22.56 -11.44
CA VAL B 429 -11.37 -23.00 -12.84
C VAL B 429 -9.90 -23.18 -13.22
N SER B 430 -9.65 -24.08 -14.17
CA SER B 430 -8.29 -24.36 -14.63
C SER B 430 -8.29 -24.50 -16.14
N CYS B 431 -7.17 -24.14 -16.76
CA CYS B 431 -7.00 -24.25 -18.20
C CYS B 431 -5.58 -24.70 -18.52
N PHE B 432 -5.44 -25.71 -19.36
CA PHE B 432 -4.13 -26.25 -19.74
C PHE B 432 -3.84 -25.88 -21.19
N THR B 433 -2.76 -25.12 -21.40
CA THR B 433 -2.38 -24.66 -22.73
C THR B 433 -0.94 -24.21 -22.69
N SER B 434 -0.35 -24.03 -23.88
CA SER B 434 0.99 -23.47 -24.02
C SER B 434 1.00 -22.14 -24.75
N ASP B 435 -0.16 -21.54 -24.98
CA ASP B 435 -0.28 -20.31 -25.77
C ASP B 435 -0.54 -19.14 -24.83
N GLY B 436 0.27 -18.09 -24.95
CA GLY B 436 0.14 -16.95 -24.05
C GLY B 436 -1.15 -16.17 -24.23
N GLY B 437 -1.56 -15.94 -25.47
CA GLY B 437 -2.77 -15.17 -25.72
C GLY B 437 -4.03 -15.86 -25.23
N ILE B 438 -4.12 -17.17 -25.44
CA ILE B 438 -5.25 -17.95 -24.94
C ILE B 438 -5.31 -17.88 -23.42
N ALA B 439 -4.16 -18.02 -22.76
CA ALA B 439 -4.14 -17.92 -21.31
C ALA B 439 -4.59 -16.55 -20.83
N ARG B 440 -4.13 -15.49 -21.49
CA ARG B 440 -4.50 -14.13 -21.08
C ARG B 440 -6.00 -13.90 -21.24
N GLU B 441 -6.56 -14.29 -22.39
CA GLU B 441 -7.98 -14.10 -22.63
C GLU B 441 -8.83 -14.94 -21.68
N PHE B 442 -8.42 -16.20 -21.44
CA PHE B 442 -9.15 -17.04 -20.51
C PHE B 442 -9.11 -16.47 -19.11
N ALA B 443 -7.96 -15.97 -18.67
CA ALA B 443 -7.86 -15.42 -17.33
C ALA B 443 -8.72 -14.18 -17.16
N ARG B 444 -8.74 -13.30 -18.17
CA ARG B 444 -9.49 -12.06 -17.98
C ARG B 444 -10.95 -12.13 -18.41
N ARG B 445 -11.40 -13.23 -19.03
CA ARG B 445 -12.79 -13.32 -19.46
C ARG B 445 -13.65 -14.24 -18.60
N ILE B 446 -13.05 -15.21 -17.90
CA ILE B 446 -13.83 -16.20 -17.18
C ILE B 446 -14.45 -15.56 -15.93
N GLN B 447 -15.66 -15.98 -15.60
CA GLN B 447 -16.40 -15.42 -14.47
C GLN B 447 -16.23 -16.30 -13.23
N VAL B 448 -14.96 -16.50 -12.84
CA VAL B 448 -14.62 -17.36 -11.73
C VAL B 448 -13.65 -16.61 -10.81
N GLY B 449 -13.81 -16.82 -9.51
CA GLY B 449 -12.96 -16.15 -8.55
C GLY B 449 -11.50 -16.58 -8.56
N MET B 450 -11.25 -17.87 -8.76
CA MET B 450 -9.90 -18.43 -8.68
C MET B 450 -9.57 -19.17 -9.98
N VAL B 451 -8.46 -18.79 -10.60
CA VAL B 451 -8.11 -19.22 -11.96
C VAL B 451 -6.74 -19.86 -11.94
N GLY B 452 -6.60 -20.98 -12.65
CA GLY B 452 -5.31 -21.62 -12.80
C GLY B 452 -4.91 -21.83 -14.25
N ILE B 453 -3.67 -21.52 -14.58
CA ILE B 453 -3.09 -21.78 -15.89
C ILE B 453 -2.08 -22.91 -15.71
N ASN B 454 -2.44 -24.09 -16.20
CA ASN B 454 -1.68 -25.33 -15.99
C ASN B 454 -1.56 -25.69 -14.52
N VAL B 455 -2.45 -25.16 -13.68
CA VAL B 455 -2.48 -25.47 -12.26
C VAL B 455 -3.84 -26.07 -11.92
N PRO B 456 -3.92 -27.38 -11.69
CA PRO B 456 -5.25 -28.01 -11.49
C PRO B 456 -6.02 -27.48 -10.29
N ILE B 457 -5.34 -27.15 -9.19
CA ILE B 457 -6.01 -26.69 -7.98
C ILE B 457 -5.42 -25.35 -7.57
N PRO B 458 -5.95 -24.24 -8.10
CA PRO B 458 -5.34 -22.91 -7.86
C PRO B 458 -5.78 -22.26 -6.56
N VAL B 459 -5.30 -22.78 -5.43
CA VAL B 459 -5.57 -22.19 -4.13
C VAL B 459 -4.60 -21.03 -3.91
N PRO B 460 -5.09 -19.81 -3.69
CA PRO B 460 -4.20 -18.67 -3.56
C PRO B 460 -3.36 -18.74 -2.30
N MET B 461 -2.26 -17.98 -2.31
CA MET B 461 -1.34 -17.96 -1.18
C MET B 461 -1.96 -17.25 0.01
N ALA B 462 -1.29 -17.37 1.16
CA ALA B 462 -1.83 -16.85 2.41
C ALA B 462 -1.96 -15.34 2.42
N TRP B 463 -1.16 -14.64 1.62
CA TRP B 463 -1.19 -13.18 1.59
C TRP B 463 -2.12 -12.62 0.52
N HIS B 464 -2.88 -13.46 -0.17
CA HIS B 464 -3.82 -13.01 -1.18
C HIS B 464 -5.28 -13.16 -0.74
N GLY B 465 -5.68 -14.33 -0.29
CA GLY B 465 -7.05 -14.54 0.13
C GLY B 465 -7.80 -15.59 -0.66
N PHE B 466 -8.84 -16.18 -0.06
CA PHE B 466 -9.63 -17.24 -0.67
C PHE B 466 -11.06 -16.75 -0.84
N GLY B 467 -11.58 -16.85 -2.07
CA GLY B 467 -12.96 -16.48 -2.31
C GLY B 467 -13.46 -16.75 -3.71
N GLY B 468 -14.69 -17.24 -3.83
CA GLY B 468 -15.31 -17.49 -5.11
C GLY B 468 -16.35 -16.43 -5.46
N TRP B 469 -16.95 -16.60 -6.64
CA TRP B 469 -17.92 -15.68 -7.18
C TRP B 469 -19.29 -16.35 -7.30
N LYS B 470 -20.29 -15.53 -7.57
CA LYS B 470 -21.67 -15.96 -7.89
C LYS B 470 -22.23 -16.68 -6.66
N LYS B 471 -22.75 -17.90 -6.80
CA LYS B 471 -23.36 -18.60 -5.68
C LYS B 471 -22.36 -19.28 -4.76
N SER B 472 -21.07 -19.14 -5.02
CA SER B 472 -20.04 -19.72 -4.17
C SER B 472 -19.68 -18.85 -2.97
N LEU B 473 -20.18 -17.62 -2.91
CA LEU B 473 -19.87 -16.74 -1.79
C LEU B 473 -21.04 -15.81 -1.53
N PHE B 474 -21.42 -15.66 -0.26
CA PHE B 474 -22.45 -14.74 0.18
C PHE B 474 -21.80 -13.70 1.07
N GLY B 475 -21.72 -12.47 0.58
CA GLY B 475 -21.04 -11.38 1.25
C GLY B 475 -20.22 -10.61 0.24
N ASP B 476 -19.26 -9.82 0.75
CA ASP B 476 -18.39 -9.06 -0.14
C ASP B 476 -16.93 -9.04 0.29
N MET B 477 -16.52 -9.95 1.16
CA MET B 477 -15.12 -10.05 1.57
C MET B 477 -14.68 -11.51 1.55
N HIS B 478 -13.38 -11.70 1.31
CA HIS B 478 -12.80 -13.04 1.19
C HIS B 478 -12.21 -13.49 2.53
N ALA B 479 -11.69 -14.71 2.54
CA ALA B 479 -11.15 -15.34 3.74
C ALA B 479 -9.64 -15.19 3.78
N TYR B 480 -9.11 -14.80 4.94
CA TYR B 480 -7.71 -14.50 5.23
C TYR B 480 -7.08 -13.55 4.21
N GLY B 481 -5.79 -13.28 4.38
CA GLY B 481 -5.19 -12.20 3.62
C GLY B 481 -5.63 -10.83 4.14
N GLU B 482 -5.39 -9.82 3.31
CA GLU B 482 -5.83 -8.47 3.65
C GLU B 482 -7.35 -8.37 3.72
N GLU B 483 -8.05 -9.14 2.88
CA GLU B 483 -9.51 -9.20 2.97
C GLU B 483 -9.94 -9.72 4.33
N GLY B 484 -9.29 -10.78 4.81
CA GLY B 484 -9.61 -11.31 6.13
C GLY B 484 -9.29 -10.33 7.23
N VAL B 485 -8.19 -9.57 7.09
CA VAL B 485 -7.86 -8.56 8.07
C VAL B 485 -8.93 -7.48 8.11
N ARG B 486 -9.39 -7.03 6.94
CA ARG B 486 -10.41 -5.98 6.89
C ARG B 486 -11.77 -6.46 7.37
N PHE B 487 -12.06 -7.75 7.22
CA PHE B 487 -13.37 -8.25 7.68
C PHE B 487 -13.50 -8.21 9.20
N TYR B 488 -12.39 -8.38 9.92
CA TYR B 488 -12.42 -8.48 11.37
C TYR B 488 -12.18 -7.15 12.09
N THR B 489 -12.09 -6.05 11.35
CA THR B 489 -11.83 -4.75 11.94
C THR B 489 -12.78 -3.70 11.36
N ARG B 490 -12.96 -2.62 12.12
CA ARG B 490 -13.77 -1.48 11.69
C ARG B 490 -12.91 -0.22 11.69
N GLN B 491 -13.15 0.64 10.71
CA GLN B 491 -12.30 1.81 10.47
C GLN B 491 -12.82 3.02 11.24
N LYS B 492 -11.89 3.74 11.88
CA LYS B 492 -12.16 4.99 12.56
C LYS B 492 -11.28 6.08 11.98
N SER B 493 -11.87 7.26 11.78
CA SER B 493 -11.19 8.44 11.27
C SER B 493 -11.10 9.50 12.35
N VAL B 494 -9.95 10.18 12.42
CA VAL B 494 -9.72 11.23 13.41
C VAL B 494 -9.18 12.46 12.69
N MET B 495 -9.85 13.59 12.89
CA MET B 495 -9.40 14.90 12.40
C MET B 495 -9.06 15.78 13.60
N GLN B 496 -7.88 16.39 13.57
CA GLN B 496 -7.33 17.08 14.73
C GLN B 496 -6.80 18.45 14.37
N ARG B 497 -7.03 19.42 15.25
CA ARG B 497 -6.47 20.76 15.15
C ARG B 497 -6.35 21.34 16.54
N TRP B 498 -5.55 22.40 16.67
CA TRP B 498 -5.34 23.09 17.94
C TRP B 498 -5.38 24.58 17.72
N SER B 499 -5.69 25.32 18.78
CA SER B 499 -5.70 26.78 18.76
C SER B 499 -4.39 27.31 19.35
N SER B 500 -4.29 28.63 19.47
CA SER B 500 -3.08 29.26 19.98
C SER B 500 -2.89 28.96 21.47
N SER B 501 -1.61 28.83 21.86
CA SER B 501 -1.25 28.52 23.24
C SER B 501 -0.64 29.71 23.96
N ILE B 502 -0.79 30.92 23.41
CA ILE B 502 -0.17 32.10 24.02
C ILE B 502 -0.83 32.44 25.34
N GLY B 503 -2.04 31.93 25.56
CA GLY B 503 -2.73 32.20 26.81
C GLY B 503 -2.02 31.62 28.02
N LYS B 504 -1.39 30.47 27.85
CA LYS B 504 -0.72 29.81 28.96
C LYS B 504 0.56 30.53 29.39
N GLY B 505 1.20 31.25 28.47
CA GLY B 505 2.39 32.00 28.84
C GLY B 505 3.11 32.49 27.60
N ALA B 506 4.04 33.41 27.84
CA ALA B 506 4.84 33.95 26.75
C ALA B 506 5.80 32.91 26.18
N GLU B 507 6.22 31.96 27.03
CA GLU B 507 7.12 30.90 26.56
C GLU B 507 6.42 29.96 25.59
N PHE B 508 5.12 29.76 25.78
CA PHE B 508 4.36 28.79 24.98
C PHE B 508 3.99 29.36 23.63
N VAL C 12 -2.09 24.58 -38.15
CA VAL C 12 -1.12 25.27 -37.32
C VAL C 12 0.10 25.66 -38.16
N PRO C 13 0.43 26.95 -38.19
CA PRO C 13 1.57 27.40 -38.98
C PRO C 13 2.90 27.00 -38.36
N ALA C 14 3.93 26.97 -39.20
CA ALA C 14 5.27 26.68 -38.73
C ALA C 14 5.78 27.78 -37.81
N TYR C 15 6.59 27.39 -36.84
CA TYR C 15 7.08 28.33 -35.83
C TYR C 15 8.29 29.10 -36.35
N THR C 16 8.20 30.42 -36.30
CA THR C 16 9.31 31.29 -36.68
C THR C 16 9.47 32.39 -35.64
N SER C 17 10.71 32.70 -35.29
CA SER C 17 11.02 33.74 -34.32
C SER C 17 12.51 34.01 -34.38
N ASP C 18 12.88 35.28 -34.18
CA ASP C 18 14.28 35.69 -34.25
C ASP C 18 14.77 36.37 -32.97
N ALA C 19 13.93 36.48 -31.95
CA ALA C 19 14.36 37.12 -30.71
C ALA C 19 15.32 36.21 -29.93
N ASP C 20 16.15 36.83 -29.11
CA ASP C 20 17.07 36.08 -28.25
C ASP C 20 16.29 35.33 -27.18
N VAL C 21 16.79 34.14 -26.84
CA VAL C 21 16.17 33.28 -25.83
C VAL C 21 16.88 33.53 -24.51
N GLY C 22 16.12 33.99 -23.50
CA GLY C 22 16.66 34.33 -22.22
C GLY C 22 16.28 33.34 -21.13
N HIS C 23 16.32 33.81 -19.89
CA HIS C 23 16.03 33.00 -18.72
C HIS C 23 14.65 33.37 -18.18
N TYR C 24 14.23 32.64 -17.14
CA TYR C 24 12.95 32.89 -16.48
C TYR C 24 13.19 33.07 -14.99
N LEU C 25 12.69 34.17 -14.43
CA LEU C 25 12.90 34.48 -13.02
C LEU C 25 11.69 35.23 -12.48
N ASP C 26 11.28 34.87 -11.27
CA ASP C 26 10.22 35.58 -10.54
C ASP C 26 8.93 35.69 -11.36
N GLY C 27 8.63 34.63 -12.11
CA GLY C 27 7.45 34.63 -12.94
C GLY C 27 7.48 35.56 -14.12
N ALA C 28 8.66 35.83 -14.68
CA ALA C 28 8.78 36.70 -15.85
C ALA C 28 10.04 36.35 -16.62
N PRO C 29 10.02 36.47 -17.94
CA PRO C 29 11.26 36.32 -18.71
C PRO C 29 12.24 37.45 -18.43
N VAL C 30 13.53 37.12 -18.49
CA VAL C 30 14.61 38.07 -18.28
C VAL C 30 15.69 37.83 -19.32
N ALA C 31 16.23 38.91 -19.87
CA ALA C 31 17.29 38.82 -20.86
C ALA C 31 18.62 38.48 -20.19
N GLY C 32 19.50 37.83 -20.95
CA GLY C 32 20.79 37.47 -20.42
C GLY C 32 21.67 38.67 -20.15
N ARG C 33 22.60 38.51 -19.21
CA ARG C 33 23.49 39.59 -18.80
C ARG C 33 24.96 39.22 -18.86
N SER C 34 25.30 37.97 -19.19
CA SER C 34 26.70 37.57 -19.25
C SER C 34 27.40 38.09 -20.50
N GLY C 35 26.68 38.21 -21.61
CA GLY C 35 27.28 38.60 -22.87
C GLY C 35 27.69 37.47 -23.78
N ARG C 36 27.50 36.22 -23.36
CA ARG C 36 27.86 35.05 -24.16
C ARG C 36 26.59 34.42 -24.72
N PHE C 37 26.61 34.09 -26.01
CA PHE C 37 25.47 33.53 -26.70
C PHE C 37 25.90 32.32 -27.52
N GLN C 38 24.93 31.49 -27.87
CA GLN C 38 25.14 30.33 -28.72
C GLN C 38 24.03 30.28 -29.76
N ASP C 39 24.40 29.97 -31.01
CA ASP C 39 23.43 29.92 -32.09
C ASP C 39 22.53 28.68 -31.98
N VAL C 40 21.28 28.84 -32.41
CA VAL C 40 20.31 27.76 -32.43
C VAL C 40 19.92 27.52 -33.88
N PHE C 41 20.04 26.27 -34.32
CA PHE C 41 19.87 25.92 -35.72
C PHE C 41 18.46 25.40 -35.99
N ASN C 42 18.03 25.58 -37.24
CA ASN C 42 16.89 24.84 -37.77
C ASN C 42 17.46 23.66 -38.54
N PRO C 43 17.33 22.43 -38.05
CA PRO C 43 18.00 21.30 -38.71
C PRO C 43 17.53 21.05 -40.14
N ALA C 44 16.26 21.34 -40.46
CA ALA C 44 15.77 21.12 -41.81
C ALA C 44 16.35 22.12 -42.80
N LEU C 45 16.76 23.30 -42.34
CA LEU C 45 17.36 24.31 -43.20
C LEU C 45 18.88 24.31 -43.16
N GLY C 46 19.48 23.83 -42.07
CA GLY C 46 20.92 23.79 -41.96
C GLY C 46 21.58 25.09 -41.60
N ARG C 47 20.82 26.08 -41.12
CA ARG C 47 21.37 27.38 -40.76
C ARG C 47 20.79 27.84 -39.43
N ALA C 48 21.53 28.71 -38.76
CA ALA C 48 21.09 29.28 -37.49
C ALA C 48 19.95 30.27 -37.69
N VAL C 49 19.04 30.32 -36.73
CA VAL C 49 17.88 31.20 -36.81
C VAL C 49 17.73 32.11 -35.60
N ARG C 50 18.37 31.80 -34.47
CA ARG C 50 18.26 32.64 -33.27
C ARG C 50 19.45 32.34 -32.36
N ARG C 51 19.46 32.99 -31.21
CA ARG C 51 20.53 32.83 -30.23
C ARG C 51 19.93 32.49 -28.87
N VAL C 52 20.73 31.85 -28.03
CA VAL C 52 20.37 31.56 -26.65
C VAL C 52 21.50 32.05 -25.75
N ALA C 53 21.15 32.74 -24.68
CA ALA C 53 22.13 33.24 -23.73
C ALA C 53 22.63 32.13 -22.82
N LEU C 54 23.89 32.26 -22.39
CA LEU C 54 24.55 31.30 -21.52
C LEU C 54 24.77 31.96 -20.16
N ALA C 55 24.01 31.52 -19.16
CA ALA C 55 24.02 32.18 -17.86
C ALA C 55 25.34 31.99 -17.14
N GLY C 56 25.74 33.03 -16.40
CA GLY C 56 26.90 32.97 -15.55
C GLY C 56 26.56 32.49 -14.15
N ASN C 57 27.56 32.60 -13.26
CA ASN C 57 27.37 32.17 -11.88
C ASN C 57 26.37 33.06 -11.15
N ASP C 58 26.40 34.37 -11.42
CA ASP C 58 25.53 35.30 -10.71
C ASP C 58 24.06 35.05 -11.02
N GLU C 59 23.73 34.73 -12.28
CA GLU C 59 22.34 34.47 -12.63
C GLU C 59 21.84 33.16 -12.04
N VAL C 60 22.71 32.14 -11.98
CA VAL C 60 22.35 30.91 -11.30
C VAL C 60 22.10 31.16 -9.82
N GLU C 61 22.96 31.96 -9.18
CA GLU C 61 22.76 32.28 -7.77
C GLU C 61 21.46 33.04 -7.56
N ARG C 62 21.14 33.96 -8.47
CA ARG C 62 19.88 34.70 -8.37
C ARG C 62 18.68 33.77 -8.47
N ALA C 63 18.71 32.82 -9.40
CA ALA C 63 17.61 31.87 -9.52
C ALA C 63 17.47 31.00 -8.27
N VAL C 64 18.60 30.54 -7.73
CA VAL C 64 18.56 29.71 -6.52
C VAL C 64 18.03 30.51 -5.34
N ALA C 65 18.43 31.77 -5.22
CA ALA C 65 17.95 32.61 -4.12
C ALA C 65 16.45 32.84 -4.25
N SER C 66 15.96 33.07 -5.46
CA SER C 66 14.52 33.25 -5.66
C SER C 66 13.75 31.99 -5.26
N ALA C 67 14.25 30.82 -5.67
CA ALA C 67 13.58 29.57 -5.31
C ALA C 67 13.59 29.35 -3.80
N ARG C 68 14.72 29.63 -3.13
CA ARG C 68 14.79 29.45 -1.69
C ARG C 68 13.86 30.41 -0.97
N ALA C 69 13.74 31.63 -1.46
CA ALA C 69 12.81 32.58 -0.86
C ALA C 69 11.36 32.09 -1.01
N ALA C 70 11.04 31.51 -2.16
CA ALA C 70 9.67 31.06 -2.39
C ALA C 70 9.34 29.73 -1.71
N PHE C 71 10.34 28.96 -1.29
CA PHE C 71 10.08 27.61 -0.79
C PHE C 71 9.16 27.53 0.42
N PRO C 72 9.34 28.28 1.51
CA PRO C 72 8.54 28.01 2.72
C PRO C 72 7.03 28.16 2.54
N ALA C 73 6.59 29.23 1.86
CA ALA C 73 5.16 29.42 1.67
C ALA C 73 4.55 28.32 0.81
N TRP C 74 5.27 27.90 -0.23
CA TRP C 74 4.78 26.81 -1.09
C TRP C 74 4.74 25.49 -0.33
N ALA C 75 5.71 25.26 0.55
CA ALA C 75 5.70 24.04 1.35
C ALA C 75 4.57 24.04 2.37
N ASP C 76 4.23 25.20 2.92
CA ASP C 76 3.11 25.28 3.87
C ASP C 76 1.75 25.16 3.22
N THR C 77 1.66 25.23 1.90
CA THR C 77 0.38 25.11 1.22
C THR C 77 -0.12 23.67 1.31
N PRO C 78 -1.42 23.48 1.59
CA PRO C 78 -1.95 22.12 1.62
C PRO C 78 -1.80 21.46 0.26
N PRO C 79 -1.56 20.13 0.24
CA PRO C 79 -1.34 19.44 -1.04
C PRO C 79 -2.49 19.55 -2.03
N ILE C 80 -3.74 19.66 -1.56
CA ILE C 80 -4.87 19.72 -2.47
C ILE C 80 -4.86 21.00 -3.29
N ARG C 81 -4.42 22.13 -2.71
CA ARG C 81 -4.34 23.37 -3.47
C ARG C 81 -3.22 23.33 -4.51
N ARG C 82 -2.09 22.70 -4.16
CA ARG C 82 -1.03 22.50 -5.14
C ARG C 82 -1.52 21.61 -6.29
N ALA C 83 -2.29 20.57 -5.96
CA ALA C 83 -2.88 19.71 -6.98
C ALA C 83 -3.82 20.49 -7.88
N ARG C 84 -4.58 21.43 -7.32
CA ARG C 84 -5.48 22.24 -8.14
C ARG C 84 -4.71 23.17 -9.07
N VAL C 85 -3.59 23.71 -8.60
CA VAL C 85 -2.73 24.49 -9.49
C VAL C 85 -2.24 23.62 -10.65
N LEU C 86 -1.80 22.40 -10.35
CA LEU C 86 -1.37 21.48 -11.40
C LEU C 86 -2.51 21.12 -12.34
N HIS C 87 -3.74 21.06 -11.82
CA HIS C 87 -4.90 20.77 -12.65
C HIS C 87 -5.16 21.89 -13.66
N ARG C 88 -5.07 23.14 -13.21
CA ARG C 88 -5.18 24.27 -14.14
C ARG C 88 -4.07 24.24 -15.18
N PHE C 89 -2.86 23.90 -14.75
CA PHE C 89 -1.75 23.79 -15.69
C PHE C 89 -2.01 22.70 -16.73
N LEU C 90 -2.61 21.59 -16.30
CA LEU C 90 -2.96 20.52 -17.23
C LEU C 90 -3.97 21.00 -18.27
N GLN C 91 -4.99 21.75 -17.82
CA GLN C 91 -5.95 22.30 -18.77
C GLN C 91 -5.26 23.21 -19.79
N LEU C 92 -4.36 24.07 -19.31
CA LEU C 92 -3.65 24.97 -20.22
C LEU C 92 -2.77 24.19 -21.20
N MET C 93 -2.11 23.13 -20.73
CA MET C 93 -1.27 22.32 -21.61
C MET C 93 -2.10 21.64 -22.69
N ASN C 94 -3.27 21.12 -22.33
CA ASN C 94 -4.16 20.55 -23.34
C ASN C 94 -4.62 21.60 -24.33
N GLU C 95 -4.77 22.86 -23.88
CA GLU C 95 -5.24 23.91 -24.78
C GLU C 95 -4.22 24.24 -25.86
N HIS C 96 -2.93 24.29 -25.52
CA HIS C 96 -1.89 24.79 -26.41
C HIS C 96 -0.90 23.72 -26.85
N ARG C 97 -1.37 22.50 -27.14
CA ARG C 97 -0.45 21.42 -27.45
C ARG C 97 0.14 21.56 -28.85
N ASP C 98 -0.65 22.03 -29.82
CA ASP C 98 -0.15 22.14 -31.19
C ASP C 98 0.95 23.19 -31.32
N THR C 99 0.82 24.31 -30.60
CA THR C 99 1.86 25.34 -30.64
C THR C 99 3.18 24.80 -30.10
N LEU C 100 3.13 24.09 -28.98
CA LEU C 100 4.33 23.49 -28.40
C LEU C 100 4.93 22.46 -29.34
N ALA C 101 4.08 21.64 -29.96
CA ALA C 101 4.56 20.65 -30.92
C ALA C 101 5.24 21.31 -32.11
N ALA C 102 4.67 22.41 -32.60
CA ALA C 102 5.28 23.14 -33.71
C ALA C 102 6.63 23.72 -33.31
N ILE C 103 6.74 24.25 -32.09
CA ILE C 103 8.03 24.75 -31.62
C ILE C 103 9.06 23.62 -31.57
N ILE C 104 8.66 22.47 -31.05
CA ILE C 104 9.58 21.33 -30.93
C ILE C 104 10.02 20.87 -32.32
N THR C 105 9.08 20.80 -33.27
CA THR C 105 9.44 20.42 -34.62
C THR C 105 10.41 21.42 -35.25
N ALA C 106 10.17 22.72 -35.02
CA ALA C 106 11.05 23.74 -35.59
C ALA C 106 12.46 23.64 -35.05
N GLU C 107 12.61 23.38 -33.75
CA GLU C 107 13.97 23.39 -33.20
C GLU C 107 14.62 22.00 -33.19
N HIS C 108 13.90 20.97 -32.73
CA HIS C 108 14.48 19.63 -32.66
C HIS C 108 14.60 19.02 -34.05
N GLY C 109 13.55 19.14 -34.86
CA GLY C 109 13.55 18.58 -36.20
C GLY C 109 12.78 17.29 -36.39
N LYS C 110 12.09 16.81 -35.36
CA LYS C 110 11.30 15.59 -35.50
C LYS C 110 10.00 15.87 -36.25
N VAL C 111 9.30 14.78 -36.60
CA VAL C 111 8.02 14.89 -37.29
C VAL C 111 6.98 15.52 -36.36
N PHE C 112 6.01 16.21 -36.96
CA PHE C 112 4.99 16.92 -36.17
C PHE C 112 4.17 15.96 -35.31
N SER C 113 3.79 14.81 -35.87
CA SER C 113 3.03 13.84 -35.10
C SER C 113 3.85 13.26 -33.95
N ASP C 114 5.16 13.11 -34.14
CA ASP C 114 6.03 12.66 -33.06
C ASP C 114 6.08 13.67 -31.93
N ALA C 115 6.13 14.96 -32.26
CA ALA C 115 6.09 16.00 -31.24
C ALA C 115 4.75 16.01 -30.50
N GLN C 116 3.66 15.80 -31.23
CA GLN C 116 2.35 15.69 -30.57
C GLN C 116 2.34 14.51 -29.59
N GLY C 117 2.91 13.38 -29.99
CA GLY C 117 2.99 12.24 -29.08
C GLY C 117 3.84 12.53 -27.85
N GLU C 118 4.94 13.27 -28.04
CA GLU C 118 5.77 13.65 -26.89
C GLU C 118 4.99 14.53 -25.90
N VAL C 119 4.24 15.50 -26.43
CA VAL C 119 3.44 16.36 -25.57
C VAL C 119 2.38 15.55 -24.82
N ALA C 120 1.76 14.59 -25.51
CA ALA C 120 0.78 13.73 -24.86
C ALA C 120 1.40 12.91 -23.74
N ARG C 121 2.61 12.38 -23.98
CA ARG C 121 3.28 11.60 -22.95
C ARG C 121 3.64 12.44 -21.73
N GLY C 122 4.02 13.71 -21.94
CA GLY C 122 4.22 14.59 -20.80
C GLY C 122 2.93 14.89 -20.05
N ILE C 123 1.83 15.08 -20.78
CA ILE C 123 0.53 15.33 -20.17
C ILE C 123 0.10 14.15 -19.32
N ASP C 124 0.49 12.93 -19.71
CA ASP C 124 0.19 11.76 -18.88
C ASP C 124 0.85 11.86 -17.50
N ILE C 125 2.11 12.28 -17.45
CA ILE C 125 2.79 12.42 -16.18
C ILE C 125 2.14 13.51 -15.34
N ILE C 126 1.72 14.60 -15.99
CA ILE C 126 1.02 15.66 -15.26
C ILE C 126 -0.29 15.12 -14.67
N GLU C 127 -1.01 14.30 -15.44
CA GLU C 127 -2.24 13.69 -14.95
C GLU C 127 -1.97 12.83 -13.73
N PHE C 128 -0.90 12.05 -13.75
CA PHE C 128 -0.56 11.26 -12.58
C PHE C 128 -0.23 12.15 -11.38
N ALA C 129 0.53 13.23 -11.61
CA ALA C 129 0.93 14.10 -10.51
C ALA C 129 -0.25 14.85 -9.90
N CYS C 130 -1.34 15.01 -10.64
CA CYS C 130 -2.51 15.69 -10.07
C CYS C 130 -3.10 14.95 -8.88
N GLY C 131 -2.77 13.68 -8.67
CA GLY C 131 -3.31 12.91 -7.57
C GLY C 131 -2.36 12.72 -6.41
N VAL C 132 -1.63 13.77 -6.05
CA VAL C 132 -0.58 13.71 -5.02
C VAL C 132 -1.12 13.56 -3.60
N PRO C 133 -2.31 14.06 -3.22
CA PRO C 133 -2.75 13.83 -1.83
C PRO C 133 -2.87 12.36 -1.46
N GLN C 134 -3.29 11.51 -2.41
CA GLN C 134 -3.32 10.07 -2.16
C GLN C 134 -1.92 9.51 -2.00
N LEU C 135 -0.96 10.00 -2.78
CA LEU C 135 0.39 9.45 -2.78
C LEU C 135 1.17 9.81 -1.54
N LEU C 136 0.79 10.88 -0.84
CA LEU C 136 1.53 11.34 0.34
C LEU C 136 0.99 10.75 1.63
N LYS C 137 0.35 9.58 1.58
CA LYS C 137 -0.13 8.93 2.79
C LYS C 137 1.03 8.33 3.57
N GLY C 138 1.09 8.64 4.87
CA GLY C 138 2.03 8.01 5.75
C GLY C 138 1.44 6.80 6.45
N ASP C 139 2.22 6.24 7.36
CA ASP C 139 1.83 5.06 8.12
C ASP C 139 1.59 5.44 9.57
N PHE C 140 0.45 5.03 10.12
CA PHE C 140 0.09 5.28 11.51
C PHE C 140 -0.10 3.95 12.21
N THR C 141 0.58 3.77 13.35
CA THR C 141 0.42 2.57 14.16
C THR C 141 0.10 2.97 15.59
N ASP C 142 -0.95 2.35 16.13
CA ASP C 142 -1.48 2.66 17.45
C ASP C 142 -1.04 1.60 18.44
N GLN C 143 -0.63 2.05 19.63
CA GLN C 143 -0.28 1.17 20.74
C GLN C 143 0.87 0.23 20.36
N VAL C 144 1.97 0.80 19.90
CA VAL C 144 3.16 0.00 19.65
C VAL C 144 3.68 -0.57 20.96
N SER C 145 3.61 0.20 22.03
CA SER C 145 3.66 -0.29 23.40
C SER C 145 2.51 0.37 24.16
N THR C 146 2.42 0.11 25.45
CA THR C 146 1.29 0.59 26.24
C THR C 146 1.35 2.12 26.35
N GLY C 147 0.46 2.80 25.63
CA GLY C 147 0.33 4.23 25.68
C GLY C 147 1.18 5.02 24.72
N ILE C 148 1.77 4.38 23.71
CA ILE C 148 2.68 5.04 22.78
C ILE C 148 2.21 4.78 21.35
N ASP C 149 2.14 5.83 20.54
CA ASP C 149 1.77 5.73 19.13
C ASP C 149 2.96 6.14 18.27
N ASN C 150 2.98 5.64 17.03
CA ASN C 150 4.11 5.92 16.13
C ASN C 150 3.62 6.11 14.71
N TRP C 151 3.96 7.24 14.10
CA TRP C 151 3.55 7.48 12.72
C TRP C 151 4.66 8.16 11.94
N THR C 152 4.64 7.92 10.63
CA THR C 152 5.63 8.48 9.71
C THR C 152 4.95 9.38 8.69
N MET C 153 5.73 10.35 8.18
CA MET C 153 5.27 11.20 7.09
C MET C 153 6.48 11.57 6.24
N ARG C 154 6.21 12.13 5.07
CA ARG C 154 7.26 12.54 4.14
C ARG C 154 7.11 14.02 3.84
N GLN C 155 8.23 14.74 3.88
CA GLN C 155 8.26 16.19 3.77
C GLN C 155 9.20 16.63 2.65
N PRO C 156 8.96 17.79 2.06
CA PRO C 156 9.79 18.23 0.93
C PRO C 156 11.22 18.55 1.35
N LEU C 157 12.12 18.46 0.37
CA LEU C 157 13.54 18.71 0.59
C LEU C 157 13.91 20.19 0.55
N GLY C 158 13.37 20.94 -0.41
CA GLY C 158 13.77 22.32 -0.59
C GLY C 158 13.87 22.72 -2.05
N VAL C 159 15.05 23.16 -2.47
CA VAL C 159 15.31 23.54 -3.86
C VAL C 159 15.93 22.36 -4.59
N VAL C 160 15.33 21.97 -5.71
CA VAL C 160 15.83 20.87 -6.53
C VAL C 160 16.16 21.39 -7.91
N ALA C 161 17.10 20.71 -8.59
CA ALA C 161 17.56 21.12 -9.90
C ALA C 161 17.39 19.98 -10.90
N GLY C 162 17.05 20.33 -12.12
CA GLY C 162 16.88 19.34 -13.18
C GLY C 162 17.66 19.71 -14.42
N ILE C 163 18.30 18.71 -15.03
CA ILE C 163 19.13 18.88 -16.22
C ILE C 163 18.65 17.89 -17.26
N THR C 164 18.27 18.40 -18.44
CA THR C 164 17.54 17.62 -19.44
C THR C 164 18.27 17.63 -20.79
N PRO C 165 18.07 16.58 -21.61
CA PRO C 165 18.76 16.51 -22.91
C PRO C 165 18.00 17.18 -24.05
N PHE C 166 18.51 17.05 -25.27
CA PHE C 166 17.90 17.72 -26.42
C PHE C 166 16.75 16.94 -27.04
N ASN C 167 16.78 15.60 -26.97
CA ASN C 167 15.86 14.80 -27.75
C ASN C 167 14.41 14.86 -27.23
N PHE C 168 14.20 15.19 -25.97
CA PHE C 168 12.86 15.39 -25.41
C PHE C 168 12.83 16.69 -24.64
N PRO C 169 12.72 17.83 -25.33
CA PRO C 169 12.71 19.13 -24.64
C PRO C 169 11.45 19.38 -23.82
N CYS C 170 10.43 18.54 -23.92
CA CYS C 170 9.19 18.70 -23.16
C CYS C 170 8.92 17.54 -22.22
N MET C 171 9.09 16.29 -22.68
CA MET C 171 8.68 15.14 -21.88
C MET C 171 9.59 14.91 -20.68
N VAL C 172 10.91 14.99 -20.88
CA VAL C 172 11.84 14.78 -19.76
C VAL C 172 11.67 15.82 -18.67
N PRO C 173 11.53 17.12 -18.96
CA PRO C 173 11.20 18.06 -17.88
C PRO C 173 9.89 17.75 -17.18
N CYS C 174 8.92 17.17 -17.88
CA CYS C 174 7.68 16.74 -17.26
C CYS C 174 7.86 15.47 -16.43
N TRP C 175 8.95 14.74 -16.65
CA TRP C 175 9.29 13.65 -15.74
C TRP C 175 9.66 14.16 -14.37
N MET C 176 10.14 15.40 -14.28
CA MET C 176 10.76 15.92 -13.06
C MET C 176 9.90 16.96 -12.36
N PHE C 177 9.56 18.07 -13.03
CA PHE C 177 9.04 19.21 -12.29
C PHE C 177 7.61 19.02 -11.76
N PRO C 178 6.70 18.31 -12.45
CA PRO C 178 5.36 18.15 -11.85
C PRO C 178 5.35 17.44 -10.51
N VAL C 179 6.06 16.32 -10.38
CA VAL C 179 6.09 15.59 -9.11
C VAL C 179 6.79 16.41 -8.04
N ALA C 180 7.90 17.07 -8.40
CA ALA C 180 8.63 17.88 -7.42
C ALA C 180 7.78 19.03 -6.90
N LEU C 181 7.02 19.68 -7.79
CA LEU C 181 6.13 20.76 -7.34
C LEU C 181 4.97 20.21 -6.52
N ALA C 182 4.45 19.04 -6.89
CA ALA C 182 3.34 18.46 -6.15
C ALA C 182 3.74 18.09 -4.73
N THR C 183 4.96 17.58 -4.55
CA THR C 183 5.41 17.20 -3.22
C THR C 183 5.82 18.40 -2.37
N GLY C 184 5.91 19.59 -2.94
CA GLY C 184 6.17 20.80 -2.19
C GLY C 184 7.56 21.41 -2.34
N ASN C 185 8.26 21.17 -3.43
CA ASN C 185 9.58 21.72 -3.65
C ASN C 185 9.52 22.88 -4.64
N THR C 186 10.63 23.62 -4.73
CA THR C 186 10.84 24.63 -5.75
C THR C 186 11.87 24.11 -6.75
N PHE C 187 11.73 24.53 -8.00
CA PHE C 187 12.47 23.92 -9.11
C PHE C 187 13.24 24.96 -9.90
N VAL C 188 14.49 24.63 -10.24
CA VAL C 188 15.30 25.38 -11.18
C VAL C 188 15.69 24.43 -12.30
N LEU C 189 15.35 24.79 -13.54
CA LEU C 189 15.56 23.94 -14.70
C LEU C 189 16.70 24.47 -15.55
N LYS C 190 17.55 23.56 -16.02
CA LYS C 190 18.64 23.86 -16.94
C LYS C 190 18.42 23.05 -18.21
N PRO C 191 17.72 23.60 -19.19
CA PRO C 191 17.40 22.85 -20.42
C PRO C 191 18.61 22.74 -21.33
N SER C 192 18.49 21.84 -22.31
CA SER C 192 19.49 21.74 -23.35
C SER C 192 19.50 23.01 -24.20
N GLU C 193 20.70 23.50 -24.51
CA GLU C 193 20.84 24.75 -25.25
C GLU C 193 20.52 24.61 -26.73
N ARG C 194 20.34 23.39 -27.23
CA ARG C 194 20.02 23.19 -28.63
C ARG C 194 18.57 23.53 -28.97
N ASP C 195 17.68 23.43 -28.00
CA ASP C 195 16.26 23.74 -28.21
C ASP C 195 15.63 24.20 -26.90
N PRO C 196 15.88 25.45 -26.49
CA PRO C 196 15.44 25.89 -25.17
C PRO C 196 14.05 26.51 -25.10
N SER C 197 13.51 26.92 -26.25
CA SER C 197 12.32 27.76 -26.26
C SER C 197 11.14 27.08 -25.57
N ALA C 198 10.97 25.78 -25.79
CA ALA C 198 9.86 25.05 -25.19
C ALA C 198 9.81 25.24 -23.68
N ALA C 199 10.99 25.23 -23.03
CA ALA C 199 11.02 25.40 -21.58
C ALA C 199 10.37 26.72 -21.18
N LEU C 200 10.76 27.81 -21.85
CA LEU C 200 10.17 29.11 -21.54
C LEU C 200 8.67 29.08 -21.76
N PHE C 201 8.22 28.45 -22.84
CA PHE C 201 6.79 28.32 -23.09
C PHE C 201 6.10 27.68 -21.90
N ILE C 202 6.66 26.57 -21.42
CA ILE C 202 6.07 25.86 -20.29
C ILE C 202 6.03 26.77 -19.06
N ALA C 203 7.11 27.51 -18.83
CA ALA C 203 7.15 28.39 -17.66
C ALA C 203 6.02 29.40 -17.73
N ASP C 204 5.79 29.97 -18.91
CA ASP C 204 4.71 30.94 -19.06
C ASP C 204 3.38 30.30 -18.72
N LEU C 205 3.14 29.08 -19.19
CA LEU C 205 1.90 28.40 -18.86
C LEU C 205 1.78 28.19 -17.35
N LEU C 206 2.88 27.82 -16.70
CA LEU C 206 2.84 27.64 -15.26
C LEU C 206 2.47 28.92 -14.54
N THR C 207 2.91 30.07 -15.07
CA THR C 207 2.51 31.34 -14.46
C THR C 207 1.04 31.64 -14.71
N GLN C 208 0.49 31.22 -15.86
CA GLN C 208 -0.91 31.49 -16.13
C GLN C 208 -1.84 30.64 -15.29
N ALA C 209 -1.35 29.54 -14.71
CA ALA C 209 -2.17 28.64 -13.93
C ALA C 209 -2.27 29.05 -12.46
N GLY C 210 -1.60 30.13 -12.06
CA GLY C 210 -1.65 30.59 -10.69
C GLY C 210 -0.49 30.17 -9.81
N LEU C 211 0.58 29.66 -10.39
CA LEU C 211 1.75 29.29 -9.59
C LEU C 211 2.42 30.53 -9.03
N PRO C 212 2.75 30.56 -7.74
CA PRO C 212 3.42 31.74 -7.18
C PRO C 212 4.79 31.97 -7.77
N ALA C 213 5.21 33.23 -7.78
CA ALA C 213 6.48 33.60 -8.37
C ALA C 213 7.65 33.00 -7.59
N GLY C 214 8.66 32.54 -8.33
CA GLY C 214 9.85 31.97 -7.75
C GLY C 214 9.81 30.47 -7.54
N VAL C 215 8.65 29.83 -7.69
CA VAL C 215 8.56 28.39 -7.48
C VAL C 215 9.20 27.63 -8.63
N PHE C 216 9.12 28.15 -9.85
CA PHE C 216 9.70 27.51 -11.03
C PHE C 216 10.55 28.53 -11.77
N ASN C 217 11.85 28.24 -11.90
CA ASN C 217 12.77 29.13 -12.60
C ASN C 217 13.52 28.36 -13.67
N VAL C 218 13.96 29.08 -14.70
CA VAL C 218 14.69 28.52 -15.83
C VAL C 218 15.98 29.30 -16.02
N VAL C 219 17.09 28.58 -16.17
CA VAL C 219 18.38 29.17 -16.54
C VAL C 219 18.94 28.43 -17.74
N GLN C 220 19.35 29.18 -18.76
CA GLN C 220 19.94 28.59 -19.95
C GLN C 220 21.46 28.59 -19.82
N GLY C 221 22.11 27.61 -20.43
CA GLY C 221 23.56 27.60 -20.37
C GLY C 221 24.14 26.27 -20.79
N ASP C 222 25.31 25.98 -20.23
CA ASP C 222 26.15 24.86 -20.64
C ASP C 222 26.88 24.36 -19.39
N LYS C 223 28.02 23.68 -19.59
CA LYS C 223 28.74 23.04 -18.49
C LYS C 223 29.01 24.01 -17.34
N GLY C 224 29.25 25.29 -17.64
CA GLY C 224 29.50 26.25 -16.57
C GLY C 224 28.30 26.42 -15.65
N ALA C 225 27.11 26.56 -16.23
CA ALA C 225 25.90 26.68 -15.43
C ALA C 225 25.63 25.40 -14.65
N VAL C 226 25.91 24.24 -15.25
CA VAL C 226 25.73 22.97 -14.56
C VAL C 226 26.64 22.87 -13.35
N ASP C 227 27.91 23.28 -13.51
CA ASP C 227 28.83 23.26 -12.38
C ASP C 227 28.39 24.24 -11.30
N ALA C 228 27.91 25.41 -11.69
CA ALA C 228 27.41 26.37 -10.72
C ALA C 228 26.23 25.80 -9.94
N LEU C 229 25.33 25.09 -10.61
CA LEU C 229 24.22 24.44 -9.92
C LEU C 229 24.70 23.33 -9.00
N LEU C 230 25.67 22.54 -9.44
CA LEU C 230 26.13 21.42 -8.63
C LEU C 230 26.92 21.86 -7.42
N ASP C 231 27.54 23.05 -7.46
CA ASP C 231 28.34 23.52 -6.33
C ASP C 231 27.55 24.37 -5.34
N HIS C 232 26.30 24.71 -5.64
CA HIS C 232 25.57 25.65 -4.78
C HIS C 232 25.11 24.95 -3.50
N PRO C 233 25.40 25.51 -2.33
CA PRO C 233 25.03 24.84 -1.07
C PRO C 233 23.54 24.86 -0.77
N ASP C 234 22.74 25.68 -1.46
CA ASP C 234 21.30 25.75 -1.19
C ASP C 234 20.48 24.79 -2.05
N VAL C 235 21.12 23.97 -2.88
CA VAL C 235 20.44 22.99 -3.71
C VAL C 235 20.49 21.64 -2.98
N GLN C 236 19.35 20.97 -2.90
CA GLN C 236 19.23 19.72 -2.15
C GLN C 236 19.31 18.48 -3.03
N ALA C 237 18.66 18.48 -4.20
CA ALA C 237 18.60 17.31 -5.05
C ALA C 237 18.85 17.69 -6.49
N VAL C 238 19.41 16.74 -7.25
CA VAL C 238 19.72 16.92 -8.66
C VAL C 238 19.17 15.73 -9.43
N SER C 239 18.42 16.02 -10.50
CA SER C 239 17.97 15.02 -11.46
C SER C 239 18.63 15.33 -12.81
N PHE C 240 19.18 14.31 -13.45
CA PHE C 240 19.92 14.48 -14.69
C PHE C 240 19.50 13.41 -15.69
N VAL C 241 19.33 13.81 -16.94
CA VAL C 241 19.11 12.87 -18.04
C VAL C 241 20.09 13.21 -19.16
N GLY C 242 20.82 12.20 -19.63
CA GLY C 242 21.82 12.43 -20.67
C GLY C 242 22.64 11.17 -20.92
N SER C 243 23.84 11.38 -21.45
CA SER C 243 24.72 10.27 -21.77
C SER C 243 25.42 9.73 -20.52
N THR C 244 26.00 8.54 -20.65
CA THR C 244 26.60 7.87 -19.50
C THR C 244 27.80 8.61 -18.91
N PRO C 245 28.80 9.07 -19.69
CA PRO C 245 29.93 9.77 -19.06
C PRO C 245 29.53 11.03 -18.30
N ILE C 246 28.63 11.83 -18.89
CA ILE C 246 28.19 13.05 -18.22
C ILE C 246 27.38 12.71 -16.98
N ALA C 247 26.59 11.62 -17.03
CA ALA C 247 25.84 11.20 -15.84
C ALA C 247 26.77 10.80 -14.71
N ALA C 248 27.84 10.05 -15.03
CA ALA C 248 28.81 9.68 -13.99
C ALA C 248 29.51 10.91 -13.42
N TYR C 249 29.90 11.85 -14.28
CA TYR C 249 30.54 13.07 -13.81
C TYR C 249 29.60 13.86 -12.89
N VAL C 250 28.33 14.01 -13.29
CA VAL C 250 27.37 14.76 -12.50
C VAL C 250 27.14 14.09 -11.16
N GLN C 251 26.99 12.77 -11.14
CA GLN C 251 26.79 12.07 -9.88
C GLN C 251 27.97 12.26 -8.94
N GLN C 252 29.19 12.10 -9.47
CA GLN C 252 30.38 12.27 -8.62
C GLN C 252 30.45 13.68 -8.04
N ARG C 253 30.26 14.70 -8.89
CA ARG C 253 30.41 16.08 -8.42
C ARG C 253 29.30 16.47 -7.46
N ALA C 254 28.09 15.96 -7.65
CA ALA C 254 27.00 16.30 -6.75
C ALA C 254 27.10 15.56 -5.42
N VAL C 255 27.56 14.30 -5.44
CA VAL C 255 27.77 13.59 -4.19
C VAL C 255 28.90 14.21 -3.39
N GLN C 256 29.93 14.73 -4.07
CA GLN C 256 31.05 15.33 -3.36
C GLN C 256 30.62 16.53 -2.50
N SER C 257 29.51 17.18 -2.86
CA SER C 257 28.99 18.31 -2.10
C SER C 257 27.82 17.93 -1.20
N GLY C 258 27.50 16.65 -1.08
CA GLY C 258 26.45 16.19 -0.19
C GLY C 258 25.03 16.47 -0.68
N LYS C 259 24.69 15.96 -1.87
CA LYS C 259 23.36 16.13 -2.43
C LYS C 259 22.80 14.78 -2.85
N ARG C 260 21.47 14.69 -2.88
CA ARG C 260 20.81 13.56 -3.50
C ARG C 260 20.88 13.69 -5.01
N VAL C 261 21.24 12.58 -5.68
CA VAL C 261 21.47 12.59 -7.12
C VAL C 261 20.72 11.43 -7.75
N GLN C 262 20.07 11.69 -8.88
CA GLN C 262 19.68 10.63 -9.80
C GLN C 262 20.07 11.05 -11.21
N ALA C 263 20.71 10.13 -11.95
CA ALA C 263 21.23 10.43 -13.27
C ALA C 263 20.98 9.25 -14.20
N LEU C 264 20.38 9.52 -15.35
CA LEU C 264 20.09 8.48 -16.34
C LEU C 264 21.09 8.56 -17.47
N GLY C 265 21.57 7.40 -17.91
CA GLY C 265 22.60 7.31 -18.92
C GLY C 265 22.13 6.81 -20.27
N GLY C 266 23.04 6.22 -21.05
CA GLY C 266 22.77 5.78 -22.39
C GLY C 266 22.16 4.39 -22.46
N ALA C 267 22.03 3.88 -23.68
CA ALA C 267 21.34 2.63 -23.90
C ALA C 267 21.85 1.95 -25.17
N LYS C 268 21.59 0.64 -25.25
CA LYS C 268 21.81 -0.14 -26.46
C LYS C 268 20.77 -1.27 -26.44
N ASN C 269 19.61 -1.01 -27.04
CA ASN C 269 18.44 -1.86 -26.85
C ASN C 269 18.37 -2.95 -27.91
N HIS C 270 18.12 -4.17 -27.46
CA HIS C 270 18.02 -5.34 -28.32
C HIS C 270 16.55 -5.76 -28.46
N LEU C 271 16.24 -6.32 -29.63
CA LEU C 271 14.94 -6.94 -29.89
C LEU C 271 15.18 -8.36 -30.37
N VAL C 272 14.57 -9.33 -29.69
CA VAL C 272 14.77 -10.75 -29.99
C VAL C 272 13.56 -11.26 -30.77
N VAL C 273 13.83 -11.96 -31.87
CA VAL C 273 12.79 -12.57 -32.70
C VAL C 273 12.93 -14.08 -32.59
N MET C 274 11.90 -14.73 -32.04
CA MET C 274 11.87 -16.17 -31.90
C MET C 274 11.32 -16.83 -33.15
N PRO C 275 11.61 -18.12 -33.36
CA PRO C 275 11.10 -18.80 -34.56
C PRO C 275 9.59 -18.86 -34.67
N ASP C 276 8.86 -18.73 -33.56
CA ASP C 276 7.41 -18.83 -33.57
C ASP C 276 6.72 -17.46 -33.52
N ALA C 277 7.46 -16.39 -33.78
CA ALA C 277 6.89 -15.05 -33.76
C ALA C 277 6.15 -14.76 -35.06
N ASN C 278 5.32 -13.72 -35.01
CA ASN C 278 4.62 -13.22 -36.20
C ASN C 278 5.59 -12.38 -37.01
N ILE C 279 5.86 -12.80 -38.25
CA ILE C 279 6.92 -12.18 -39.04
C ILE C 279 6.57 -10.76 -39.43
N ASP C 280 5.33 -10.54 -39.91
CA ASP C 280 4.95 -9.21 -40.38
C ASP C 280 4.96 -8.20 -39.24
N GLN C 281 4.40 -8.57 -38.09
CA GLN C 281 4.38 -7.67 -36.95
C GLN C 281 5.79 -7.39 -36.44
N ALA C 282 6.66 -8.41 -36.47
CA ALA C 282 8.04 -8.20 -36.08
C ALA C 282 8.75 -7.22 -37.01
N VAL C 283 8.52 -7.36 -38.32
CA VAL C 283 9.13 -6.43 -39.28
C VAL C 283 8.62 -5.02 -39.06
N ASP C 284 7.31 -4.86 -38.86
CA ASP C 284 6.75 -3.54 -38.60
C ASP C 284 7.34 -2.92 -37.33
N ALA C 285 7.44 -3.72 -36.26
CA ALA C 285 7.99 -3.21 -35.01
C ALA C 285 9.45 -2.81 -35.18
N LEU C 286 10.24 -3.63 -35.89
CA LEU C 286 11.64 -3.29 -36.11
C LEU C 286 11.78 -1.98 -36.87
N ILE C 287 11.01 -1.84 -37.96
CA ILE C 287 11.10 -0.61 -38.76
C ILE C 287 10.74 0.61 -37.90
N GLY C 288 9.61 0.54 -37.19
CA GLY C 288 9.18 1.68 -36.41
C GLY C 288 10.14 2.03 -35.30
N ALA C 289 10.50 1.04 -34.48
CA ALA C 289 11.33 1.30 -33.31
C ALA C 289 12.79 1.57 -33.68
N ALA C 290 13.21 1.26 -34.90
CA ALA C 290 14.58 1.58 -35.29
C ALA C 290 14.69 2.90 -36.05
N TYR C 291 13.65 3.32 -36.77
CA TYR C 291 13.76 4.52 -37.59
C TYR C 291 12.77 5.61 -37.21
N GLY C 292 12.11 5.51 -36.06
CA GLY C 292 11.33 6.64 -35.58
C GLY C 292 12.22 7.67 -34.91
N SER C 293 11.98 8.93 -35.24
CA SER C 293 12.76 10.06 -34.74
C SER C 293 14.24 9.94 -35.09
N ALA C 294 14.52 9.29 -36.22
CA ALA C 294 15.89 9.09 -36.71
C ALA C 294 16.78 8.38 -35.70
N GLY C 295 16.19 7.49 -34.90
CA GLY C 295 16.95 6.73 -33.93
C GLY C 295 17.46 7.52 -32.75
N GLU C 296 16.95 8.72 -32.53
CA GLU C 296 17.40 9.58 -31.44
C GLU C 296 16.51 9.41 -30.21
N ARG C 297 16.40 8.17 -29.75
CA ARG C 297 15.65 7.84 -28.55
C ARG C 297 16.44 6.87 -27.69
N CYS C 298 16.31 7.01 -26.37
CA CYS C 298 16.94 6.07 -25.46
C CYS C 298 16.32 4.67 -25.54
N MET C 299 15.05 4.58 -25.94
CA MET C 299 14.36 3.31 -26.07
C MET C 299 14.33 2.79 -27.50
N ALA C 300 15.08 3.40 -28.40
CA ALA C 300 15.16 2.92 -29.77
C ALA C 300 15.86 1.57 -29.85
N ILE C 301 15.38 0.73 -30.75
CA ILE C 301 16.01 -0.58 -30.98
C ILE C 301 17.19 -0.39 -31.92
N SER C 302 18.37 -0.82 -31.50
CA SER C 302 19.56 -0.70 -32.32
C SER C 302 20.17 -2.04 -32.72
N ILE C 303 19.83 -3.13 -32.04
CA ILE C 303 20.33 -4.46 -32.37
C ILE C 303 19.14 -5.40 -32.51
N ALA C 304 19.09 -6.14 -33.61
CA ALA C 304 18.08 -7.16 -33.84
C ALA C 304 18.72 -8.53 -33.68
N VAL C 305 18.23 -9.30 -32.72
CA VAL C 305 18.75 -10.64 -32.43
C VAL C 305 17.83 -11.66 -33.09
N LEU C 306 18.36 -12.41 -34.04
CA LEU C 306 17.59 -13.36 -34.83
C LEU C 306 17.98 -14.77 -34.44
N VAL C 307 16.99 -15.59 -34.11
CA VAL C 307 17.21 -16.92 -33.55
C VAL C 307 16.77 -17.95 -34.58
N GLY C 308 17.66 -18.87 -34.93
CA GLY C 308 17.30 -19.97 -35.80
C GLY C 308 17.28 -19.56 -37.26
N ASP C 309 16.25 -19.99 -37.98
CA ASP C 309 16.15 -19.80 -39.42
C ASP C 309 15.26 -18.62 -39.80
N VAL C 310 14.86 -17.79 -38.84
CA VAL C 310 14.02 -16.63 -39.17
C VAL C 310 14.80 -15.48 -39.78
N ALA C 311 16.14 -15.52 -39.73
CA ALA C 311 16.94 -14.42 -40.23
C ALA C 311 16.66 -14.16 -41.71
N ASP C 312 16.64 -15.23 -42.52
CA ASP C 312 16.36 -15.09 -43.94
C ASP C 312 14.95 -14.59 -44.21
N LYS C 313 14.05 -14.64 -43.23
CA LYS C 313 12.72 -14.07 -43.38
C LYS C 313 12.60 -12.66 -42.83
N ILE C 314 13.65 -12.13 -42.20
CA ILE C 314 13.61 -10.81 -41.57
C ILE C 314 14.46 -9.80 -42.32
N VAL C 315 15.73 -10.14 -42.60
CA VAL C 315 16.63 -9.18 -43.23
C VAL C 315 16.16 -8.75 -44.61
N PRO C 316 15.77 -9.65 -45.52
CA PRO C 316 15.29 -9.17 -46.84
C PRO C 316 14.07 -8.27 -46.75
N ALA C 317 13.14 -8.54 -45.83
CA ALA C 317 11.95 -7.71 -45.71
C ALA C 317 12.30 -6.34 -45.14
N VAL C 318 13.05 -6.32 -44.04
CA VAL C 318 13.38 -5.05 -43.37
C VAL C 318 14.11 -4.12 -44.33
N ALA C 319 15.09 -4.66 -45.07
CA ALA C 319 15.81 -3.86 -46.05
C ALA C 319 14.87 -3.23 -47.05
N GLU C 320 13.87 -4.00 -47.51
CA GLU C 320 12.92 -3.46 -48.48
C GLU C 320 12.14 -2.30 -47.88
N ARG C 321 11.85 -2.33 -46.58
CA ARG C 321 11.18 -1.21 -45.95
C ARG C 321 12.15 -0.06 -45.69
N ALA C 322 13.45 -0.34 -45.55
CA ALA C 322 14.39 0.72 -45.22
C ALA C 322 14.66 1.62 -46.41
N ARG C 323 14.61 1.08 -47.63
CA ARG C 323 14.85 1.87 -48.83
C ARG C 323 13.66 2.77 -49.20
N LYS C 324 12.47 2.47 -48.68
CA LYS C 324 11.26 3.17 -49.07
C LYS C 324 10.82 4.23 -48.06
N LEU C 325 11.67 4.56 -47.09
CA LEU C 325 11.31 5.58 -46.11
C LEU C 325 11.20 6.95 -46.75
N VAL C 326 10.22 7.73 -46.33
CA VAL C 326 10.02 9.09 -46.81
C VAL C 326 10.71 10.04 -45.84
N ILE C 327 11.67 10.81 -46.34
CA ILE C 327 12.51 11.68 -45.53
C ILE C 327 12.39 13.10 -46.05
N GLY C 328 12.15 14.04 -45.13
CA GLY C 328 12.02 15.43 -45.53
C GLY C 328 11.78 16.32 -44.33
N ASP C 329 11.24 17.51 -44.61
CA ASP C 329 10.95 18.47 -43.57
C ASP C 329 9.85 17.96 -42.65
N GLY C 330 9.99 18.23 -41.35
CA GLY C 330 9.10 17.66 -40.35
C GLY C 330 7.68 18.15 -40.42
N MET C 331 7.44 19.32 -41.01
CA MET C 331 6.09 19.86 -41.13
C MET C 331 5.31 19.31 -42.32
N SER C 332 5.96 18.55 -43.20
CA SER C 332 5.24 17.91 -44.30
C SER C 332 4.50 16.67 -43.79
N PRO C 333 3.19 16.55 -44.03
CA PRO C 333 2.42 15.45 -43.44
C PRO C 333 2.89 14.06 -43.85
N GLU C 334 3.39 13.89 -45.07
CA GLU C 334 3.75 12.56 -45.57
C GLU C 334 5.12 12.10 -45.12
N VAL C 335 5.92 12.97 -44.50
CA VAL C 335 7.28 12.63 -44.11
C VAL C 335 7.25 11.73 -42.88
N GLU C 336 8.06 10.67 -42.92
CA GLU C 336 8.18 9.72 -41.82
C GLU C 336 9.42 9.93 -40.96
N MET C 337 10.50 10.47 -41.53
CA MET C 337 11.73 10.71 -40.78
C MET C 337 12.27 12.09 -41.10
N GLY C 338 12.70 12.81 -40.06
CA GLY C 338 13.28 14.12 -40.21
C GLY C 338 14.79 14.10 -40.19
N PRO C 339 15.41 15.27 -40.09
CA PRO C 339 16.88 15.35 -40.11
C PRO C 339 17.50 15.17 -38.73
N ILE C 340 18.83 15.10 -38.74
CA ILE C 340 19.61 15.05 -37.51
C ILE C 340 19.69 16.45 -36.89
N VAL C 341 19.94 16.49 -35.58
CA VAL C 341 19.85 17.75 -34.84
C VAL C 341 20.94 18.73 -35.28
N THR C 342 22.17 18.26 -35.46
CA THR C 342 23.28 19.10 -35.85
C THR C 342 24.10 18.39 -36.91
N GLY C 343 25.00 19.16 -37.54
CA GLY C 343 25.91 18.59 -38.53
C GLY C 343 27.02 17.76 -37.93
N GLU C 344 27.47 18.11 -36.72
CA GLU C 344 28.49 17.31 -36.05
C GLU C 344 27.97 15.92 -35.71
N ALA C 345 26.72 15.82 -35.27
CA ALA C 345 26.12 14.51 -35.00
C ALA C 345 26.01 13.69 -36.27
N LEU C 346 25.62 14.32 -37.38
CA LEU C 346 25.57 13.62 -38.67
C LEU C 346 26.94 13.11 -39.07
N LYS C 347 27.97 13.93 -38.90
CA LYS C 347 29.34 13.50 -39.22
C LYS C 347 29.77 12.33 -38.35
N ARG C 348 29.43 12.36 -37.06
CA ARG C 348 29.78 11.25 -36.17
C ARG C 348 29.05 9.97 -36.56
N ILE C 349 27.78 10.08 -36.96
CA ILE C 349 27.03 8.90 -37.41
C ILE C 349 27.67 8.31 -38.67
N GLU C 350 28.06 9.17 -39.61
CA GLU C 350 28.73 8.70 -40.83
C GLU C 350 30.07 8.04 -40.50
N GLY C 351 30.80 8.60 -39.53
CA GLY C 351 32.03 7.96 -39.10
C GLY C 351 31.79 6.58 -38.50
N TYR C 352 30.70 6.43 -37.74
CA TYR C 352 30.34 5.11 -37.21
C TYR C 352 30.04 4.13 -38.34
N ILE C 353 29.33 4.59 -39.38
CA ILE C 353 29.03 3.72 -40.52
C ILE C 353 30.31 3.29 -41.22
N GLU C 354 31.24 4.23 -41.41
CA GLU C 354 32.52 3.89 -42.03
C GLU C 354 33.29 2.88 -41.18
N GLN C 355 33.30 3.07 -39.86
CA GLN C 355 33.95 2.12 -38.97
C GLN C 355 33.32 0.73 -39.07
N GLY C 356 31.99 0.69 -39.13
CA GLY C 356 31.31 -0.59 -39.25
C GLY C 356 31.65 -1.31 -40.54
N VAL C 357 31.77 -0.56 -41.64
CA VAL C 357 32.20 -1.18 -42.89
C VAL C 357 33.64 -1.69 -42.77
N ASN C 358 34.51 -0.92 -42.12
CA ASN C 358 35.92 -1.29 -42.06
C ASN C 358 36.16 -2.54 -41.21
N GLU C 359 35.31 -2.81 -40.22
CA GLU C 359 35.56 -3.90 -39.28
C GLU C 359 34.92 -5.22 -39.68
N GLY C 360 34.28 -5.30 -40.85
CA GLY C 360 33.82 -6.57 -41.37
C GLY C 360 32.32 -6.78 -41.44
N ALA C 361 31.51 -5.87 -40.89
CA ALA C 361 30.07 -6.03 -40.98
C ALA C 361 29.59 -5.79 -42.40
N GLN C 362 28.56 -6.53 -42.80
CA GLN C 362 28.00 -6.42 -44.14
C GLN C 362 27.03 -5.25 -44.19
N LEU C 363 27.25 -4.33 -45.13
CA LEU C 363 26.41 -3.15 -45.27
C LEU C 363 25.28 -3.46 -46.24
N VAL C 364 24.16 -3.94 -45.70
CA VAL C 364 23.02 -4.29 -46.55
C VAL C 364 22.39 -3.04 -47.16
N VAL C 365 22.14 -2.02 -46.33
CA VAL C 365 21.52 -0.79 -46.80
C VAL C 365 22.37 0.39 -46.32
N ASP C 366 22.75 1.26 -47.25
CA ASP C 366 23.60 2.41 -46.96
C ASP C 366 22.78 3.69 -47.11
N GLY C 367 22.75 4.51 -46.06
CA GLY C 367 22.02 5.74 -46.05
C GLY C 367 22.84 7.00 -46.27
N ARG C 368 24.14 6.88 -46.48
CA ARG C 368 24.98 8.05 -46.69
C ARG C 368 24.73 8.65 -48.06
N GLY C 369 25.13 9.92 -48.21
CA GLY C 369 24.97 10.62 -49.46
C GLY C 369 23.54 10.89 -49.88
N LEU C 370 22.70 11.33 -48.95
CA LEU C 370 21.30 11.62 -49.21
C LEU C 370 21.12 13.12 -49.47
N ARG C 371 20.37 13.44 -50.52
CA ARG C 371 20.02 14.81 -50.85
C ARG C 371 18.50 14.92 -50.94
N VAL C 372 17.92 15.82 -50.15
CA VAL C 372 16.47 16.02 -50.12
C VAL C 372 16.14 17.21 -51.02
N PRO C 373 15.27 17.05 -52.01
CA PRO C 373 14.92 18.19 -52.88
C PRO C 373 14.24 19.30 -52.10
N GLY C 374 14.74 20.51 -52.25
CA GLY C 374 14.25 21.66 -51.52
C GLY C 374 14.88 21.83 -50.15
N ARG C 375 15.60 20.84 -49.64
CA ARG C 375 16.28 20.88 -48.36
C ARG C 375 17.70 20.37 -48.49
N GLU C 376 18.41 20.85 -49.51
CA GLU C 376 19.75 20.36 -49.80
C GLU C 376 20.76 20.71 -48.70
N ALA C 377 20.51 21.76 -47.92
CA ALA C 377 21.41 22.15 -46.85
C ALA C 377 21.07 21.52 -45.51
N GLY C 378 19.98 20.75 -45.43
CA GLY C 378 19.60 20.14 -44.18
C GLY C 378 20.51 18.98 -43.79
N PHE C 379 20.47 18.65 -42.50
CA PHE C 379 21.32 17.59 -41.95
C PHE C 379 20.60 16.25 -42.08
N PHE C 380 20.39 15.83 -43.32
CA PHE C 380 19.61 14.64 -43.63
C PHE C 380 20.50 13.44 -43.91
N THR C 381 19.99 12.27 -43.55
CA THR C 381 20.64 11.00 -43.87
C THR C 381 19.57 9.92 -43.98
N GLY C 382 19.90 8.84 -44.67
CA GLY C 382 18.98 7.75 -44.87
C GLY C 382 19.17 6.63 -43.84
N GLY C 383 18.25 5.66 -43.91
CA GLY C 383 18.34 4.52 -43.02
C GLY C 383 19.46 3.57 -43.42
N THR C 384 20.14 3.03 -42.42
CA THR C 384 21.28 2.16 -42.63
C THR C 384 21.02 0.81 -41.96
N LEU C 385 21.30 -0.26 -42.68
CA LEU C 385 21.10 -1.62 -42.20
C LEU C 385 22.37 -2.44 -42.38
N PHE C 386 22.86 -3.02 -41.29
CA PHE C 386 24.00 -3.93 -41.27
C PHE C 386 23.55 -5.35 -41.03
N ASP C 387 24.42 -6.30 -41.36
CA ASP C 387 24.18 -7.71 -41.14
C ASP C 387 25.47 -8.38 -40.73
N HIS C 388 25.33 -9.51 -40.03
CA HIS C 388 26.45 -10.31 -39.51
C HIS C 388 27.32 -9.47 -38.57
N VAL C 389 26.66 -8.78 -37.65
CA VAL C 389 27.36 -7.99 -36.64
C VAL C 389 27.85 -8.91 -35.53
N LYS C 390 29.06 -8.65 -35.05
CA LYS C 390 29.68 -9.45 -34.01
C LYS C 390 29.82 -8.66 -32.71
N PRO C 391 29.85 -9.35 -31.56
CA PRO C 391 29.94 -8.63 -30.28
C PRO C 391 31.21 -7.82 -30.11
N ASP C 392 32.28 -8.14 -30.83
CA ASP C 392 33.55 -7.43 -30.67
C ASP C 392 33.65 -6.17 -31.55
N MET C 393 32.65 -5.90 -32.38
CA MET C 393 32.65 -4.72 -33.22
C MET C 393 32.29 -3.47 -32.41
N ARG C 394 32.79 -2.32 -32.86
CA ARG C 394 32.51 -1.07 -32.18
C ARG C 394 31.08 -0.59 -32.40
N ILE C 395 30.47 -0.97 -33.53
CA ILE C 395 29.07 -0.61 -33.78
C ILE C 395 28.11 -1.41 -32.91
N TYR C 396 28.59 -2.45 -32.25
CA TYR C 396 27.76 -3.20 -31.31
C TYR C 396 27.92 -2.72 -29.87
N LYS C 397 29.14 -2.33 -29.48
CA LYS C 397 29.39 -1.98 -28.09
C LYS C 397 29.01 -0.54 -27.79
N GLU C 398 29.25 0.37 -28.74
CA GLU C 398 29.05 1.80 -28.51
C GLU C 398 27.68 2.24 -29.03
N GLU C 399 27.17 3.32 -28.44
CA GLU C 399 25.86 3.85 -28.79
C GLU C 399 26.01 4.84 -29.96
N ILE C 400 25.28 4.58 -31.04
CA ILE C 400 25.37 5.42 -32.23
C ILE C 400 24.38 6.57 -32.16
N PHE C 401 23.20 6.34 -31.60
CA PHE C 401 22.15 7.35 -31.47
C PHE C 401 21.76 7.92 -32.82
N GLY C 402 21.59 7.04 -33.80
CA GLY C 402 21.19 7.43 -35.13
C GLY C 402 20.37 6.34 -35.79
N PRO C 403 20.04 6.52 -37.07
CA PRO C 403 19.22 5.53 -37.79
C PRO C 403 20.06 4.38 -38.35
N VAL C 404 20.73 3.67 -37.46
CA VAL C 404 21.58 2.53 -37.82
C VAL C 404 21.09 1.31 -37.06
N LEU C 405 20.82 0.23 -37.78
CA LEU C 405 20.34 -1.02 -37.20
C LEU C 405 21.27 -2.15 -37.61
N GLY C 406 21.71 -2.94 -36.64
CA GLY C 406 22.55 -4.10 -36.89
C GLY C 406 21.84 -5.38 -36.51
N CYS C 407 22.17 -6.46 -37.21
CA CYS C 407 21.56 -7.76 -37.01
C CYS C 407 22.60 -8.76 -36.53
N VAL C 408 22.29 -9.45 -35.44
CA VAL C 408 23.17 -10.46 -34.85
C VAL C 408 22.42 -11.79 -34.84
N ARG C 409 23.07 -12.84 -35.31
CA ARG C 409 22.45 -14.16 -35.44
C ARG C 409 22.97 -15.08 -34.35
N VAL C 410 22.04 -15.74 -33.64
CA VAL C 410 22.37 -16.71 -32.60
C VAL C 410 21.63 -18.01 -32.91
N LYS C 411 22.02 -19.06 -32.21
CA LYS C 411 21.48 -20.39 -32.45
C LYS C 411 20.20 -20.68 -31.68
N ASP C 412 20.10 -20.22 -30.43
CA ASP C 412 18.95 -20.57 -29.60
C ASP C 412 18.69 -19.47 -28.59
N PHE C 413 17.70 -19.73 -27.72
CA PHE C 413 17.24 -18.76 -26.72
C PHE C 413 18.33 -18.45 -25.70
N GLY C 414 19.04 -19.48 -25.22
CA GLY C 414 20.05 -19.27 -24.21
C GLY C 414 21.21 -18.42 -24.70
N GLU C 415 21.61 -18.61 -25.97
CA GLU C 415 22.68 -17.80 -26.53
C GLU C 415 22.27 -16.33 -26.59
N ALA C 416 21.02 -16.05 -26.97
CA ALA C 416 20.53 -14.68 -27.00
C ALA C 416 20.51 -14.06 -25.60
N VAL C 417 20.06 -14.83 -24.61
CA VAL C 417 20.03 -14.32 -23.24
C VAL C 417 21.44 -14.02 -22.74
N ASP C 418 22.39 -14.93 -23.02
CA ASP C 418 23.77 -14.70 -22.60
C ASP C 418 24.38 -13.50 -23.30
N LEU C 419 24.06 -13.32 -24.59
CA LEU C 419 24.57 -12.17 -25.32
C LEU C 419 24.06 -10.87 -24.73
N ILE C 420 22.75 -10.81 -24.42
CA ILE C 420 22.18 -9.58 -23.88
C ILE C 420 22.73 -9.29 -22.49
N ASN C 421 22.85 -10.32 -21.65
CA ASN C 421 23.31 -10.09 -20.27
C ASN C 421 24.76 -9.65 -20.18
N ALA C 422 25.55 -9.81 -21.23
CA ALA C 422 26.95 -9.44 -21.22
C ALA C 422 27.21 -8.00 -21.64
N HIS C 423 26.19 -7.27 -22.07
CA HIS C 423 26.37 -5.89 -22.50
C HIS C 423 26.50 -4.96 -21.30
N GLU C 424 27.05 -3.78 -21.54
CA GLU C 424 27.24 -2.81 -20.48
C GLU C 424 25.98 -1.99 -20.19
N PHE C 425 24.99 -2.02 -21.08
CA PHE C 425 23.76 -1.25 -20.90
C PHE C 425 22.61 -2.17 -20.50
N GLY C 426 21.69 -1.61 -19.74
CA GLY C 426 20.54 -2.36 -19.26
C GLY C 426 19.23 -1.61 -19.29
N ASN C 427 19.02 -0.78 -20.31
CA ASN C 427 17.86 0.12 -20.33
C ASN C 427 16.57 -0.61 -20.72
N GLY C 428 16.49 -1.11 -21.94
CA GLY C 428 15.27 -1.71 -22.44
C GLY C 428 15.55 -2.94 -23.28
N VAL C 429 14.58 -3.84 -23.32
CA VAL C 429 14.70 -5.06 -24.11
C VAL C 429 13.30 -5.50 -24.55
N SER C 430 13.24 -6.19 -25.69
CA SER C 430 11.97 -6.67 -26.23
C SER C 430 12.16 -8.08 -26.77
N CYS C 431 11.09 -8.87 -26.71
CA CYS C 431 11.09 -10.23 -27.22
C CYS C 431 9.75 -10.54 -27.89
N PHE C 432 9.80 -11.08 -29.10
CA PHE C 432 8.60 -11.41 -29.86
C PHE C 432 8.44 -12.93 -29.92
N THR C 433 7.33 -13.43 -29.38
CA THR C 433 7.07 -14.87 -29.31
C THR C 433 5.59 -15.07 -29.04
N SER C 434 5.13 -16.31 -29.25
CA SER C 434 3.77 -16.71 -28.91
C SER C 434 3.73 -17.78 -27.82
N ASP C 435 4.86 -18.07 -27.17
CA ASP C 435 4.96 -19.13 -26.19
C ASP C 435 5.01 -18.53 -24.79
N GLY C 436 4.13 -19.01 -23.90
CA GLY C 436 4.06 -18.45 -22.56
C GLY C 436 5.29 -18.71 -21.72
N GLY C 437 5.81 -19.94 -21.77
CA GLY C 437 6.97 -20.27 -20.96
C GLY C 437 8.22 -19.51 -21.35
N ILE C 438 8.44 -19.34 -22.66
CA ILE C 438 9.58 -18.56 -23.13
C ILE C 438 9.46 -17.12 -22.66
N ALA C 439 8.26 -16.54 -22.76
CA ALA C 439 8.06 -15.17 -22.29
C ALA C 439 8.33 -15.05 -20.80
N ARG C 440 7.86 -16.03 -20.00
CA ARG C 440 8.07 -15.97 -18.56
C ARG C 440 9.55 -16.06 -18.20
N GLU C 441 10.26 -17.00 -18.82
CA GLU C 441 11.68 -17.16 -18.53
C GLU C 441 12.48 -15.95 -19.00
N PHE C 442 12.17 -15.41 -20.18
CA PHE C 442 12.86 -14.23 -20.66
C PHE C 442 12.61 -13.03 -19.76
N ALA C 443 11.38 -12.85 -19.29
CA ALA C 443 11.08 -11.73 -18.42
C ALA C 443 11.80 -11.83 -17.09
N ARG C 444 11.87 -13.04 -16.51
CA ARG C 444 12.47 -13.13 -15.19
C ARG C 444 13.98 -13.40 -15.20
N ARG C 445 14.59 -13.65 -16.36
CA ARG C 445 16.02 -13.92 -16.41
C ARG C 445 16.85 -12.77 -16.97
N ILE C 446 16.26 -11.89 -17.78
CA ILE C 446 17.04 -10.86 -18.45
C ILE C 446 17.46 -9.79 -17.45
N GLN C 447 18.66 -9.26 -17.62
CA GLN C 447 19.20 -8.25 -16.70
C GLN C 447 18.97 -6.84 -17.24
N VAL C 448 17.69 -6.52 -17.47
CA VAL C 448 17.29 -5.24 -18.05
C VAL C 448 16.18 -4.66 -17.20
N GLY C 449 16.20 -3.34 -17.04
CA GLY C 449 15.19 -2.68 -16.24
C GLY C 449 13.79 -2.70 -16.82
N MET C 450 13.67 -2.56 -18.14
CA MET C 450 12.37 -2.45 -18.81
C MET C 450 12.26 -3.52 -19.89
N VAL C 451 11.20 -4.32 -19.82
CA VAL C 451 11.04 -5.53 -20.63
C VAL C 451 9.74 -5.45 -21.40
N GLY C 452 9.78 -5.84 -22.67
CA GLY C 452 8.58 -5.93 -23.48
C GLY C 452 8.36 -7.29 -24.10
N ILE C 453 7.14 -7.79 -24.03
CA ILE C 453 6.74 -9.03 -24.69
C ILE C 453 5.82 -8.64 -25.84
N ASN C 454 6.33 -8.75 -27.06
CA ASN C 454 5.66 -8.29 -28.27
C ASN C 454 5.40 -6.78 -28.25
N VAL C 455 6.15 -6.05 -27.43
CA VAL C 455 6.05 -4.60 -27.33
C VAL C 455 7.41 -3.99 -27.67
N PRO C 456 7.57 -3.41 -28.86
CA PRO C 456 8.92 -2.93 -29.26
C PRO C 456 9.49 -1.85 -28.35
N ILE C 457 8.68 -0.95 -27.83
CA ILE C 457 9.16 0.15 -26.99
C ILE C 457 8.41 0.11 -25.66
N PRO C 458 8.90 -0.65 -24.68
CA PRO C 458 8.16 -0.84 -23.40
C PRO C 458 8.39 0.28 -22.39
N VAL C 459 7.83 1.45 -22.65
CA VAL C 459 7.90 2.56 -21.72
C VAL C 459 6.81 2.38 -20.67
N PRO C 460 7.17 2.29 -19.38
CA PRO C 460 6.17 2.04 -18.35
C PRO C 460 5.19 3.20 -18.19
N MET C 461 4.04 2.89 -17.59
CA MET C 461 3.00 3.88 -17.38
C MET C 461 3.42 4.88 -16.31
N ALA C 462 2.65 5.95 -16.20
CA ALA C 462 3.00 7.07 -15.32
C ALA C 462 2.99 6.67 -13.85
N TRP C 463 2.23 5.65 -13.48
CA TRP C 463 2.13 5.23 -12.09
C TRP C 463 3.13 4.12 -11.72
N HIS C 464 4.03 3.75 -12.63
CA HIS C 464 5.05 2.75 -12.34
C HIS C 464 6.44 3.32 -12.20
N GLY C 465 6.89 4.12 -13.17
CA GLY C 465 8.22 4.70 -13.10
C GLY C 465 9.15 4.29 -14.23
N PHE C 466 10.15 5.11 -14.51
CA PHE C 466 11.09 4.89 -15.60
C PHE C 466 12.49 4.71 -15.01
N GLY C 467 13.15 3.61 -15.38
CA GLY C 467 14.51 3.39 -14.93
C GLY C 467 15.19 2.16 -15.49
N GLY C 468 16.46 2.30 -15.86
CA GLY C 468 17.25 1.19 -16.36
C GLY C 468 18.22 0.65 -15.32
N TRP C 469 18.96 -0.38 -15.72
CA TRP C 469 19.91 -1.07 -14.87
C TRP C 469 21.33 -0.88 -15.39
N LYS C 470 22.29 -1.29 -14.55
CA LYS C 470 23.71 -1.34 -14.89
C LYS C 470 24.20 0.08 -15.20
N LYS C 471 24.83 0.32 -16.35
CA LYS C 471 25.38 1.64 -16.67
C LYS C 471 24.34 2.61 -17.19
N SER C 472 23.07 2.22 -17.26
CA SER C 472 22.01 3.10 -17.72
C SER C 472 21.45 3.98 -16.61
N LEU C 473 21.82 3.75 -15.35
CA LEU C 473 21.31 4.55 -14.25
C LEU C 473 22.36 4.65 -13.16
N PHE C 474 22.58 5.86 -12.65
CA PHE C 474 23.47 6.13 -11.53
C PHE C 474 22.64 6.64 -10.37
N GLY C 475 22.51 5.83 -9.33
CA GLY C 475 21.66 6.11 -8.19
C GLY C 475 20.89 4.87 -7.81
N ASP C 476 19.82 5.05 -7.03
CA ASP C 476 19.01 3.91 -6.63
C ASP C 476 17.50 4.21 -6.66
N MET C 477 17.07 5.25 -7.36
CA MET C 477 15.65 5.55 -7.50
C MET C 477 15.34 5.88 -8.95
N HIS C 478 14.10 5.60 -9.35
CA HIS C 478 13.66 5.80 -10.73
C HIS C 478 12.96 7.15 -10.88
N ALA C 479 12.55 7.45 -12.10
CA ALA C 479 11.93 8.73 -12.45
C ALA C 479 10.42 8.58 -12.48
N TYR C 480 9.73 9.55 -11.85
CA TYR C 480 8.29 9.63 -11.65
C TYR C 480 7.69 8.35 -11.08
N GLY C 481 6.37 8.31 -10.92
CA GLY C 481 5.77 7.24 -10.15
C GLY C 481 6.03 7.41 -8.66
N GLU C 482 5.80 6.31 -7.93
CA GLU C 482 6.08 6.31 -6.50
C GLU C 482 7.57 6.47 -6.22
N GLU C 483 8.44 5.95 -7.09
CA GLU C 483 9.87 6.18 -6.96
C GLU C 483 10.19 7.66 -7.05
N GLY C 484 9.58 8.35 -8.02
CA GLY C 484 9.79 9.78 -8.14
C GLY C 484 9.26 10.54 -6.95
N VAL C 485 8.12 10.10 -6.39
CA VAL C 485 7.59 10.74 -5.19
C VAL C 485 8.56 10.58 -4.02
N ARG C 486 9.11 9.38 -3.86
CA ARG C 486 10.03 9.13 -2.74
C ARG C 486 11.36 9.84 -2.92
N PHE C 487 11.79 10.07 -4.17
CA PHE C 487 13.06 10.76 -4.38
C PHE C 487 13.01 12.21 -3.92
N TYR C 488 11.86 12.86 -4.02
CA TYR C 488 11.73 14.28 -3.74
C TYR C 488 11.31 14.58 -2.31
N THR C 489 11.20 13.57 -1.45
CA THR C 489 10.76 13.76 -0.07
C THR C 489 11.68 13.00 0.88
N ARG C 490 11.67 13.44 2.14
CA ARG C 490 12.42 12.80 3.21
C ARG C 490 11.46 12.38 4.31
N GLN C 491 11.74 11.23 4.92
CA GLN C 491 10.83 10.61 5.87
C GLN C 491 11.14 11.06 7.30
N LYS C 492 10.09 11.38 8.04
CA LYS C 492 10.17 11.73 9.46
C LYS C 492 9.28 10.80 10.25
N SER C 493 9.78 10.33 11.39
CA SER C 493 9.06 9.47 12.31
C SER C 493 8.76 10.21 13.61
N VAL C 494 7.55 9.99 14.14
CA VAL C 494 7.11 10.64 15.37
C VAL C 494 6.56 9.56 16.31
N MET C 495 7.11 9.50 17.52
CA MET C 495 6.61 8.65 18.59
C MET C 495 6.05 9.52 19.71
N GLN C 496 4.84 9.22 20.15
CA GLN C 496 4.10 10.11 21.06
C GLN C 496 3.50 9.33 22.21
N ARG C 497 3.54 9.94 23.40
CA ARG C 497 2.88 9.43 24.60
C ARG C 497 2.55 10.59 25.51
N TRP C 498 1.66 10.35 26.47
CA TRP C 498 1.24 11.36 27.42
C TRP C 498 1.18 10.75 28.81
N SER C 499 1.31 11.59 29.84
CA SER C 499 1.19 11.18 31.22
C SER C 499 -0.22 11.50 31.74
N SER C 500 -0.45 11.24 33.02
CA SER C 500 -1.75 11.45 33.63
C SER C 500 -2.09 12.93 33.70
N SER C 501 -3.39 13.24 33.54
CA SER C 501 -3.88 14.61 33.55
C SER C 501 -4.66 14.93 34.82
N ILE C 502 -4.56 14.08 35.85
CA ILE C 502 -5.35 14.29 37.06
C ILE C 502 -4.87 15.52 37.81
N GLY C 503 -3.65 15.98 37.53
CA GLY C 503 -3.14 17.16 38.20
C GLY C 503 -3.92 18.42 37.88
N LYS C 504 -4.43 18.51 36.65
CA LYS C 504 -5.16 19.70 36.24
C LYS C 504 -6.53 19.81 36.89
N GLY C 505 -7.14 18.68 37.26
CA GLY C 505 -8.42 18.72 37.95
C GLY C 505 -9.03 17.34 38.01
N ALA C 506 -10.06 17.23 38.85
CA ALA C 506 -10.77 15.97 38.99
C ALA C 506 -11.57 15.64 37.73
N GLU C 507 -12.00 16.66 37.00
CA GLU C 507 -12.74 16.43 35.76
C GLU C 507 -11.85 15.82 34.68
N PHE C 508 -10.57 16.16 34.69
CA PHE C 508 -9.65 15.73 33.64
C PHE C 508 -9.18 14.30 33.87
N VAL D 12 24.05 -17.16 34.50
CA VAL D 12 24.96 -17.23 33.36
C VAL D 12 26.34 -16.73 33.76
N PRO D 13 27.35 -17.57 33.57
CA PRO D 13 28.72 -17.18 33.95
C PRO D 13 29.30 -16.14 33.01
N ALA D 14 30.30 -15.42 33.52
CA ALA D 14 31.01 -14.44 32.71
C ALA D 14 31.77 -15.12 31.58
N TYR D 15 31.86 -14.42 30.45
CA TYR D 15 32.49 -14.98 29.26
C TYR D 15 34.00 -14.82 29.33
N THR D 16 34.72 -15.94 29.17
CA THR D 16 36.18 -15.94 29.13
C THR D 16 36.63 -16.84 27.99
N SER D 17 37.66 -16.38 27.26
CA SER D 17 38.23 -17.13 26.15
C SER D 17 39.53 -16.46 25.75
N ASP D 18 40.49 -17.28 25.32
CA ASP D 18 41.79 -16.77 24.94
C ASP D 18 42.20 -17.15 23.51
N ALA D 19 41.34 -17.83 22.77
CA ALA D 19 41.68 -18.21 21.40
C ALA D 19 41.64 -17.00 20.48
N ASP D 20 42.39 -17.09 19.39
CA ASP D 20 42.38 -16.03 18.39
C ASP D 20 41.05 -15.98 17.66
N VAL D 21 40.61 -14.77 17.31
CA VAL D 21 39.35 -14.55 16.61
C VAL D 21 39.64 -14.46 15.12
N GLY D 22 39.06 -15.38 14.35
CA GLY D 22 39.29 -15.46 12.93
C GLY D 22 38.11 -14.99 12.10
N HIS D 23 38.06 -15.47 10.86
CA HIS D 23 37.02 -15.11 9.92
C HIS D 23 36.03 -16.27 9.76
N TYR D 24 34.99 -16.04 8.97
CA TYR D 24 33.98 -17.06 8.69
C TYR D 24 33.83 -17.21 7.18
N LEU D 25 33.94 -18.44 6.69
CA LEU D 25 33.88 -18.70 5.26
C LEU D 25 33.25 -20.07 5.02
N ASP D 26 32.38 -20.14 4.02
CA ASP D 26 31.79 -21.41 3.57
C ASP D 26 31.12 -22.17 4.71
N GLY D 27 30.49 -21.43 5.62
CA GLY D 27 29.84 -22.05 6.75
C GLY D 27 30.76 -22.67 7.78
N ALA D 28 31.97 -22.12 7.94
CA ALA D 28 32.91 -22.63 8.93
C ALA D 28 33.87 -21.53 9.32
N PRO D 29 34.32 -21.51 10.58
CA PRO D 29 35.39 -20.58 10.97
C PRO D 29 36.71 -20.93 10.30
N VAL D 30 37.50 -19.90 10.02
CA VAL D 30 38.81 -20.04 9.41
C VAL D 30 39.79 -19.12 10.11
N ALA D 31 41.00 -19.61 10.37
CA ALA D 31 42.02 -18.81 11.01
C ALA D 31 42.63 -17.82 10.02
N GLY D 32 43.13 -16.71 10.56
CA GLY D 32 43.73 -15.70 9.71
C GLY D 32 45.03 -16.18 9.08
N ARG D 33 45.35 -15.58 7.93
CA ARG D 33 46.54 -15.97 7.18
C ARG D 33 47.45 -14.80 6.84
N SER D 34 47.07 -13.56 7.18
CA SER D 34 47.90 -12.41 6.87
C SER D 34 49.09 -12.29 7.80
N GLY D 35 48.95 -12.69 9.05
CA GLY D 35 49.99 -12.54 10.04
C GLY D 35 49.90 -11.29 10.90
N ARG D 36 48.90 -10.45 10.68
CA ARG D 36 48.71 -9.23 11.45
C ARG D 36 47.54 -9.41 12.41
N PHE D 37 47.74 -9.01 13.67
CA PHE D 37 46.75 -9.17 14.72
C PHE D 37 46.60 -7.87 15.49
N GLN D 38 45.47 -7.74 16.18
CA GLN D 38 45.21 -6.61 17.05
C GLN D 38 44.64 -7.12 18.37
N ASP D 39 45.09 -6.53 19.47
CA ASP D 39 44.64 -6.96 20.79
C ASP D 39 43.21 -6.50 21.06
N VAL D 40 42.49 -7.32 21.82
CA VAL D 40 41.12 -7.04 22.24
C VAL D 40 41.12 -6.93 23.75
N PHE D 41 40.59 -5.82 24.26
CA PHE D 41 40.67 -5.50 25.67
C PHE D 41 39.38 -5.89 26.39
N ASN D 42 39.52 -6.17 27.69
CA ASN D 42 38.38 -6.19 28.59
C ASN D 42 38.34 -4.84 29.28
N PRO D 43 37.37 -3.97 28.97
CA PRO D 43 37.39 -2.61 29.51
C PRO D 43 37.30 -2.55 31.03
N ALA D 44 36.62 -3.49 31.68
CA ALA D 44 36.51 -3.48 33.12
C ALA D 44 37.82 -3.84 33.81
N LEU D 45 38.69 -4.59 33.13
CA LEU D 45 39.99 -4.96 33.68
C LEU D 45 41.12 -4.06 33.19
N GLY D 46 40.97 -3.44 32.04
CA GLY D 46 42.00 -2.56 31.51
C GLY D 46 43.17 -3.25 30.85
N ARG D 47 43.04 -4.53 30.51
CA ARG D 47 44.12 -5.29 29.89
C ARG D 47 43.57 -6.12 28.75
N ALA D 48 44.44 -6.46 27.81
CA ALA D 48 44.07 -7.29 26.67
C ALA D 48 43.87 -8.75 27.10
N VAL D 49 42.93 -9.42 26.44
CA VAL D 49 42.60 -10.79 26.76
C VAL D 49 42.68 -11.73 25.57
N ARG D 50 42.65 -11.22 24.34
CA ARG D 50 42.70 -12.07 23.15
C ARG D 50 43.16 -11.22 21.97
N ARG D 51 43.23 -11.85 20.80
CA ARG D 51 43.63 -11.18 19.57
C ARG D 51 42.59 -11.40 18.49
N VAL D 52 42.58 -10.49 17.52
CA VAL D 52 41.74 -10.61 16.34
C VAL D 52 42.61 -10.42 15.11
N ALA D 53 42.44 -11.29 14.11
CA ALA D 53 43.20 -11.20 12.88
C ALA D 53 42.66 -10.10 11.99
N LEU D 54 43.56 -9.51 11.20
CA LEU D 54 43.23 -8.43 10.26
C LEU D 54 43.39 -8.96 8.84
N ALA D 55 42.27 -9.15 8.16
CA ALA D 55 42.29 -9.81 6.86
C ALA D 55 42.97 -8.95 5.80
N GLY D 56 43.66 -9.62 4.88
CA GLY D 56 44.25 -8.97 3.73
C GLY D 56 43.30 -8.93 2.55
N ASN D 57 43.86 -8.51 1.40
CA ASN D 57 43.06 -8.41 0.19
C ASN D 57 42.63 -9.79 -0.31
N ASP D 58 43.50 -10.79 -0.19
CA ASP D 58 43.19 -12.12 -0.70
C ASP D 58 42.02 -12.75 0.05
N GLU D 59 41.96 -12.57 1.37
CA GLU D 59 40.86 -13.16 2.15
C GLU D 59 39.54 -12.46 1.85
N VAL D 60 39.57 -11.15 1.63
CA VAL D 60 38.37 -10.42 1.21
C VAL D 60 37.90 -10.93 -0.14
N GLU D 61 38.83 -11.11 -1.08
CA GLU D 61 38.47 -11.63 -2.39
C GLU D 61 37.88 -13.03 -2.29
N ARG D 62 38.45 -13.86 -1.42
CA ARG D 62 37.91 -15.21 -1.22
C ARG D 62 36.48 -15.16 -0.69
N ALA D 63 36.21 -14.29 0.28
CA ALA D 63 34.86 -14.16 0.81
C ALA D 63 33.87 -13.68 -0.26
N VAL D 64 34.29 -12.69 -1.06
CA VAL D 64 33.42 -12.18 -2.10
C VAL D 64 33.15 -13.24 -3.16
N ALA D 65 34.17 -14.02 -3.52
CA ALA D 65 33.98 -15.10 -4.49
C ALA D 65 33.02 -16.15 -3.97
N SER D 66 33.15 -16.51 -2.69
CA SER D 66 32.22 -17.48 -2.10
C SER D 66 30.78 -16.97 -2.14
N ALA D 67 30.58 -15.69 -1.78
CA ALA D 67 29.24 -15.12 -1.81
C ALA D 67 28.68 -15.08 -3.22
N ARG D 68 29.50 -14.72 -4.20
CA ARG D 68 29.03 -14.67 -5.58
C ARG D 68 28.68 -16.05 -6.10
N ALA D 69 29.47 -17.07 -5.72
CA ALA D 69 29.15 -18.44 -6.11
C ALA D 69 27.82 -18.88 -5.49
N ALA D 70 27.56 -18.49 -4.24
CA ALA D 70 26.33 -18.91 -3.58
C ALA D 70 25.10 -18.11 -4.01
N PHE D 71 25.28 -16.94 -4.62
CA PHE D 71 24.13 -16.06 -4.89
C PHE D 71 23.04 -16.66 -5.76
N PRO D 72 23.31 -17.28 -6.92
CA PRO D 72 22.20 -17.65 -7.82
C PRO D 72 21.21 -18.63 -7.23
N ALA D 73 21.69 -19.68 -6.56
CA ALA D 73 20.79 -20.67 -5.98
C ALA D 73 19.93 -20.07 -4.87
N TRP D 74 20.53 -19.20 -4.05
CA TRP D 74 19.77 -18.53 -2.99
C TRP D 74 18.73 -17.58 -3.57
N ALA D 75 19.07 -16.90 -4.67
CA ALA D 75 18.11 -16.01 -5.31
C ALA D 75 16.96 -16.78 -5.95
N ASP D 76 17.23 -17.97 -6.48
CA ASP D 76 16.17 -18.78 -7.08
C ASP D 76 15.25 -19.43 -6.04
N THR D 77 15.61 -19.40 -4.77
CA THR D 77 14.78 -20.00 -3.73
C THR D 77 13.52 -19.15 -3.54
N PRO D 78 12.36 -19.79 -3.41
CA PRO D 78 11.14 -19.03 -3.14
C PRO D 78 11.25 -18.27 -1.83
N PRO D 79 10.66 -17.07 -1.75
CA PRO D 79 10.79 -16.26 -0.53
C PRO D 79 10.27 -16.92 0.74
N ILE D 80 9.27 -17.79 0.64
CA ILE D 80 8.71 -18.42 1.83
C ILE D 80 9.72 -19.37 2.49
N ARG D 81 10.54 -20.06 1.69
CA ARG D 81 11.56 -20.93 2.27
C ARG D 81 12.68 -20.13 2.94
N ARG D 82 13.06 -19.00 2.34
CA ARG D 82 14.02 -18.11 2.98
C ARG D 82 13.46 -17.58 4.30
N ALA D 83 12.17 -17.25 4.31
CA ALA D 83 11.53 -16.79 5.55
C ALA D 83 11.53 -17.89 6.61
N ARG D 84 11.35 -19.14 6.19
CA ARG D 84 11.39 -20.25 7.16
C ARG D 84 12.79 -20.44 7.73
N VAL D 85 13.82 -20.26 6.90
CA VAL D 85 15.19 -20.29 7.42
C VAL D 85 15.38 -19.18 8.46
N LEU D 86 14.90 -17.98 8.17
CA LEU D 86 14.99 -16.89 9.15
C LEU D 86 14.19 -17.18 10.40
N HIS D 87 13.07 -17.90 10.27
CA HIS D 87 12.27 -18.28 11.43
C HIS D 87 13.03 -19.23 12.35
N ARG D 88 13.71 -20.22 11.77
CA ARG D 88 14.56 -21.10 12.58
C ARG D 88 15.69 -20.32 13.25
N PHE D 89 16.27 -19.38 12.52
CA PHE D 89 17.32 -18.54 13.11
C PHE D 89 16.77 -17.72 14.27
N LEU D 90 15.54 -17.22 14.15
CA LEU D 90 14.92 -16.49 15.25
C LEU D 90 14.74 -17.37 16.48
N GLN D 91 14.29 -18.61 16.28
CA GLN D 91 14.17 -19.53 17.41
C GLN D 91 15.52 -19.75 18.08
N LEU D 92 16.57 -19.96 17.29
CA LEU D 92 17.90 -20.16 17.86
C LEU D 92 18.38 -18.92 18.61
N MET D 93 18.11 -17.73 18.07
CA MET D 93 18.53 -16.51 18.74
C MET D 93 17.82 -16.34 20.08
N ASN D 94 16.52 -16.65 20.13
CA ASN D 94 15.81 -16.62 21.40
C ASN D 94 16.37 -17.65 22.38
N GLU D 95 16.88 -18.77 21.87
CA GLU D 95 17.40 -19.80 22.76
C GLU D 95 18.69 -19.36 23.46
N HIS D 96 19.58 -18.67 22.75
CA HIS D 96 20.92 -18.37 23.25
C HIS D 96 21.15 -16.88 23.49
N ARG D 97 20.17 -16.16 24.01
CA ARG D 97 20.31 -14.72 24.15
C ARG D 97 21.25 -14.34 25.29
N ASP D 98 21.22 -15.09 26.40
CA ASP D 98 22.05 -14.75 27.55
C ASP D 98 23.52 -14.93 27.26
N THR D 99 23.89 -15.98 26.50
CA THR D 99 25.30 -16.17 26.13
C THR D 99 25.81 -15.03 25.28
N LEU D 100 25.01 -14.59 24.30
CA LEU D 100 25.40 -13.47 23.47
C LEU D 100 25.51 -12.19 24.28
N ALA D 101 24.58 -11.98 25.21
CA ALA D 101 24.64 -10.80 26.07
C ALA D 101 25.88 -10.81 26.95
N ALA D 102 26.25 -11.98 27.47
CA ALA D 102 27.46 -12.10 28.28
C ALA D 102 28.71 -11.80 27.45
N ILE D 103 28.74 -12.27 26.20
CA ILE D 103 29.87 -11.96 25.33
C ILE D 103 29.97 -10.46 25.10
N ILE D 104 28.83 -9.82 24.83
CA ILE D 104 28.82 -8.39 24.57
C ILE D 104 29.26 -7.61 25.79
N THR D 105 28.81 -8.02 26.98
CA THR D 105 29.25 -7.37 28.20
C THR D 105 30.74 -7.54 28.41
N ALA D 106 31.27 -8.74 28.14
CA ALA D 106 32.69 -8.98 28.33
C ALA D 106 33.55 -8.11 27.41
N GLU D 107 33.13 -7.95 26.16
CA GLU D 107 33.99 -7.21 25.23
C GLU D 107 33.65 -5.72 25.18
N HIS D 108 32.37 -5.36 25.04
CA HIS D 108 32.00 -3.95 24.95
C HIS D 108 32.13 -3.25 26.29
N GLY D 109 31.65 -3.89 27.36
CA GLY D 109 31.71 -3.32 28.69
C GLY D 109 30.42 -2.72 29.22
N LYS D 110 29.32 -2.85 28.49
CA LYS D 110 28.05 -2.32 28.96
C LYS D 110 27.45 -3.23 30.03
N VAL D 111 26.38 -2.74 30.67
CA VAL D 111 25.69 -3.52 31.69
C VAL D 111 25.01 -4.72 31.05
N PHE D 112 24.85 -5.80 31.83
CA PHE D 112 24.28 -7.04 31.31
C PHE D 112 22.85 -6.84 30.82
N SER D 113 22.04 -6.10 31.58
CA SER D 113 20.67 -5.84 31.16
C SER D 113 20.62 -5.01 29.89
N ASP D 114 21.57 -4.10 29.71
CA ASP D 114 21.64 -3.32 28.47
C ASP D 114 21.93 -4.22 27.28
N ALA D 115 22.85 -5.19 27.46
CA ALA D 115 23.13 -6.14 26.39
C ALA D 115 21.92 -7.01 26.07
N GLN D 116 21.18 -7.42 27.11
CA GLN D 116 19.94 -8.16 26.87
C GLN D 116 18.94 -7.33 26.06
N GLY D 117 18.82 -6.05 26.38
CA GLY D 117 17.95 -5.17 25.60
C GLY D 117 18.40 -5.03 24.16
N GLU D 118 19.71 -4.96 23.93
CA GLU D 118 20.23 -4.88 22.57
C GLU D 118 19.88 -6.14 21.78
N VAL D 119 20.04 -7.31 22.40
CA VAL D 119 19.70 -8.56 21.73
C VAL D 119 18.21 -8.61 21.41
N ALA D 120 17.37 -8.14 22.34
CA ALA D 120 15.93 -8.10 22.09
C ALA D 120 15.59 -7.17 20.92
N ARG D 121 16.26 -6.02 20.84
CA ARG D 121 16.00 -5.09 19.75
C ARG D 121 16.42 -5.67 18.40
N GLY D 122 17.51 -6.45 18.36
CA GLY D 122 17.85 -7.15 17.13
C GLY D 122 16.84 -8.22 16.76
N ILE D 123 16.34 -8.96 17.77
CA ILE D 123 15.34 -9.98 17.53
C ILE D 123 14.06 -9.37 16.97
N ASP D 124 13.75 -8.12 17.34
CA ASP D 124 12.59 -7.44 16.76
C ASP D 124 12.74 -7.27 15.25
N ILE D 125 13.92 -6.86 14.79
CA ILE D 125 14.15 -6.70 13.36
C ILE D 125 14.07 -8.05 12.65
N ILE D 126 14.58 -9.10 13.29
CA ILE D 126 14.46 -10.44 12.69
C ILE D 126 13.00 -10.84 12.57
N GLU D 127 12.18 -10.53 13.59
CA GLU D 127 10.76 -10.82 13.53
C GLU D 127 10.09 -10.09 12.38
N PHE D 128 10.44 -8.83 12.17
CA PHE D 128 9.89 -8.11 11.02
C PHE D 128 10.32 -8.75 9.70
N ALA D 129 11.60 -9.13 9.59
CA ALA D 129 12.09 -9.71 8.35
C ALA D 129 11.49 -11.06 8.04
N CYS D 130 10.96 -11.76 9.04
CA CYS D 130 10.31 -13.05 8.78
C CYS D 130 9.09 -12.94 7.87
N GLY D 131 8.53 -11.74 7.72
CA GLY D 131 7.35 -11.55 6.90
C GLY D 131 7.61 -10.94 5.54
N VAL D 132 8.68 -11.39 4.88
CA VAL D 132 9.13 -10.82 3.60
C VAL D 132 8.23 -11.17 2.41
N PRO D 133 7.51 -12.31 2.36
CA PRO D 133 6.64 -12.52 1.18
C PRO D 133 5.58 -11.45 1.01
N GLN D 134 5.03 -10.93 2.11
CA GLN D 134 4.08 -9.82 2.03
C GLN D 134 4.77 -8.55 1.52
N LEU D 135 6.01 -8.31 1.95
CA LEU D 135 6.69 -7.06 1.61
C LEU D 135 7.14 -7.01 0.15
N LEU D 136 7.28 -8.16 -0.51
CA LEU D 136 7.75 -8.21 -1.89
C LEU D 136 6.62 -8.18 -2.91
N LYS D 137 5.48 -7.62 -2.55
CA LYS D 137 4.37 -7.50 -3.49
C LYS D 137 4.67 -6.41 -4.52
N GLY D 138 4.51 -6.76 -5.79
CA GLY D 138 4.60 -5.78 -6.86
C GLY D 138 3.23 -5.22 -7.22
N ASP D 139 3.22 -4.40 -8.26
CA ASP D 139 2.01 -3.77 -8.75
C ASP D 139 1.64 -4.36 -10.11
N PHE D 140 0.37 -4.76 -10.25
CA PHE D 140 -0.15 -5.30 -11.50
C PHE D 140 -1.28 -4.41 -11.99
N THR D 141 -1.22 -3.99 -13.24
CA THR D 141 -2.28 -3.20 -13.86
C THR D 141 -2.70 -3.86 -15.16
N ASP D 142 -4.01 -4.03 -15.31
CA ASP D 142 -4.61 -4.71 -16.44
C ASP D 142 -5.20 -3.71 -17.41
N GLN D 143 -4.96 -3.94 -18.71
CA GLN D 143 -5.55 -3.13 -19.77
C GLN D 143 -5.14 -1.67 -19.65
N VAL D 144 -3.82 -1.43 -19.60
CA VAL D 144 -3.33 -0.06 -19.63
C VAL D 144 -3.66 0.58 -20.97
N SER D 145 -3.57 -0.20 -22.04
CA SER D 145 -4.21 0.09 -23.31
C SER D 145 -4.92 -1.18 -23.76
N THR D 146 -5.51 -1.16 -24.95
CA THR D 146 -6.30 -2.28 -25.41
C THR D 146 -5.40 -3.48 -25.68
N GLY D 147 -5.45 -4.48 -24.80
CA GLY D 147 -4.71 -5.71 -24.97
C GLY D 147 -3.33 -5.75 -24.36
N ILE D 148 -2.96 -4.79 -23.51
CA ILE D 148 -1.62 -4.69 -22.95
C ILE D 148 -1.73 -4.62 -21.44
N ASP D 149 -0.91 -5.42 -20.75
CA ASP D 149 -0.84 -5.42 -19.29
C ASP D 149 0.55 -4.96 -18.86
N ASN D 150 0.63 -4.42 -17.63
CA ASN D 150 1.89 -3.89 -17.14
C ASN D 150 2.05 -4.20 -15.66
N TRP D 151 3.16 -4.84 -15.29
CA TRP D 151 3.39 -5.15 -13.88
C TRP D 151 4.86 -4.95 -13.52
N THR D 152 5.09 -4.64 -12.25
CA THR D 152 6.43 -4.41 -11.72
C THR D 152 6.75 -5.44 -10.64
N MET D 153 8.05 -5.71 -10.48
CA MET D 153 8.52 -6.55 -9.39
C MET D 153 9.90 -6.05 -8.96
N ARG D 154 10.37 -6.54 -7.82
CA ARG D 154 11.67 -6.15 -7.28
C ARG D 154 12.52 -7.40 -7.10
N GLN D 155 13.78 -7.32 -7.54
CA GLN D 155 14.69 -8.45 -7.58
C GLN D 155 15.98 -8.13 -6.83
N PRO D 156 16.66 -9.15 -6.31
CA PRO D 156 17.88 -8.91 -5.52
C PRO D 156 19.03 -8.36 -6.36
N LEU D 157 19.92 -7.65 -5.69
CA LEU D 157 21.07 -7.03 -6.33
C LEU D 157 22.24 -7.99 -6.55
N GLY D 158 22.55 -8.82 -5.56
CA GLY D 158 23.73 -9.68 -5.63
C GLY D 158 24.46 -9.78 -4.31
N VAL D 159 25.74 -9.40 -4.30
CA VAL D 159 26.56 -9.41 -3.10
C VAL D 159 26.54 -8.03 -2.46
N VAL D 160 26.19 -7.97 -1.18
CA VAL D 160 26.14 -6.71 -0.44
C VAL D 160 27.10 -6.80 0.73
N ALA D 161 27.61 -5.64 1.16
CA ALA D 161 28.58 -5.56 2.24
C ALA D 161 28.07 -4.64 3.35
N GLY D 162 28.38 -5.01 4.59
CA GLY D 162 27.97 -4.21 5.73
C GLY D 162 29.14 -3.93 6.66
N ILE D 163 29.20 -2.68 7.14
CA ILE D 163 30.27 -2.22 8.02
C ILE D 163 29.63 -1.60 9.25
N THR D 164 29.99 -2.12 10.43
CA THR D 164 29.27 -1.83 11.67
C THR D 164 30.21 -1.27 12.74
N PRO D 165 29.68 -0.47 13.68
CA PRO D 165 30.54 0.12 14.72
C PRO D 165 30.69 -0.75 15.96
N PHE D 166 31.36 -0.24 16.99
CA PHE D 166 31.63 -1.02 18.19
C PHE D 166 30.48 -1.00 19.20
N ASN D 167 29.70 0.07 19.25
CA ASN D 167 28.75 0.25 20.34
C ASN D 167 27.55 -0.70 20.26
N PHE D 168 27.22 -1.21 19.09
CA PHE D 168 26.17 -2.22 18.93
C PHE D 168 26.69 -3.37 18.07
N PRO D 169 27.48 -4.26 18.66
CA PRO D 169 28.03 -5.39 17.87
C PRO D 169 27.00 -6.41 17.42
N CYS D 170 25.77 -6.33 17.92
CA CYS D 170 24.71 -7.26 17.54
C CYS D 170 23.54 -6.59 16.83
N MET D 171 23.07 -5.44 17.34
CA MET D 171 21.85 -4.84 16.81
C MET D 171 22.04 -4.24 15.43
N VAL D 172 23.14 -3.50 15.22
CA VAL D 172 23.39 -2.89 13.91
C VAL D 172 23.56 -3.94 12.82
N PRO D 173 24.32 -5.03 13.02
CA PRO D 173 24.31 -6.08 11.99
C PRO D 173 22.93 -6.68 11.73
N CYS D 174 22.06 -6.72 12.75
CA CYS D 174 20.70 -7.17 12.55
C CYS D 174 19.84 -6.13 11.83
N TRP D 175 20.29 -4.87 11.80
CA TRP D 175 19.63 -3.89 10.94
C TRP D 175 19.82 -4.22 9.46
N MET D 176 20.89 -4.93 9.13
CA MET D 176 21.30 -5.10 7.73
C MET D 176 21.07 -6.51 7.21
N PHE D 177 21.66 -7.53 7.85
CA PHE D 177 21.73 -8.83 7.18
C PHE D 177 20.39 -9.57 7.11
N PRO D 178 19.49 -9.48 8.10
CA PRO D 178 18.21 -10.20 7.94
C PRO D 178 17.39 -9.77 6.72
N VAL D 179 17.23 -8.47 6.51
CA VAL D 179 16.45 -8.00 5.37
C VAL D 179 17.15 -8.34 4.06
N ALA D 180 18.48 -8.18 4.02
CA ALA D 180 19.22 -8.49 2.80
C ALA D 180 19.12 -9.96 2.44
N LEU D 181 19.18 -10.85 3.43
CA LEU D 181 19.02 -12.27 3.16
C LEU D 181 17.58 -12.60 2.77
N ALA D 182 16.61 -11.93 3.40
CA ALA D 182 15.21 -12.20 3.07
C ALA D 182 14.88 -11.81 1.64
N THR D 183 15.44 -10.69 1.17
CA THR D 183 15.18 -10.26 -0.20
C THR D 183 15.95 -11.05 -1.25
N GLY D 184 16.89 -11.90 -0.85
CA GLY D 184 17.58 -12.78 -1.75
C GLY D 184 19.02 -12.44 -2.08
N ASN D 185 19.72 -11.72 -1.21
CA ASN D 185 21.12 -11.37 -1.44
C ASN D 185 22.04 -12.24 -0.59
N THR D 186 23.33 -12.17 -0.91
CA THR D 186 24.39 -12.74 -0.10
C THR D 186 25.15 -11.62 0.60
N PHE D 187 25.66 -11.92 1.80
CA PHE D 187 26.17 -10.89 2.70
C PHE D 187 27.60 -11.19 3.12
N VAL D 188 28.44 -10.15 3.11
CA VAL D 188 29.77 -10.18 3.70
C VAL D 188 29.83 -9.08 4.75
N LEU D 189 30.14 -9.45 5.98
CA LEU D 189 30.14 -8.54 7.12
C LEU D 189 31.55 -8.19 7.54
N LYS D 190 31.79 -6.91 7.82
CA LYS D 190 33.06 -6.42 8.36
C LYS D 190 32.78 -5.78 9.72
N PRO D 191 32.87 -6.54 10.80
CA PRO D 191 32.54 -6.00 12.12
C PRO D 191 33.65 -5.11 12.65
N SER D 192 33.31 -4.37 13.70
CA SER D 192 34.31 -3.59 14.42
C SER D 192 35.31 -4.52 15.10
N GLU D 193 36.59 -4.18 15.01
CA GLU D 193 37.65 -5.01 15.54
C GLU D 193 37.77 -4.94 17.05
N ARG D 194 37.05 -4.02 17.70
CA ARG D 194 37.10 -3.92 19.15
C ARG D 194 36.31 -5.01 19.85
N ASP D 195 35.30 -5.57 19.21
CA ASP D 195 34.47 -6.63 19.79
C ASP D 195 33.89 -7.50 18.68
N PRO D 196 34.70 -8.38 18.09
CA PRO D 196 34.24 -9.13 16.91
C PRO D 196 33.55 -10.46 17.20
N SER D 197 33.72 -10.99 18.41
CA SER D 197 33.32 -12.36 18.69
C SER D 197 31.82 -12.59 18.43
N ALA D 198 31.00 -11.62 18.82
CA ALA D 198 29.56 -11.75 18.65
C ALA D 198 29.19 -12.08 17.20
N ALA D 199 29.88 -11.45 16.25
CA ALA D 199 29.58 -11.70 14.84
C ALA D 199 29.76 -13.18 14.52
N LEU D 200 30.89 -13.76 14.93
CA LEU D 200 31.12 -15.17 14.68
C LEU D 200 30.04 -16.02 15.33
N PHE D 201 29.65 -15.68 16.55
CA PHE D 201 28.57 -16.40 17.22
C PHE D 201 27.33 -16.40 16.34
N ILE D 202 26.95 -15.23 15.83
CA ILE D 202 25.75 -15.12 15.00
C ILE D 202 25.90 -15.99 13.76
N ALA D 203 27.09 -15.97 13.15
CA ALA D 203 27.30 -16.77 11.95
C ALA D 203 27.07 -18.24 12.24
N ASP D 204 27.58 -18.72 13.38
CA ASP D 204 27.38 -20.11 13.74
C ASP D 204 25.90 -20.42 13.85
N LEU D 205 25.14 -19.53 14.49
CA LEU D 205 23.70 -19.76 14.61
C LEU D 205 23.04 -19.81 13.23
N LEU D 206 23.47 -18.93 12.32
CA LEU D 206 22.91 -18.95 10.98
C LEU D 206 23.19 -20.26 10.28
N THR D 207 24.35 -20.88 10.55
CA THR D 207 24.63 -22.18 9.95
C THR D 207 23.76 -23.27 10.59
N GLN D 208 23.45 -23.15 11.89
CA GLN D 208 22.62 -24.17 12.52
C GLN D 208 21.17 -24.12 12.07
N ALA D 209 20.72 -23.00 11.49
CA ALA D 209 19.34 -22.85 11.07
C ALA D 209 19.09 -23.37 9.66
N GLY D 210 20.11 -23.88 8.99
CA GLY D 210 19.95 -24.41 7.65
C GLY D 210 20.33 -23.48 6.52
N LEU D 211 21.00 -22.38 6.80
CA LEU D 211 21.42 -21.47 5.75
C LEU D 211 22.49 -22.12 4.89
N PRO D 212 22.39 -22.08 3.57
CA PRO D 212 23.41 -22.69 2.71
C PRO D 212 24.76 -21.99 2.86
N ALA D 213 25.83 -22.76 2.63
CA ALA D 213 27.18 -22.25 2.78
C ALA D 213 27.47 -21.16 1.76
N GLY D 214 28.18 -20.12 2.22
CA GLY D 214 28.56 -19.01 1.37
C GLY D 214 27.59 -17.85 1.33
N VAL D 215 26.38 -18.02 1.88
CA VAL D 215 25.40 -16.94 1.84
C VAL D 215 25.77 -15.84 2.83
N PHE D 216 26.37 -16.18 3.96
CA PHE D 216 26.77 -15.21 4.98
C PHE D 216 28.23 -15.45 5.33
N ASN D 217 29.07 -14.44 5.12
CA ASN D 217 30.49 -14.54 5.41
C ASN D 217 30.92 -13.37 6.29
N VAL D 218 31.98 -13.59 7.08
CA VAL D 218 32.52 -12.59 7.99
C VAL D 218 34.00 -12.43 7.72
N VAL D 219 34.46 -11.19 7.61
CA VAL D 219 35.88 -10.86 7.53
C VAL D 219 36.21 -9.83 8.59
N GLN D 220 37.25 -10.08 9.37
CA GLN D 220 37.71 -9.14 10.38
C GLN D 220 38.82 -8.26 9.81
N GLY D 221 38.90 -7.03 10.31
CA GLY D 221 39.97 -6.18 9.82
C GLY D 221 39.75 -4.72 10.19
N ASP D 222 40.28 -3.85 9.34
CA ASP D 222 40.38 -2.42 9.59
C ASP D 222 40.27 -1.71 8.24
N LYS D 223 40.78 -0.48 8.17
CA LYS D 223 40.62 0.35 6.98
C LYS D 223 41.06 -0.37 5.71
N GLY D 224 42.09 -1.22 5.79
CA GLY D 224 42.53 -1.95 4.61
C GLY D 224 41.46 -2.88 4.07
N ALA D 225 40.82 -3.65 4.95
CA ALA D 225 39.75 -4.53 4.53
C ALA D 225 38.56 -3.74 3.99
N VAL D 226 38.26 -2.60 4.60
CA VAL D 226 37.17 -1.75 4.12
C VAL D 226 37.45 -1.26 2.71
N ASP D 227 38.69 -0.81 2.46
CA ASP D 227 39.05 -0.36 1.12
C ASP D 227 38.98 -1.51 0.12
N ALA D 228 39.42 -2.70 0.52
CA ALA D 228 39.33 -3.87 -0.37
C ALA D 228 37.88 -4.17 -0.71
N LEU D 229 36.98 -4.07 0.27
CA LEU D 229 35.56 -4.28 0.00
C LEU D 229 35.00 -3.21 -0.92
N LEU D 230 35.38 -1.95 -0.69
CA LEU D 230 34.83 -0.85 -1.49
C LEU D 230 35.35 -0.86 -2.92
N ASP D 231 36.51 -1.43 -3.17
CA ASP D 231 37.07 -1.46 -4.52
C ASP D 231 36.68 -2.70 -5.32
N HIS D 232 36.04 -3.69 -4.71
CA HIS D 232 35.79 -4.95 -5.40
C HIS D 232 34.66 -4.79 -6.41
N PRO D 233 34.87 -5.18 -7.67
CA PRO D 233 33.84 -5.00 -8.70
C PRO D 233 32.64 -5.92 -8.56
N ASP D 234 32.71 -6.97 -7.74
CA ASP D 234 31.60 -7.90 -7.59
C ASP D 234 30.66 -7.54 -6.44
N VAL D 235 30.90 -6.43 -5.75
CA VAL D 235 30.04 -5.96 -4.68
C VAL D 235 29.09 -4.92 -5.25
N GLN D 236 27.80 -5.07 -4.92
CA GLN D 236 26.76 -4.21 -5.48
C GLN D 236 26.33 -3.08 -4.55
N ALA D 237 26.19 -3.36 -3.26
CA ALA D 237 25.69 -2.36 -2.31
C ALA D 237 26.52 -2.38 -1.04
N VAL D 238 26.60 -1.22 -0.39
CA VAL D 238 27.36 -1.04 0.84
C VAL D 238 26.47 -0.34 1.86
N SER D 239 26.39 -0.90 3.05
CA SER D 239 25.74 -0.27 4.20
C SER D 239 26.80 0.00 5.26
N PHE D 240 26.80 1.20 5.81
CA PHE D 240 27.82 1.62 6.76
C PHE D 240 27.16 2.34 7.94
N VAL D 241 27.64 2.03 9.15
CA VAL D 241 27.23 2.77 10.35
C VAL D 241 28.50 3.19 11.09
N GLY D 242 28.59 4.46 11.44
CA GLY D 242 29.78 4.97 12.10
C GLY D 242 29.72 6.49 12.23
N SER D 243 30.90 7.08 12.36
CA SER D 243 31.00 8.53 12.52
C SER D 243 30.85 9.24 11.18
N THR D 244 30.61 10.55 11.25
CA THR D 244 30.34 11.34 10.05
C THR D 244 31.51 11.39 9.07
N PRO D 245 32.75 11.69 9.47
CA PRO D 245 33.83 11.74 8.46
C PRO D 245 34.06 10.42 7.75
N ILE D 246 34.02 9.31 8.49
CA ILE D 246 34.22 8.00 7.86
C ILE D 246 33.05 7.68 6.94
N ALA D 247 31.83 8.09 7.33
CA ALA D 247 30.67 7.86 6.46
C ALA D 247 30.81 8.63 5.15
N ALA D 248 31.26 9.88 5.21
CA ALA D 248 31.47 10.66 3.99
C ALA D 248 32.55 10.03 3.11
N TYR D 249 33.65 9.59 3.73
CA TYR D 249 34.72 8.94 2.98
C TYR D 249 34.21 7.66 2.30
N VAL D 250 33.46 6.84 3.03
CA VAL D 250 32.95 5.59 2.49
C VAL D 250 31.99 5.86 1.33
N GLN D 251 31.09 6.83 1.49
CA GLN D 251 30.16 7.14 0.42
C GLN D 251 30.89 7.60 -0.83
N GLN D 252 31.87 8.49 -0.68
CA GLN D 252 32.62 8.97 -1.84
C GLN D 252 33.33 7.83 -2.55
N ARG D 253 34.04 6.99 -1.79
CA ARG D 253 34.83 5.93 -2.41
C ARG D 253 33.95 4.88 -3.05
N ALA D 254 32.79 4.57 -2.45
CA ALA D 254 31.91 3.57 -3.03
C ALA D 254 31.16 4.10 -4.25
N VAL D 255 30.77 5.37 -4.25
CA VAL D 255 30.14 5.95 -5.43
C VAL D 255 31.14 6.05 -6.58
N GLN D 256 32.41 6.30 -6.28
CA GLN D 256 33.40 6.41 -7.35
C GLN D 256 33.53 5.11 -8.15
N SER D 257 33.19 3.98 -7.55
CA SER D 257 33.25 2.69 -8.24
C SER D 257 31.89 2.21 -8.71
N GLY D 258 30.85 3.03 -8.60
CA GLY D 258 29.53 2.68 -9.09
C GLY D 258 28.76 1.69 -8.25
N LYS D 259 28.55 1.99 -6.98
CA LYS D 259 27.82 1.13 -6.06
C LYS D 259 26.72 1.92 -5.37
N ARG D 260 25.67 1.21 -4.96
CA ARG D 260 24.68 1.79 -4.05
C ARG D 260 25.26 1.88 -2.65
N VAL D 261 25.07 3.03 -2.01
CA VAL D 261 25.67 3.31 -0.70
C VAL D 261 24.60 3.86 0.23
N GLN D 262 24.60 3.38 1.47
CA GLN D 262 23.94 4.08 2.56
C GLN D 262 24.89 4.12 3.75
N ALA D 263 25.04 5.30 4.35
CA ALA D 263 26.00 5.49 5.44
C ALA D 263 25.39 6.39 6.50
N LEU D 264 25.43 5.93 7.75
CA LEU D 264 24.88 6.68 8.87
C LEU D 264 26.02 7.34 9.65
N GLY D 265 25.81 8.59 10.04
CA GLY D 265 26.84 9.36 10.72
C GLY D 265 26.57 9.62 12.19
N GLY D 266 27.14 10.70 12.71
CA GLY D 266 27.06 11.02 14.12
C GLY D 266 25.80 11.78 14.49
N ALA D 267 25.76 12.23 15.75
CA ALA D 267 24.56 12.86 16.28
C ALA D 267 24.91 13.83 17.40
N LYS D 268 23.97 14.73 17.69
CA LYS D 268 24.02 15.61 18.85
C LYS D 268 22.56 15.89 19.25
N ASN D 269 22.02 15.05 20.12
CA ASN D 269 20.59 15.02 20.36
C ASN D 269 20.19 15.96 21.50
N HIS D 270 19.15 16.75 21.28
CA HIS D 270 18.63 17.71 22.24
C HIS D 270 17.33 17.19 22.84
N LEU D 271 17.10 17.56 24.10
CA LEU D 271 15.83 17.32 24.77
C LEU D 271 15.31 18.65 25.30
N VAL D 272 14.09 18.99 24.94
CA VAL D 272 13.48 20.28 25.30
C VAL D 272 12.50 20.05 26.44
N VAL D 273 12.61 20.87 27.49
CA VAL D 273 11.71 20.83 28.64
C VAL D 273 10.88 22.10 28.64
N MET D 274 9.57 21.97 28.48
CA MET D 274 8.65 23.08 28.48
C MET D 274 8.21 23.42 29.90
N PRO D 275 7.73 24.64 30.14
CA PRO D 275 7.29 25.01 31.51
C PRO D 275 6.15 24.17 32.05
N ASP D 276 5.36 23.52 31.19
CA ASP D 276 4.21 22.74 31.63
C ASP D 276 4.49 21.24 31.66
N ALA D 277 5.76 20.85 31.58
CA ALA D 277 6.12 19.44 31.60
C ALA D 277 6.10 18.89 33.02
N ASN D 278 6.08 17.56 33.11
CA ASN D 278 6.19 16.88 34.40
C ASN D 278 7.66 16.85 34.80
N ILE D 279 7.97 17.46 35.95
CA ILE D 279 9.36 17.68 36.34
C ILE D 279 10.05 16.37 36.67
N ASP D 280 9.39 15.51 37.46
CA ASP D 280 10.02 14.26 37.89
C ASP D 280 10.30 13.35 36.71
N GLN D 281 9.32 13.20 35.81
CA GLN D 281 9.51 12.36 34.64
C GLN D 281 10.59 12.92 33.72
N ALA D 282 10.65 14.25 33.59
CA ALA D 282 11.70 14.86 32.79
C ALA D 282 13.08 14.59 33.38
N VAL D 283 13.21 14.68 34.71
CA VAL D 283 14.49 14.40 35.35
C VAL D 283 14.88 12.95 35.15
N ASP D 284 13.93 12.02 35.32
CA ASP D 284 14.22 10.61 35.11
C ASP D 284 14.66 10.34 33.68
N ALA D 285 13.96 10.93 32.72
CA ALA D 285 14.30 10.73 31.31
C ALA D 285 15.69 11.29 31.01
N LEU D 286 16.00 12.47 31.54
CA LEU D 286 17.32 13.06 31.30
C LEU D 286 18.41 12.17 31.86
N ILE D 287 18.24 11.71 33.10
CA ILE D 287 19.26 10.85 33.72
C ILE D 287 19.47 9.59 32.88
N GLY D 288 18.37 8.90 32.55
CA GLY D 288 18.49 7.66 31.82
C GLY D 288 19.10 7.84 30.44
N ALA D 289 18.55 8.76 29.65
CA ALA D 289 18.99 8.93 28.28
C ALA D 289 20.34 9.61 28.18
N ALA D 290 20.84 10.22 29.26
CA ALA D 290 22.17 10.81 29.19
C ALA D 290 23.24 9.90 29.75
N TYR D 291 22.93 9.02 30.69
CA TYR D 291 23.96 8.21 31.33
C TYR D 291 23.75 6.71 31.15
N GLY D 292 22.85 6.29 30.26
CA GLY D 292 22.79 4.87 29.91
C GLY D 292 23.89 4.51 28.92
N SER D 293 24.53 3.38 29.18
CA SER D 293 25.65 2.89 28.37
C SER D 293 26.79 3.91 28.28
N ALA D 294 26.96 4.71 29.33
CA ALA D 294 28.01 5.72 29.43
C ALA D 294 27.96 6.71 28.27
N GLY D 295 26.76 7.00 27.76
CA GLY D 295 26.60 7.97 26.70
C GLY D 295 27.11 7.52 25.35
N GLU D 296 27.36 6.23 25.17
CA GLU D 296 27.90 5.70 23.91
C GLU D 296 26.77 5.19 23.02
N ARG D 297 25.83 6.07 22.73
CA ARG D 297 24.71 5.77 21.85
C ARG D 297 24.49 6.94 20.90
N CYS D 298 24.08 6.62 19.67
CA CYS D 298 23.74 7.66 18.71
C CYS D 298 22.47 8.41 19.11
N MET D 299 21.58 7.77 19.86
CA MET D 299 20.34 8.40 20.30
C MET D 299 20.43 8.94 21.72
N ALA D 300 21.62 8.99 22.31
CA ALA D 300 21.80 9.54 23.64
C ALA D 300 21.54 11.04 23.64
N ILE D 301 20.95 11.53 24.72
CA ILE D 301 20.72 12.96 24.88
C ILE D 301 21.99 13.60 25.42
N SER D 302 22.50 14.60 24.71
CA SER D 302 23.70 15.30 25.14
C SER D 302 23.49 16.76 25.48
N ILE D 303 22.39 17.37 25.04
CA ILE D 303 22.07 18.76 25.33
C ILE D 303 20.66 18.83 25.90
N ALA D 304 20.51 19.50 27.03
CA ALA D 304 19.21 19.74 27.65
C ALA D 304 18.84 21.20 27.44
N VAL D 305 17.73 21.44 26.75
CA VAL D 305 17.25 22.78 26.46
C VAL D 305 16.15 23.11 27.45
N LEU D 306 16.38 24.13 28.27
CA LEU D 306 15.47 24.51 29.34
C LEU D 306 14.81 25.84 29.00
N VAL D 307 13.49 25.87 29.05
CA VAL D 307 12.71 27.01 28.59
C VAL D 307 12.06 27.67 29.80
N GLY D 308 12.30 28.97 29.95
CA GLY D 308 11.62 29.72 31.00
C GLY D 308 12.28 29.52 32.34
N ASP D 309 11.45 29.34 33.38
CA ASP D 309 11.91 29.26 34.75
C ASP D 309 12.06 27.84 35.27
N VAL D 310 11.96 26.83 34.38
CA VAL D 310 12.11 25.45 34.83
C VAL D 310 13.55 25.05 35.07
N ALA D 311 14.52 25.87 34.64
CA ALA D 311 15.93 25.51 34.78
C ALA D 311 16.30 25.28 36.24
N ASP D 312 15.89 26.20 37.11
CA ASP D 312 16.17 26.07 38.54
C ASP D 312 15.49 24.86 39.16
N LYS D 313 14.49 24.27 38.49
CA LYS D 313 13.88 23.04 38.97
C LYS D 313 14.46 21.79 38.34
N ILE D 314 15.38 21.93 37.38
CA ILE D 314 15.94 20.79 36.66
C ILE D 314 17.40 20.55 37.03
N VAL D 315 18.23 21.60 36.96
CA VAL D 315 19.66 21.42 37.20
C VAL D 315 19.96 20.94 38.61
N PRO D 316 19.41 21.51 39.69
CA PRO D 316 19.71 20.98 41.02
C PRO D 316 19.30 19.53 41.21
N ALA D 317 18.17 19.11 40.63
CA ALA D 317 17.73 17.72 40.78
C ALA D 317 18.63 16.77 40.00
N VAL D 318 18.90 17.09 38.73
CA VAL D 318 19.70 16.21 37.88
C VAL D 318 21.08 16.00 38.49
N ALA D 319 21.71 17.08 38.95
CA ALA D 319 23.01 16.96 39.59
C ALA D 319 22.96 16.00 40.77
N GLU D 320 21.90 16.07 41.57
CA GLU D 320 21.78 15.17 42.71
C GLU D 320 21.70 13.72 42.26
N ARG D 321 21.08 13.45 41.11
CA ARG D 321 21.07 12.09 40.59
C ARG D 321 22.40 11.72 39.95
N ALA D 322 23.16 12.70 39.47
CA ALA D 322 24.41 12.38 38.78
C ALA D 322 25.49 11.93 39.75
N ARG D 323 25.49 12.45 40.97
CA ARG D 323 26.49 12.06 41.97
C ARG D 323 26.22 10.69 42.58
N LYS D 324 25.00 10.17 42.46
CA LYS D 324 24.62 8.92 43.12
C LYS D 324 24.63 7.73 42.17
N LEU D 325 25.17 7.87 40.97
CA LEU D 325 25.22 6.75 40.04
C LEU D 325 26.14 5.65 40.55
N VAL D 326 25.73 4.40 40.36
CA VAL D 326 26.53 3.25 40.74
C VAL D 326 27.33 2.79 39.52
N ILE D 327 28.65 2.79 39.66
CA ILE D 327 29.57 2.52 38.55
C ILE D 327 30.45 1.35 38.93
N GLY D 328 30.57 0.37 38.04
CA GLY D 328 31.40 -0.78 38.32
C GLY D 328 31.40 -1.76 37.16
N ASP D 329 31.79 -2.99 37.47
CA ASP D 329 31.83 -4.04 36.46
C ASP D 329 30.44 -4.37 35.96
N GLY D 330 30.33 -4.62 34.66
CA GLY D 330 29.03 -4.79 34.02
C GLY D 330 28.27 -6.03 34.46
N MET D 331 28.95 -7.04 34.97
CA MET D 331 28.29 -8.26 35.42
C MET D 331 27.72 -8.16 36.83
N SER D 332 28.01 -7.09 37.56
CA SER D 332 27.41 -6.89 38.87
C SER D 332 25.98 -6.38 38.73
N PRO D 333 25.00 -7.04 39.35
CA PRO D 333 23.59 -6.67 39.12
C PRO D 333 23.24 -5.24 39.51
N GLU D 334 23.88 -4.69 40.54
CA GLU D 334 23.50 -3.38 41.04
C GLU D 334 24.14 -2.23 40.27
N VAL D 335 25.06 -2.51 39.36
CA VAL D 335 25.77 -1.48 38.62
C VAL D 335 24.87 -0.89 37.55
N GLU D 336 24.86 0.44 37.46
CA GLU D 336 24.06 1.16 36.47
C GLU D 336 24.87 1.64 35.26
N MET D 337 26.17 1.90 35.44
CA MET D 337 27.02 2.36 34.34
C MET D 337 28.34 1.60 34.35
N GLY D 338 28.77 1.18 33.17
CA GLY D 338 30.04 0.49 33.02
C GLY D 338 31.15 1.40 32.56
N PRO D 339 32.28 0.83 32.17
CA PRO D 339 33.44 1.62 31.76
C PRO D 339 33.40 2.00 30.28
N ILE D 340 34.37 2.85 29.90
CA ILE D 340 34.56 3.23 28.51
C ILE D 340 35.26 2.09 27.77
N VAL D 341 35.10 2.07 26.44
CA VAL D 341 35.56 0.94 25.65
C VAL D 341 37.08 0.84 25.64
N THR D 342 37.78 1.97 25.50
CA THR D 342 39.24 1.99 25.47
C THR D 342 39.75 3.14 26.31
N GLY D 343 41.06 3.12 26.57
CA GLY D 343 41.68 4.22 27.31
C GLY D 343 41.86 5.48 26.49
N GLU D 344 42.05 5.35 25.17
CA GLU D 344 42.15 6.52 24.32
C GLU D 344 40.84 7.30 24.29
N ALA D 345 39.72 6.59 24.25
CA ALA D 345 38.41 7.25 24.29
C ALA D 345 38.22 7.98 25.61
N LEU D 346 38.62 7.35 26.71
CA LEU D 346 38.53 8.01 28.02
C LEU D 346 39.38 9.27 28.06
N LYS D 347 40.59 9.21 27.51
CA LYS D 347 41.46 10.38 27.47
C LYS D 347 40.84 11.50 26.63
N ARG D 348 40.22 11.13 25.50
CA ARG D 348 39.58 12.14 24.66
C ARG D 348 38.38 12.78 25.36
N ILE D 349 37.61 11.99 26.10
CA ILE D 349 36.48 12.53 26.87
C ILE D 349 36.98 13.50 27.94
N GLU D 350 38.06 13.13 28.64
CA GLU D 350 38.64 14.03 29.64
C GLU D 350 39.16 15.31 29.01
N GLY D 351 39.75 15.20 27.82
CA GLY D 351 40.17 16.40 27.11
C GLY D 351 39.01 17.30 26.75
N TYR D 352 37.87 16.71 26.35
CA TYR D 352 36.67 17.50 26.08
C TYR D 352 36.19 18.21 27.35
N ILE D 353 36.24 17.52 28.50
CA ILE D 353 35.83 18.16 29.75
C ILE D 353 36.74 19.33 30.09
N GLU D 354 38.05 19.15 29.90
CA GLU D 354 38.99 20.24 30.15
C GLU D 354 38.72 21.42 29.22
N GLN D 355 38.47 21.14 27.95
CA GLN D 355 38.13 22.20 27.00
C GLN D 355 36.87 22.94 27.42
N GLY D 356 35.85 22.20 27.87
CA GLY D 356 34.62 22.84 28.31
C GLY D 356 34.83 23.73 29.51
N VAL D 357 35.68 23.31 30.44
CA VAL D 357 36.01 24.18 31.57
C VAL D 357 36.75 25.43 31.08
N ASN D 358 37.67 25.27 30.13
CA ASN D 358 38.49 26.40 29.70
C ASN D 358 37.69 27.46 28.95
N GLU D 359 36.60 27.07 28.27
CA GLU D 359 35.87 28.00 27.42
C GLU D 359 34.73 28.72 28.12
N GLY D 360 34.54 28.51 29.42
CA GLY D 360 33.59 29.31 30.19
C GLY D 360 32.36 28.60 30.70
N ALA D 361 32.13 27.35 30.32
CA ALA D 361 30.98 26.62 30.84
C ALA D 361 31.17 26.28 32.31
N GLN D 362 30.07 26.31 33.06
CA GLN D 362 30.11 26.02 34.49
C GLN D 362 30.08 24.52 34.71
N LEU D 363 31.06 24.00 35.44
CA LEU D 363 31.17 22.57 35.70
C LEU D 363 30.43 22.26 36.99
N VAL D 364 29.14 21.91 36.86
CA VAL D 364 28.32 21.61 38.02
C VAL D 364 28.77 20.30 38.66
N VAL D 365 28.94 19.26 37.85
CA VAL D 365 29.34 17.95 38.35
C VAL D 365 30.53 17.46 37.54
N ASP D 366 31.60 17.07 38.23
CA ASP D 366 32.84 16.63 37.60
C ASP D 366 33.02 15.14 37.85
N GLY D 367 33.18 14.36 36.77
CA GLY D 367 33.36 12.93 36.86
C GLY D 367 34.77 12.44 36.71
N ARG D 368 35.75 13.32 36.53
CA ARG D 368 37.13 12.91 36.37
C ARG D 368 37.70 12.41 37.70
N GLY D 369 38.78 11.65 37.59
CA GLY D 369 39.46 11.12 38.76
C GLY D 369 38.65 10.10 39.55
N LEU D 370 38.02 9.15 38.86
CA LEU D 370 37.22 8.12 39.50
C LEU D 370 38.03 6.84 39.65
N ARG D 371 37.97 6.23 40.84
CA ARG D 371 38.61 4.96 41.12
C ARG D 371 37.56 3.99 41.63
N VAL D 372 37.42 2.85 40.97
CA VAL D 372 36.45 1.83 41.33
C VAL D 372 37.15 0.77 42.17
N PRO D 373 36.70 0.48 43.38
CA PRO D 373 37.36 -0.55 44.20
C PRO D 373 37.27 -1.92 43.54
N GLY D 374 38.42 -2.58 43.43
CA GLY D 374 38.51 -3.85 42.75
C GLY D 374 38.69 -3.76 41.26
N ARG D 375 38.50 -2.59 40.66
CA ARG D 375 38.65 -2.35 39.23
C ARG D 375 39.46 -1.08 39.00
N GLU D 376 40.58 -0.95 39.72
CA GLU D 376 41.38 0.27 39.65
C GLU D 376 42.03 0.47 38.28
N ALA D 377 42.23 -0.59 37.50
CA ALA D 377 42.83 -0.48 36.19
C ALA D 377 41.81 -0.32 35.08
N GLY D 378 40.51 -0.35 35.39
CA GLY D 378 39.50 -0.20 34.37
C GLY D 378 39.39 1.22 33.85
N PHE D 379 38.79 1.34 32.67
CA PHE D 379 38.64 2.64 31.99
C PHE D 379 37.34 3.30 32.46
N PHE D 380 37.31 3.62 33.75
CA PHE D 380 36.10 4.15 34.38
C PHE D 380 36.14 5.67 34.51
N THR D 381 34.96 6.28 34.43
CA THR D 381 34.79 7.71 34.66
C THR D 381 33.38 7.93 35.18
N GLY D 382 33.19 9.07 35.86
CA GLY D 382 31.91 9.43 36.42
C GLY D 382 31.09 10.32 35.51
N GLY D 383 29.86 10.56 35.92
CA GLY D 383 28.98 11.44 35.17
C GLY D 383 29.38 12.90 35.32
N THR D 384 29.28 13.64 34.22
CA THR D 384 29.69 15.04 34.16
C THR D 384 28.50 15.88 33.74
N LEU D 385 28.28 17.00 34.45
CA LEU D 385 27.19 17.92 34.18
C LEU D 385 27.72 19.33 34.07
N PHE D 386 27.42 19.98 32.94
CA PHE D 386 27.74 21.38 32.68
C PHE D 386 26.49 22.24 32.72
N ASP D 387 26.68 23.54 32.87
CA ASP D 387 25.60 24.50 32.87
C ASP D 387 26.06 25.77 32.17
N HIS D 388 25.08 26.52 31.66
CA HIS D 388 25.30 27.77 30.92
C HIS D 388 26.18 27.52 29.69
N VAL D 389 25.83 26.49 28.93
CA VAL D 389 26.52 26.16 27.69
C VAL D 389 26.02 27.08 26.59
N LYS D 390 26.94 27.54 25.74
CA LYS D 390 26.64 28.45 24.65
C LYS D 390 26.83 27.77 23.30
N PRO D 391 26.11 28.22 22.28
CA PRO D 391 26.23 27.58 20.95
C PRO D 391 27.62 27.67 20.34
N ASP D 392 28.44 28.63 20.75
CA ASP D 392 29.78 28.79 20.16
C ASP D 392 30.84 27.92 20.83
N MET D 393 30.49 27.20 21.89
CA MET D 393 31.44 26.33 22.57
C MET D 393 31.67 25.05 21.79
N ARG D 394 32.86 24.47 21.96
CA ARG D 394 33.19 23.23 21.26
C ARG D 394 32.45 22.03 21.85
N ILE D 395 32.11 22.08 23.14
CA ILE D 395 31.34 20.99 23.74
C ILE D 395 29.88 20.98 23.29
N TYR D 396 29.44 22.03 22.61
CA TYR D 396 28.10 22.04 22.04
C TYR D 396 28.09 21.62 20.57
N LYS D 397 29.12 21.99 19.80
CA LYS D 397 29.12 21.72 18.37
C LYS D 397 29.60 20.30 18.06
N GLU D 398 30.58 19.81 18.80
CA GLU D 398 31.21 18.53 18.50
C GLU D 398 30.59 17.42 19.35
N GLU D 399 30.67 16.20 18.84
CA GLU D 399 30.11 15.02 19.50
C GLU D 399 31.14 14.44 20.46
N ILE D 400 30.76 14.33 21.73
CA ILE D 400 31.67 13.82 22.76
C ILE D 400 31.59 12.30 22.87
N PHE D 401 30.39 11.74 22.70
CA PHE D 401 30.17 10.30 22.77
C PHE D 401 30.59 9.73 24.14
N GLY D 402 30.24 10.44 25.20
CA GLY D 402 30.54 10.02 26.54
C GLY D 402 29.48 10.48 27.52
N PRO D 403 29.72 10.25 28.81
CA PRO D 403 28.72 10.64 29.83
C PRO D 403 28.84 12.12 30.24
N VAL D 404 28.66 13.00 29.26
CA VAL D 404 28.74 14.44 29.47
C VAL D 404 27.42 15.06 29.00
N LEU D 405 26.79 15.83 29.87
CA LEU D 405 25.52 16.49 29.58
C LEU D 405 25.67 17.99 29.82
N GLY D 406 25.25 18.79 28.84
CA GLY D 406 25.27 20.23 28.95
C GLY D 406 23.87 20.81 28.92
N CYS D 407 23.69 21.93 29.59
CA CYS D 407 22.39 22.59 29.71
C CYS D 407 22.45 23.96 29.05
N VAL D 408 21.49 24.22 28.17
CA VAL D 408 21.38 25.49 27.45
C VAL D 408 20.03 26.10 27.78
N ARG D 409 20.04 27.38 28.16
CA ARG D 409 18.83 28.08 28.58
C ARG D 409 18.36 29.03 27.49
N VAL D 410 17.07 28.94 27.15
CA VAL D 410 16.43 29.80 26.16
C VAL D 410 15.20 30.44 26.79
N LYS D 411 14.66 31.44 26.11
CA LYS D 411 13.54 32.21 26.64
C LYS D 411 12.20 31.60 26.30
N ASP D 412 12.02 31.05 25.10
CA ASP D 412 10.71 30.58 24.68
C ASP D 412 10.87 29.43 23.67
N PHE D 413 9.72 28.98 23.17
CA PHE D 413 9.66 27.84 22.26
C PHE D 413 10.36 28.13 20.94
N GLY D 414 10.14 29.33 20.37
CA GLY D 414 10.74 29.66 19.09
C GLY D 414 12.26 29.71 19.15
N GLU D 415 12.81 30.22 20.24
CA GLU D 415 14.25 30.26 20.39
C GLU D 415 14.84 28.84 20.43
N ALA D 416 14.17 27.92 21.13
CA ALA D 416 14.62 26.54 21.16
C ALA D 416 14.57 25.90 19.78
N VAL D 417 13.48 26.15 19.04
CA VAL D 417 13.37 25.59 17.69
C VAL D 417 14.47 26.14 16.78
N ASP D 418 14.71 27.44 16.85
CA ASP D 418 15.76 28.04 16.03
C ASP D 418 17.14 27.50 16.41
N LEU D 419 17.38 27.30 17.71
CA LEU D 419 18.66 26.75 18.14
C LEU D 419 18.86 25.35 17.60
N ILE D 420 17.84 24.51 17.68
CA ILE D 420 17.98 23.13 17.22
C ILE D 420 18.15 23.08 15.70
N ASN D 421 17.40 23.90 14.96
CA ASN D 421 17.47 23.84 13.51
C ASN D 421 18.79 24.34 12.94
N ALA D 422 19.60 25.03 13.74
CA ALA D 422 20.88 25.58 13.28
C ALA D 422 22.05 24.61 13.46
N HIS D 423 21.82 23.47 14.09
CA HIS D 423 22.90 22.51 14.33
C HIS D 423 23.20 21.73 13.05
N GLU D 424 24.40 21.13 13.01
CA GLU D 424 24.79 20.35 11.84
C GLU D 424 24.24 18.94 11.85
N PHE D 425 23.75 18.46 12.99
CA PHE D 425 23.22 17.10 13.10
C PHE D 425 21.71 17.11 13.15
N GLY D 426 21.10 16.04 12.63
CA GLY D 426 19.66 15.92 12.57
C GLY D 426 19.13 14.54 12.92
N ASN D 427 19.75 13.86 13.88
CA ASN D 427 19.42 12.46 14.14
C ASN D 427 18.13 12.32 14.95
N GLY D 428 18.14 12.79 16.19
CA GLY D 428 17.00 12.59 17.08
C GLY D 428 16.74 13.83 17.91
N VAL D 429 15.48 13.98 18.33
CA VAL D 429 15.08 15.11 19.17
C VAL D 429 13.91 14.68 20.03
N SER D 430 13.77 15.30 21.20
CA SER D 430 12.69 15.00 22.13
C SER D 430 12.16 16.29 22.73
N CYS D 431 10.87 16.28 23.06
CA CYS D 431 10.21 17.42 23.68
C CYS D 431 9.22 16.93 24.73
N PHE D 432 9.29 17.53 25.93
CA PHE D 432 8.41 17.16 27.03
C PHE D 432 7.41 18.28 27.29
N THR D 433 6.12 17.97 27.14
CA THR D 433 5.06 18.96 27.30
C THR D 433 3.75 18.22 27.49
N SER D 434 2.73 18.96 27.94
CA SER D 434 1.37 18.44 28.05
C SER D 434 0.40 19.17 27.13
N ASP D 435 0.88 20.00 26.22
CA ASP D 435 0.04 20.81 25.35
C ASP D 435 0.02 20.22 23.95
N GLY D 436 -1.18 20.01 23.41
CA GLY D 436 -1.29 19.38 22.10
C GLY D 436 -0.76 20.23 20.96
N GLY D 437 -1.07 21.54 20.99
CA GLY D 437 -0.64 22.41 19.91
C GLY D 437 0.87 22.58 19.85
N ILE D 438 1.51 22.70 21.00
CA ILE D 438 2.96 22.79 21.05
C ILE D 438 3.60 21.53 20.50
N ALA D 439 3.06 20.36 20.88
CA ALA D 439 3.58 19.10 20.36
C ALA D 439 3.42 19.02 18.85
N ARG D 440 2.26 19.44 18.32
CA ARG D 440 2.03 19.38 16.88
C ARG D 440 2.99 20.29 16.12
N GLU D 441 3.15 21.53 16.59
CA GLU D 441 4.04 22.46 15.92
C GLU D 441 5.50 22.01 16.01
N PHE D 442 5.91 21.51 17.18
CA PHE D 442 7.28 21.03 17.32
C PHE D 442 7.54 19.83 16.40
N ALA D 443 6.57 18.91 16.31
CA ALA D 443 6.76 17.75 15.46
C ALA D 443 6.86 18.13 13.99
N ARG D 444 6.03 19.08 13.54
CA ARG D 444 6.04 19.38 12.11
C ARG D 444 7.02 20.48 11.71
N ARG D 445 7.66 21.16 12.67
CA ARG D 445 8.59 22.23 12.32
C ARG D 445 10.07 21.85 12.50
N ILE D 446 10.37 20.88 13.36
CA ILE D 446 11.77 20.57 13.68
C ILE D 446 12.42 19.87 12.48
N GLN D 447 13.69 20.16 12.25
CA GLN D 447 14.43 19.60 11.12
C GLN D 447 15.24 18.38 11.56
N VAL D 448 14.55 17.40 12.12
CA VAL D 448 15.16 16.19 12.66
C VAL D 448 14.42 14.99 12.12
N GLY D 449 15.17 13.92 11.84
CA GLY D 449 14.57 12.72 11.29
C GLY D 449 13.67 11.97 12.26
N MET D 450 14.05 11.90 13.54
CA MET D 450 13.33 11.12 14.54
C MET D 450 12.94 12.01 15.71
N VAL D 451 11.64 12.02 16.03
CA VAL D 451 11.05 12.98 16.96
C VAL D 451 10.33 12.22 18.06
N GLY D 452 10.50 12.68 19.30
CA GLY D 452 9.78 12.12 20.42
C GLY D 452 9.00 13.15 21.22
N ILE D 453 7.76 12.82 21.55
CA ILE D 453 6.92 13.64 22.42
C ILE D 453 6.80 12.90 23.74
N ASN D 454 7.46 13.41 24.77
CA ASN D 454 7.59 12.76 26.07
C ASN D 454 8.28 11.39 25.97
N VAL D 455 9.03 11.17 24.90
CA VAL D 455 9.79 9.93 24.70
C VAL D 455 11.27 10.30 24.57
N PRO D 456 12.09 10.04 25.59
CA PRO D 456 13.49 10.49 25.54
C PRO D 456 14.29 9.88 24.40
N ILE D 457 14.06 8.63 24.05
CA ILE D 457 14.83 7.95 23.01
C ILE D 457 13.87 7.41 21.96
N PRO D 458 13.49 8.20 20.95
CA PRO D 458 12.45 7.78 19.99
C PRO D 458 12.99 6.94 18.84
N VAL D 459 13.34 5.69 19.14
CA VAL D 459 13.78 4.75 18.12
C VAL D 459 12.54 4.15 17.44
N PRO D 460 12.39 4.30 16.13
CA PRO D 460 11.18 3.81 15.46
C PRO D 460 11.09 2.29 15.47
N MET D 461 9.87 1.81 15.28
CA MET D 461 9.61 0.38 15.28
C MET D 461 10.20 -0.28 14.04
N ALA D 462 10.23 -1.61 14.06
CA ALA D 462 10.89 -2.38 13.01
C ALA D 462 10.22 -2.21 11.66
N TRP D 463 8.94 -1.88 11.62
CA TRP D 463 8.21 -1.74 10.37
C TRP D 463 8.20 -0.30 9.84
N HIS D 464 8.92 0.62 10.47
CA HIS D 464 9.01 2.00 10.01
C HIS D 464 10.36 2.35 9.41
N GLY D 465 11.45 2.06 10.12
CA GLY D 465 12.78 2.38 9.62
C GLY D 465 13.55 3.37 10.46
N PHE D 466 14.88 3.33 10.36
CA PHE D 466 15.78 4.18 11.14
C PHE D 466 16.54 5.09 10.19
N GLY D 467 16.50 6.40 10.45
CA GLY D 467 17.27 7.33 9.65
C GLY D 467 17.21 8.77 10.11
N GLY D 468 18.35 9.45 10.08
CA GLY D 468 18.44 10.85 10.43
C GLY D 468 18.55 11.76 9.21
N TRP D 469 18.61 13.05 9.48
CA TRP D 469 18.67 14.08 8.46
C TRP D 469 20.00 14.83 8.52
N LYS D 470 20.24 15.63 7.49
CA LYS D 470 21.39 16.56 7.40
C LYS D 470 22.67 15.73 7.42
N LYS D 471 23.63 16.02 8.31
CA LYS D 471 24.91 15.33 8.32
C LYS D 471 24.85 13.98 9.02
N SER D 472 23.69 13.56 9.50
CA SER D 472 23.55 12.27 10.14
C SER D 472 23.32 11.12 9.17
N LEU D 473 23.10 11.40 7.89
CA LEU D 473 22.88 10.35 6.92
C LEU D 473 23.40 10.79 5.56
N PHE D 474 24.13 9.88 4.89
CA PHE D 474 24.63 10.10 3.54
C PHE D 474 23.97 9.09 2.63
N GLY D 475 23.09 9.56 1.76
CA GLY D 475 22.29 8.72 0.89
C GLY D 475 20.87 9.22 0.87
N ASP D 476 19.94 8.36 0.42
CA ASP D 476 18.54 8.75 0.39
C ASP D 476 17.59 7.64 0.84
N MET D 477 18.09 6.61 1.51
CA MET D 477 17.23 5.55 2.04
C MET D 477 17.62 5.24 3.48
N HIS D 478 16.65 4.77 4.25
CA HIS D 478 16.83 4.49 5.66
C HIS D 478 17.14 3.01 5.88
N ALA D 479 17.37 2.65 7.14
CA ALA D 479 17.76 1.29 7.52
C ALA D 479 16.54 0.50 8.00
N TYR D 480 16.42 -0.73 7.51
CA TYR D 480 15.32 -1.67 7.73
C TYR D 480 13.94 -1.05 7.49
N GLY D 481 12.88 -1.81 7.72
CA GLY D 481 11.58 -1.39 7.27
C GLY D 481 11.44 -1.52 5.76
N GLU D 482 10.41 -0.84 5.24
CA GLU D 482 10.20 -0.82 3.79
C GLU D 482 11.33 -0.10 3.07
N GLU D 483 11.92 0.93 3.71
CA GLU D 483 13.10 1.57 3.15
C GLU D 483 14.25 0.59 2.99
N GLY D 484 14.48 -0.23 4.02
CA GLY D 484 15.52 -1.25 3.93
C GLY D 484 15.22 -2.28 2.88
N VAL D 485 13.96 -2.66 2.73
CA VAL D 485 13.57 -3.60 1.68
C VAL D 485 13.86 -3.01 0.30
N ARG D 486 13.53 -1.74 0.10
CA ARG D 486 13.74 -1.11 -1.20
C ARG D 486 15.22 -0.87 -1.49
N PHE D 487 16.04 -0.69 -0.46
CA PHE D 487 17.46 -0.46 -0.69
C PHE D 487 18.15 -1.70 -1.25
N TYR D 488 17.70 -2.89 -0.88
CA TYR D 488 18.35 -4.14 -1.26
C TYR D 488 17.80 -4.77 -2.53
N THR D 489 16.87 -4.10 -3.22
CA THR D 489 16.26 -4.65 -4.42
C THR D 489 16.22 -3.59 -5.52
N ARG D 490 16.12 -4.07 -6.76
CA ARG D 490 15.98 -3.22 -7.93
C ARG D 490 14.68 -3.56 -8.66
N GLN D 491 14.04 -2.53 -9.20
CA GLN D 491 12.71 -2.67 -9.79
C GLN D 491 12.79 -2.98 -11.28
N LYS D 492 11.99 -3.94 -11.71
CA LYS D 492 11.84 -4.31 -13.11
C LYS D 492 10.38 -4.16 -13.51
N SER D 493 10.16 -3.61 -14.71
CA SER D 493 8.83 -3.44 -15.28
C SER D 493 8.67 -4.34 -16.49
N VAL D 494 7.48 -4.92 -16.64
CA VAL D 494 7.17 -5.82 -17.75
C VAL D 494 5.84 -5.37 -18.37
N MET D 495 5.86 -5.13 -19.68
CA MET D 495 4.68 -4.85 -20.47
C MET D 495 4.45 -5.99 -21.45
N GLN D 496 3.23 -6.50 -21.50
CA GLN D 496 2.94 -7.73 -22.23
C GLN D 496 1.68 -7.58 -23.08
N ARG D 497 1.73 -8.16 -24.27
CA ARG D 497 0.59 -8.26 -25.17
C ARG D 497 0.76 -9.49 -26.06
N TRP D 498 -0.33 -9.91 -26.69
CA TRP D 498 -0.32 -11.06 -27.59
C TRP D 498 -1.14 -10.74 -28.82
N SER D 499 -0.83 -11.43 -29.91
CA SER D 499 -1.58 -11.31 -31.16
C SER D 499 -2.60 -12.45 -31.27
N SER D 500 -3.29 -12.50 -32.41
CA SER D 500 -4.33 -13.51 -32.62
C SER D 500 -3.73 -14.90 -32.74
N SER D 501 -4.47 -15.89 -32.23
CA SER D 501 -4.04 -17.28 -32.24
C SER D 501 -4.81 -18.12 -33.25
N ILE D 502 -5.54 -17.49 -34.18
CA ILE D 502 -6.35 -18.24 -35.13
C ILE D 502 -5.48 -19.02 -36.10
N GLY D 503 -4.21 -18.64 -36.23
CA GLY D 503 -3.32 -19.35 -37.13
C GLY D 503 -3.07 -20.78 -36.72
N LYS D 504 -3.05 -21.04 -35.41
CA LYS D 504 -2.77 -22.38 -34.92
C LYS D 504 -3.94 -23.34 -35.15
N GLY D 505 -5.16 -22.84 -35.23
CA GLY D 505 -6.29 -23.69 -35.50
C GLY D 505 -7.59 -22.95 -35.25
N ALA D 506 -8.68 -23.55 -35.74
CA ALA D 506 -10.00 -22.98 -35.54
C ALA D 506 -10.42 -23.06 -34.09
N GLU D 507 -9.93 -24.06 -33.36
CA GLU D 507 -10.27 -24.19 -31.94
C GLU D 507 -9.65 -23.07 -31.11
N PHE D 508 -8.48 -22.60 -31.52
CA PHE D 508 -7.74 -21.60 -30.76
C PHE D 508 -8.30 -20.20 -30.97
PA NAD E . -35.41 8.61 3.91
O1A NAD E . -36.72 9.18 3.49
O2A NAD E . -35.32 7.45 4.83
O5B NAD E . -34.53 8.16 2.60
C5B NAD E . -34.65 8.85 1.38
C4B NAD E . -34.73 7.87 0.22
O4B NAD E . -35.41 6.69 0.67
C3B NAD E . -35.54 8.41 -0.96
O3B NAD E . -34.96 7.93 -2.15
C2B NAD E . -36.92 7.82 -0.70
O2B NAD E . -37.69 7.73 -1.85
C1B NAD E . -36.58 6.46 -0.07
N9A NAD E . -37.59 5.94 0.80
C8A NAD E . -38.27 6.63 1.76
N7A NAD E . -39.14 5.91 2.41
C5A NAD E . -39.03 4.66 1.84
C6A NAD E . -39.67 3.44 2.08
N6A NAD E . -40.61 3.30 3.01
N1A NAD E . -39.31 2.39 1.34
C2A NAD E . -38.37 2.53 0.41
N3A NAD E . -37.70 3.62 0.09
C4A NAD E . -38.07 4.66 0.84
O3 NAD E . -34.56 9.89 4.52
PN NAD E . -34.70 11.48 4.15
O1N NAD E . -35.71 12.11 5.07
O2N NAD E . -34.79 11.73 2.69
O5D NAD E . -33.25 11.97 4.72
C5D NAD E . -33.04 12.28 6.08
C4D NAD E . -32.34 11.14 6.78
O4D NAD E . -31.13 10.81 6.08
C3D NAD E . -31.94 11.41 8.23
O3D NAD E . -32.32 10.31 9.01
C2D NAD E . -30.42 11.53 8.15
O2D NAD E . -29.73 11.14 9.30
C1D NAD E . -30.14 10.56 7.00
N1N NAD E . -28.81 10.80 6.41
C2N NAD E . -27.75 10.03 6.72
C3N NAD E . -26.52 10.28 6.14
C7N NAD E . -25.31 9.45 6.44
O7N NAD E . -24.29 9.64 5.78
N7N NAD E . -25.42 8.57 7.42
C4N NAD E . -26.41 11.34 5.26
C5N NAD E . -27.51 12.13 4.96
C6N NAD E . -28.71 11.83 5.56
PA NAD F . -22.68 -28.20 5.74
O1A NAD F . -23.21 -29.39 6.47
O2A NAD F . -23.57 -27.32 4.95
O5B NAD F . -21.90 -27.20 6.77
C5B NAD F . -21.24 -27.70 7.90
C4B NAD F . -21.54 -26.85 9.12
O4B NAD F . -22.87 -26.35 9.01
C3B NAD F . -21.49 -27.64 10.43
O3B NAD F . -20.99 -26.80 11.43
C2B NAD F . -22.95 -28.02 10.64
O2B NAD F . -23.25 -28.29 11.97
C1B NAD F . -23.67 -26.78 10.08
N9A NAD F . -25.00 -27.06 9.60
C8A NAD F . -25.38 -28.11 8.81
N7A NAD F . -26.65 -28.10 8.52
C5A NAD F . -27.14 -26.98 9.14
C6A NAD F . -28.42 -26.41 9.23
N6A NAD F . -29.48 -26.94 8.63
N1A NAD F . -28.55 -25.28 9.93
C2A NAD F . -27.49 -24.75 10.53
N3A NAD F . -26.25 -25.20 10.52
C4A NAD F . -26.13 -26.32 9.82
O3 NAD F . -21.46 -28.78 4.79
PN NAD F . -20.53 -30.11 5.02
O1N NAD F . -21.18 -31.31 4.38
O2N NAD F . -20.02 -30.22 6.41
O5D NAD F . -19.31 -29.69 4.00
C5D NAD F . -19.36 -29.96 2.62
C4D NAD F . -19.72 -28.70 1.86
O4D NAD F . -18.80 -27.65 2.21
C3D NAD F . -19.68 -28.82 0.34
O3D NAD F . -20.83 -28.24 -0.18
C2D NAD F . -18.44 -28.01 -0.04
O2D NAD F . -18.49 -27.40 -1.29
C1D NAD F . -18.46 -26.96 1.07
N1N NAD F . -17.16 -26.30 1.21
C2N NAD F . -16.90 -25.09 0.70
C3N NAD F . -15.66 -24.51 0.86
C7N NAD F . -15.32 -23.16 0.31
O7N NAD F . -14.26 -22.65 0.62
N7N NAD F . -16.22 -22.61 -0.50
C4N NAD F . -14.69 -25.21 1.57
C5N NAD F . -14.97 -26.46 2.09
C6N NAD F . -16.22 -26.99 1.90
PA NAD G . 24.23 15.14 -22.94
O1A NAD G . 24.78 16.20 -23.84
O2A NAD G . 25.13 14.22 -22.20
O5B NAD G . 23.25 15.78 -21.81
C5B NAD G . 22.51 16.94 -22.07
C4B NAD G . 22.61 17.92 -20.90
O4B NAD G . 23.90 17.78 -20.29
C3B NAD G . 22.47 19.38 -21.32
O3B NAD G . 21.79 20.07 -20.30
C2B NAD G . 23.93 19.80 -21.45
O2B NAD G . 24.09 21.19 -21.33
C1B NAD G . 24.59 18.99 -20.34
N9A NAD G . 25.98 18.71 -20.57
C8A NAD G . 26.55 18.29 -21.74
N7A NAD G . 27.83 18.11 -21.67
C5A NAD G . 28.14 18.45 -20.38
C6A NAD G . 29.36 18.48 -19.66
N6A NAD G . 30.52 18.15 -20.21
N1A NAD G . 29.32 18.87 -18.38
C2A NAD G . 28.15 19.20 -17.85
N3A NAD G . 26.95 19.21 -18.40
C4A NAD G . 27.01 18.83 -19.68
O3 NAD G . 23.19 14.28 -23.90
PN NAD G . 22.34 14.77 -25.20
O1N NAD G . 23.17 14.54 -26.44
O2N NAD G . 21.70 16.10 -25.00
O5D NAD G . 21.23 13.59 -25.21
C5D NAD G . 21.46 12.35 -25.82
C4D NAD G . 21.78 11.30 -24.77
O4D NAD G . 20.74 11.26 -23.78
C3D NAD G . 21.92 9.87 -25.30
O3D NAD G . 23.09 9.31 -24.75
C2D NAD G . 20.68 9.17 -24.75
O2D NAD G . 20.81 7.82 -24.49
C1D NAD G . 20.49 9.96 -23.45
N1N NAD G . 19.11 9.80 -22.93
C2N NAD G . 18.82 8.96 -21.94
C3N NAD G . 17.52 8.85 -21.48
C7N NAD G . 17.13 7.92 -20.37
O7N NAD G . 15.99 7.99 -19.92
N7N NAD G . 18.07 7.08 -19.96
C4N NAD G . 16.53 9.63 -22.08
C5N NAD G . 16.86 10.49 -23.10
C6N NAD G . 18.17 10.57 -23.52
PA NAD H . 33.86 4.46 13.30
O1A NAD H . 35.16 4.01 13.88
O2A NAD H . 33.77 5.66 12.42
O5B NAD H . 33.17 3.25 12.43
C5B NAD H . 33.37 1.90 12.78
C4B NAD H . 33.68 1.07 11.55
O4B NAD H . 34.39 1.88 10.61
C3B NAD H . 34.56 -0.14 11.85
O3B NAD H . 34.16 -1.19 11.01
C2B NAD H . 35.95 0.40 11.51
O2B NAD H . 36.85 -0.62 11.21
C1B NAD H . 35.65 1.32 10.33
N9A NAD H . 36.60 2.39 10.18
C8A NAD H . 37.11 3.19 11.17
N7A NAD H . 37.95 4.08 10.75
C5A NAD H . 38.01 3.87 9.39
C6A NAD H . 38.73 4.48 8.36
N6A NAD H . 39.56 5.50 8.57
N1A NAD H . 38.56 4.03 7.11
C2A NAD H . 37.72 3.02 6.90
N3A NAD H . 36.99 2.35 7.79
C4A NAD H . 37.18 2.83 9.02
O3 NAD H . 32.84 4.61 14.59
PN NAD H . 32.88 3.85 16.04
O1N NAD H . 33.72 4.65 17.00
O2N NAD H . 33.11 2.39 15.90
O5D NAD H . 31.34 4.14 16.49
C5D NAD H . 30.95 5.34 17.12
C4D NAD H . 30.27 6.26 16.13
O4D NAD H . 29.18 5.58 15.49
C3D NAD H . 29.69 7.53 16.73
O3D NAD H . 30.07 8.62 15.92
C2D NAD H . 28.18 7.30 16.65
O2D NAD H . 27.41 8.45 16.49
C1D NAD H . 28.12 6.44 15.38
N1N NAD H . 26.85 5.69 15.31
C2N NAD H . 25.84 6.11 14.52
C3N NAD H . 24.67 5.38 14.48
C7N NAD H . 23.49 5.79 13.62
O7N NAD H . 22.56 5.02 13.52
N7N NAD H . 23.58 6.97 13.05
C4N NAD H . 24.56 4.22 15.26
C5N NAD H . 25.61 3.83 16.06
C6N NAD H . 26.76 4.59 16.06
#